data_7Y4Q
#
_entry.id   7Y4Q
#
_cell.length_a   173.139
_cell.length_b   198.508
_cell.length_c   180.495
_cell.angle_alpha   90.000
_cell.angle_beta   117.827
_cell.angle_gamma   90.000
#
_symmetry.space_group_name_H-M   'P 1 21 1'
#
loop_
_entity.id
_entity.type
_entity.pdbx_description
1 polymer Plexin-A1
2 polymer 'Semaphorin 6D'
3 branched 2-acetamido-2-deoxy-beta-D-glucopyranose-(1-4)-2-acetamido-2-deoxy-beta-D-glucopyranose
4 non-polymer 2-acetamido-2-deoxy-beta-D-glucopyranose
#
loop_
_entity_poly.entity_id
_entity_poly.type
_entity_poly.pdbx_seq_one_letter_code
_entity_poly.pdbx_strand_id
1 'polypeptide(L)'
;GREAGLPRAGGGSQPPFRTFSASDWGLTHLVVHEQTGEVYVGAVNRIYKLSGNLTLLRAHVTGPVEDNEKCYPPPSVQSC
PHGLGSTDNVNKLLLLDYAANRLLACGSASQGICQFLRLDDLFKLGEPHHRKEHYLSSVQEAGSMAGVLIAGPPGQGQAK
LFVGTPIDGKSEYFPTLSSRRLMANEEDADMFGFVYQDEFVSSQLKIPSDTLSKFPAFDIYYVYSFRSEQFVYYLTLQLD
TQLTSPDAAGEHFFTSKIVRLCVDDPKFYSYVEFPIGCEQAGVEYRLVQDAYLSRPGRALAHQLGLAEDEDVLFTVFAQG
QKNRVKPPKESALCLFTLRAIKEKIKERIQSCYRGEGKLSLPWLLNKELGCINSPLQIDDDFCGQDFNQPLGGTVTIEGT
PLFVDKDDGLTAVAAYDYRGRTVVFAGTRSGRIRKILVDLSNPGGRPALAYESVVAQEGSPILRDLVLSPNHQYLYAMTE
KQVTRVPVESCVQYTSCELCLGSRDPHCGWCVLHSICSRRDACERADEPQRFAADLLQCVQLTVQPRNVSVTMSQVPLVL
QAWNVPDLSAGVNCSFEDFTESESVLEDGRIHCRSPSAREVAPITRGQGDQRVVKLYLKSKETGKKFASVDFVFYNCSVH
QSCLSCVNGSFPCHWCKYRHVCTHNVADCAFLEGRVNVSEDCPQSRLENLYFQG
;
B,A
2 'polypeptide(L)'
;SSRSFPEDDEPLNTVDYHYSRQYPVFRGRPSGNESQHRLDFQLMLKIRDTLYIAGRDQVYTVNLNDIPQTEVIPSKKLTW
RSRQQDRENCAMKGKHKDECHNFIKVFVPRNDEMVFVCGTNAFNPMCRYYRLSTLEYDGEEISGLARCPFDARQTNVALF
ADGKLYSATVADFLASDAVIYRSMGDGSALRTIKYDSKWIKEPHFLHAIEYGNYVYFFFREIAVEHNNLGKAVYSRVARI
CKNDMGGSQRVLEKHWTSFLKARLNCSVPGDSFFYFDVLQSITDIIQINGIPTVIGVFTTQLNSIPGSAVCAFGMDDIEK
VFKGRFKEQKTPDSVWTAVPEDKVPKPRPGCCAKHGLAEAYKTSIDFPDDTLSFIKSHPLMDSAVPPIADEPWFTKTRVR
YRLTAIEVDRSAGPYQNYTVIFVGSEAGVVLKVLAKTSPFSLNDSVLLEEIEAYNPAKCSAESEEDRKVVSLQLDRDHHA
LYVAFSSCVVRIPLSRCERYGSCKKSCIASRDPYCGWLSQGVCERVTLGMLAGGYEQDTEYGNTAHLGDCHE
;
D,C
#
loop_
_chem_comp.id
_chem_comp.type
_chem_comp.name
_chem_comp.formula
NAG D-saccharide, beta linking 2-acetamido-2-deoxy-beta-D-glucopyranose 'C8 H15 N O6'
#
# COMPACT_ATOMS: atom_id res chain seq x y z
N PRO A 15 40.75 20.53 -54.06
CA PRO A 15 41.76 20.95 -53.06
C PRO A 15 41.45 20.33 -51.69
N PRO A 16 42.41 20.29 -50.75
CA PRO A 16 42.14 19.69 -49.44
C PRO A 16 41.26 20.49 -48.47
N PHE A 17 40.74 19.76 -47.48
CA PHE A 17 39.80 20.31 -46.48
C PHE A 17 40.54 21.01 -45.35
N ARG A 18 40.28 22.30 -45.17
CA ARG A 18 40.75 23.04 -44.00
C ARG A 18 40.41 22.37 -42.66
N THR A 19 41.42 22.10 -41.82
CA THR A 19 41.15 21.26 -40.65
C THR A 19 41.64 21.98 -39.39
N PHE A 20 40.93 21.71 -38.28
CA PHE A 20 41.24 22.18 -36.94
C PHE A 20 40.94 21.06 -35.95
N SER A 21 41.94 20.38 -35.39
CA SER A 21 41.56 19.36 -34.42
C SER A 21 41.30 19.96 -33.04
N ALA A 22 40.86 19.09 -32.11
CA ALA A 22 40.40 19.40 -30.76
C ALA A 22 41.32 18.74 -29.75
N SER A 23 41.25 19.18 -28.48
CA SER A 23 42.07 18.50 -27.49
C SER A 23 41.70 17.05 -27.18
N ASP A 24 41.75 16.66 -25.90
CA ASP A 24 41.33 15.34 -25.45
C ASP A 24 39.84 15.18 -25.20
N TRP A 25 39.02 16.20 -25.39
CA TRP A 25 37.64 16.12 -24.92
C TRP A 25 36.77 16.25 -26.15
N GLY A 26 35.86 17.22 -26.18
CA GLY A 26 34.95 17.30 -27.31
C GLY A 26 34.30 18.65 -27.39
N LEU A 27 33.80 18.95 -28.59
CA LEU A 27 33.24 20.25 -28.93
C LEU A 27 31.73 20.22 -28.79
N THR A 28 31.14 21.39 -28.61
CA THR A 28 29.70 21.43 -28.34
C THR A 28 28.99 22.50 -29.16
N HIS A 29 29.54 23.71 -29.21
CA HIS A 29 28.86 24.80 -29.88
C HIS A 29 29.84 25.66 -30.68
N LEU A 30 29.34 26.24 -31.78
CA LEU A 30 30.09 27.15 -32.62
C LEU A 30 29.18 28.32 -32.97
N VAL A 31 29.78 29.49 -33.24
CA VAL A 31 29.05 30.65 -33.74
C VAL A 31 30.05 31.57 -34.43
N VAL A 32 29.58 32.30 -35.43
CA VAL A 32 30.41 33.14 -36.29
C VAL A 32 29.99 34.60 -36.14
N HIS A 33 30.97 35.46 -35.89
CA HIS A 33 30.75 36.90 -35.92
C HIS A 33 30.26 37.30 -37.31
N GLU A 34 29.10 37.96 -37.37
CA GLU A 34 28.46 38.21 -38.66
C GLU A 34 29.31 39.11 -39.54
N GLN A 35 30.19 39.92 -38.95
CA GLN A 35 31.00 40.86 -39.70
C GLN A 35 32.44 40.39 -39.86
N THR A 36 33.12 40.10 -38.75
CA THR A 36 34.52 39.65 -38.79
C THR A 36 34.72 38.24 -39.32
N GLY A 37 33.67 37.43 -39.43
CA GLY A 37 33.87 36.06 -39.88
C GLY A 37 34.70 35.18 -38.98
N GLU A 38 35.09 35.68 -37.80
CA GLU A 38 35.79 34.89 -36.82
C GLU A 38 34.88 33.80 -36.25
N VAL A 39 35.49 32.76 -35.69
CA VAL A 39 34.80 31.54 -35.30
C VAL A 39 35.02 31.28 -33.82
N TYR A 40 33.97 31.46 -33.02
CA TYR A 40 34.01 31.18 -31.59
C TYR A 40 33.44 29.80 -31.35
N VAL A 41 34.19 28.96 -30.62
CA VAL A 41 33.85 27.54 -30.47
C VAL A 41 33.73 27.19 -29.00
N GLY A 42 32.53 26.76 -28.59
CA GLY A 42 32.33 26.26 -27.24
C GLY A 42 32.59 24.77 -27.14
N ALA A 43 33.10 24.34 -25.99
CA ALA A 43 33.51 22.95 -25.80
C ALA A 43 33.63 22.67 -24.31
N VAL A 44 33.90 21.40 -24.01
CA VAL A 44 34.12 21.01 -22.62
C VAL A 44 35.35 21.71 -22.06
N ASN A 45 35.19 22.38 -20.93
CA ASN A 45 36.33 22.94 -20.19
C ASN A 45 37.02 24.07 -20.94
N ARG A 46 36.82 24.17 -22.25
CA ARG A 46 37.57 25.09 -23.09
C ARG A 46 36.63 25.90 -23.96
N ILE A 47 37.14 27.03 -24.45
CA ILE A 47 36.41 27.92 -25.34
C ILE A 47 37.39 28.41 -26.41
N TYR A 48 37.45 27.74 -27.56
CA TYR A 48 38.42 28.12 -28.56
C TYR A 48 37.84 29.25 -29.39
N LYS A 49 38.68 30.20 -29.79
CA LYS A 49 38.34 31.22 -30.76
C LYS A 49 39.21 31.05 -31.99
N LEU A 50 38.60 30.86 -33.16
CA LEU A 50 39.37 30.68 -34.38
C LEU A 50 39.17 31.85 -35.33
N SER A 51 39.96 31.84 -36.40
CA SER A 51 39.95 32.87 -37.42
C SER A 51 39.24 32.36 -38.68
N GLY A 52 39.30 33.17 -39.74
CA GLY A 52 38.54 32.88 -40.94
C GLY A 52 38.84 31.52 -41.54
N ASN A 53 40.08 31.04 -41.42
CA ASN A 53 40.47 29.75 -41.98
C ASN A 53 40.67 28.67 -40.91
N LEU A 54 39.92 28.71 -39.80
CA LEU A 54 40.02 27.67 -38.77
C LEU A 54 41.46 27.53 -38.30
N THR A 55 42.13 28.65 -38.09
CA THR A 55 43.45 28.71 -37.48
C THR A 55 43.31 29.07 -36.01
N LEU A 56 43.98 28.30 -35.15
CA LEU A 56 43.74 28.47 -33.73
C LEU A 56 44.30 29.81 -33.27
N LEU A 57 43.47 30.59 -32.58
CA LEU A 57 43.84 31.91 -32.10
C LEU A 57 43.96 31.85 -30.59
N ARG A 58 43.12 32.65 -29.93
CA ARG A 58 42.85 32.70 -28.50
C ARG A 58 41.94 31.57 -28.06
N ALA A 59 42.16 31.22 -26.79
CA ALA A 59 41.35 30.21 -26.10
C ALA A 59 41.03 30.73 -24.69
N HIS A 60 40.23 29.97 -23.95
CA HIS A 60 39.84 30.40 -22.61
C HIS A 60 39.45 29.12 -21.88
N VAL A 61 40.09 28.87 -20.73
CA VAL A 61 39.89 27.64 -19.98
C VAL A 61 38.85 27.86 -18.89
N THR A 62 37.96 26.88 -18.72
CA THR A 62 36.92 26.98 -17.71
C THR A 62 36.74 25.69 -16.91
N GLY A 63 37.71 24.78 -16.94
CA GLY A 63 37.55 23.54 -16.23
C GLY A 63 38.68 22.55 -16.44
N PRO A 64 38.62 21.41 -15.73
CA PRO A 64 37.58 21.02 -14.77
C PRO A 64 37.63 21.82 -13.46
N VAL A 65 36.53 21.80 -12.71
CA VAL A 65 36.44 22.54 -11.45
C VAL A 65 36.02 21.57 -10.35
N GLU A 66 36.34 21.95 -9.11
CA GLU A 66 35.89 21.22 -7.94
C GLU A 66 34.42 21.55 -7.72
N ASP A 67 33.56 20.55 -7.89
CA ASP A 67 32.12 20.73 -7.82
C ASP A 67 31.43 19.38 -7.77
N ASN A 68 30.22 19.38 -7.21
CA ASN A 68 29.32 18.26 -7.33
C ASN A 68 27.99 18.77 -7.86
N GLU A 69 27.31 17.93 -8.63
CA GLU A 69 26.02 18.29 -9.19
C GLU A 69 24.96 18.46 -8.11
N LYS A 70 25.20 17.91 -6.91
CA LYS A 70 24.26 17.94 -5.80
C LYS A 70 24.38 19.19 -4.93
N CYS A 71 25.32 20.08 -5.24
CA CYS A 71 25.66 21.28 -4.44
C CYS A 71 24.91 22.51 -4.90
N TYR A 72 23.84 22.83 -4.19
CA TYR A 72 23.13 24.09 -4.40
C TYR A 72 23.14 24.95 -3.14
N PRO A 73 23.81 26.13 -3.13
CA PRO A 73 24.66 26.76 -4.15
C PRO A 73 25.96 25.97 -4.32
N PRO A 74 26.78 26.32 -5.31
CA PRO A 74 28.03 25.60 -5.50
C PRO A 74 28.98 25.85 -4.35
N PRO A 75 30.04 25.03 -4.21
CA PRO A 75 30.98 25.24 -3.09
C PRO A 75 31.68 26.58 -3.13
N SER A 76 31.69 27.27 -4.27
CA SER A 76 32.37 28.55 -4.36
C SER A 76 31.58 29.69 -3.75
N VAL A 77 30.42 29.42 -3.14
CA VAL A 77 29.65 30.48 -2.50
C VAL A 77 29.34 30.10 -1.05
N GLN A 78 28.79 28.91 -0.86
CA GLN A 78 28.43 28.41 0.46
C GLN A 78 28.86 26.96 0.60
N SER A 79 29.21 26.57 1.82
CA SER A 79 29.62 25.20 2.07
C SER A 79 28.49 24.22 1.71
N CYS A 80 28.89 22.99 1.46
CA CYS A 80 28.04 21.94 0.93
C CYS A 80 28.48 20.67 1.64
N PRO A 81 27.55 19.82 2.05
CA PRO A 81 27.94 18.46 2.42
C PRO A 81 27.92 17.61 1.17
N HIS A 82 27.73 16.30 1.31
CA HIS A 82 28.00 15.33 0.26
C HIS A 82 29.36 15.41 -0.44
N GLY A 83 30.18 16.42 -0.15
CA GLY A 83 31.49 16.41 -0.78
C GLY A 83 31.62 17.31 -1.99
N LEU A 84 32.30 16.77 -3.00
CA LEU A 84 32.67 17.41 -4.26
C LEU A 84 33.66 16.49 -4.99
N GLY A 85 34.36 17.04 -5.99
CA GLY A 85 35.26 16.24 -6.80
C GLY A 85 35.44 16.90 -8.15
N SER A 86 36.63 16.77 -8.76
CA SER A 86 36.86 17.45 -10.03
C SER A 86 36.05 16.79 -11.15
N THR A 87 35.20 17.58 -11.80
CA THR A 87 34.30 17.14 -12.86
C THR A 87 34.36 18.16 -13.99
N ASP A 88 34.07 17.69 -15.19
CA ASP A 88 34.22 18.50 -16.39
C ASP A 88 33.08 19.50 -16.53
N ASN A 89 33.42 20.68 -17.06
CA ASN A 89 32.50 21.82 -17.19
C ASN A 89 32.14 21.95 -18.67
N VAL A 90 31.06 21.29 -19.05
CA VAL A 90 30.66 21.26 -20.45
C VAL A 90 29.98 22.59 -20.77
N ASN A 91 30.40 23.23 -21.85
CA ASN A 91 29.75 24.45 -22.31
C ASN A 91 28.43 24.08 -22.98
N LYS A 92 27.33 24.53 -22.40
CA LYS A 92 26.02 24.16 -22.89
C LYS A 92 25.46 25.16 -23.89
N LEU A 93 25.78 26.44 -23.75
CA LEU A 93 25.28 27.47 -24.65
C LEU A 93 26.36 28.51 -24.95
N LEU A 94 26.25 29.14 -26.12
CA LEU A 94 27.27 30.08 -26.60
C LEU A 94 26.61 31.08 -27.55
N LEU A 95 26.65 32.38 -27.22
CA LEU A 95 26.01 33.46 -27.99
C LEU A 95 26.88 34.71 -28.00
N LEU A 96 26.60 35.56 -29.00
CA LEU A 96 27.28 36.83 -29.23
C LEU A 96 26.41 38.03 -28.85
N ASP A 97 27.00 38.96 -28.10
CA ASP A 97 26.41 40.26 -27.77
C ASP A 97 27.04 41.38 -28.60
N TYR A 98 26.59 41.54 -29.85
CA TYR A 98 27.17 42.58 -30.71
C TYR A 98 27.06 43.98 -30.11
N ALA A 99 25.95 44.28 -29.43
CA ALA A 99 25.81 45.63 -28.87
C ALA A 99 26.91 45.93 -27.84
N ALA A 100 27.25 44.95 -27.01
CA ALA A 100 28.24 45.15 -25.97
C ALA A 100 29.59 44.55 -26.32
N ASN A 101 29.75 44.03 -27.53
CA ASN A 101 31.03 43.53 -28.02
C ASN A 101 31.65 42.52 -27.05
N ARG A 102 30.86 41.54 -26.63
CA ARG A 102 31.33 40.51 -25.71
C ARG A 102 30.73 39.17 -26.11
N LEU A 103 30.93 38.15 -25.28
CA LEU A 103 30.45 36.81 -25.58
C LEU A 103 30.02 36.09 -24.31
N LEU A 104 28.88 35.39 -24.39
CA LEU A 104 28.29 34.67 -23.27
C LEU A 104 28.46 33.17 -23.48
N ALA A 105 29.30 32.53 -22.66
CA ALA A 105 29.52 31.09 -22.72
C ALA A 105 29.06 30.49 -21.40
N CYS A 106 27.94 29.79 -21.42
CA CYS A 106 27.37 29.20 -20.21
C CYS A 106 27.81 27.76 -20.03
N GLY A 107 28.42 27.45 -18.88
CA GLY A 107 28.92 26.13 -18.61
C GLY A 107 27.92 25.25 -17.84
N SER A 108 28.38 24.04 -17.51
CA SER A 108 27.60 23.10 -16.74
C SER A 108 28.15 22.90 -15.33
N ALA A 109 29.09 23.74 -14.90
CA ALA A 109 29.77 23.57 -13.63
C ALA A 109 29.25 24.59 -12.63
N SER A 110 29.19 24.15 -11.36
CA SER A 110 28.78 24.99 -10.26
C SER A 110 27.38 25.54 -10.51
N GLN A 111 26.46 24.61 -10.78
CA GLN A 111 25.07 24.88 -11.12
C GLN A 111 24.92 25.71 -12.40
N GLY A 112 25.98 25.85 -13.20
CA GLY A 112 25.86 26.40 -14.53
C GLY A 112 25.97 27.91 -14.66
N ILE A 113 26.96 28.52 -13.99
CA ILE A 113 27.18 29.95 -14.13
C ILE A 113 27.64 30.27 -15.54
N CYS A 114 27.61 31.55 -15.92
CA CYS A 114 28.00 31.97 -17.25
C CYS A 114 29.11 33.02 -17.18
N GLN A 115 30.05 32.97 -18.11
CA GLN A 115 31.14 33.94 -18.22
C GLN A 115 30.90 34.92 -19.37
N PHE A 116 31.59 36.06 -19.30
CA PHE A 116 31.50 37.14 -20.29
C PHE A 116 32.87 37.45 -20.87
N LEU A 117 33.26 36.72 -21.90
CA LEU A 117 34.55 36.92 -22.55
C LEU A 117 34.46 38.06 -23.55
N ARG A 118 35.29 39.08 -23.35
CA ARG A 118 35.39 40.20 -24.28
C ARG A 118 35.81 39.67 -25.65
N LEU A 119 35.34 40.31 -26.71
CA LEU A 119 35.39 39.72 -28.04
C LEU A 119 36.82 39.53 -28.52
N ASP A 120 37.66 40.55 -28.38
CA ASP A 120 38.94 40.56 -29.06
C ASP A 120 40.08 39.90 -28.29
N ASP A 121 39.83 39.33 -27.10
CA ASP A 121 40.89 38.56 -26.43
C ASP A 121 40.37 37.51 -25.45
N LEU A 122 39.05 37.40 -25.32
CA LEU A 122 38.44 36.42 -24.41
C LEU A 122 38.85 36.71 -22.96
N PHE A 123 38.95 38.00 -22.65
CA PHE A 123 39.25 38.47 -21.30
C PHE A 123 38.03 38.28 -20.41
N LYS A 124 38.18 37.50 -19.35
CA LYS A 124 37.07 37.24 -18.46
C LYS A 124 36.59 38.55 -17.83
N LEU A 125 35.59 39.17 -18.46
CA LEU A 125 35.03 40.45 -18.02
C LEU A 125 34.21 40.30 -16.74
N GLY A 126 33.74 39.09 -16.46
CA GLY A 126 32.94 38.83 -15.28
C GLY A 126 32.51 37.38 -15.32
N GLU A 127 31.97 36.94 -14.20
CA GLU A 127 31.45 35.60 -14.10
C GLU A 127 30.52 35.58 -12.89
N PRO A 128 29.40 36.31 -12.93
CA PRO A 128 28.61 36.48 -11.71
C PRO A 128 28.06 35.14 -11.24
N HIS A 129 28.34 34.82 -9.97
CA HIS A 129 28.24 33.44 -9.52
C HIS A 129 27.84 33.36 -8.06
N HIS A 130 27.05 34.33 -7.59
CA HIS A 130 26.59 34.35 -6.22
C HIS A 130 25.09 34.50 -5.94
N ARG A 131 24.26 34.76 -6.94
CA ARG A 131 22.81 34.85 -6.76
C ARG A 131 22.13 33.54 -7.15
N LYS A 132 20.84 33.46 -6.83
CA LYS A 132 20.06 32.28 -7.15
C LYS A 132 19.77 32.23 -8.65
N GLU A 133 19.44 33.39 -9.22
CA GLU A 133 19.20 33.50 -10.65
C GLU A 133 20.48 33.80 -11.43
N HIS A 134 21.65 33.54 -10.82
CA HIS A 134 22.90 33.46 -11.56
C HIS A 134 23.22 32.04 -11.99
N TYR A 135 22.41 31.06 -11.59
CA TYR A 135 22.59 29.66 -11.93
C TYR A 135 21.47 29.24 -12.88
N LEU A 136 21.78 28.35 -13.81
CA LEU A 136 20.83 28.01 -14.87
C LEU A 136 20.39 26.55 -14.88
N SER A 137 21.30 25.61 -14.71
CA SER A 137 20.91 24.19 -14.66
C SER A 137 22.08 23.37 -14.17
N SER A 138 21.77 22.25 -13.52
CA SER A 138 22.80 21.34 -13.06
C SER A 138 22.91 20.10 -13.94
N VAL A 139 22.47 20.17 -15.19
CA VAL A 139 22.60 19.03 -16.07
C VAL A 139 24.01 19.00 -16.62
N GLN A 140 24.47 17.80 -16.96
CA GLN A 140 25.82 17.56 -17.43
C GLN A 140 25.84 17.39 -18.94
N GLU A 141 24.70 17.00 -19.50
CA GLU A 141 24.51 16.92 -20.93
C GLU A 141 24.66 18.32 -21.52
N ALA A 142 25.13 18.39 -22.76
CA ALA A 142 25.09 19.58 -23.60
C ALA A 142 23.94 19.53 -24.60
N GLY A 143 23.79 20.62 -25.35
CA GLY A 143 22.78 20.65 -26.40
C GLY A 143 21.35 20.76 -25.96
N SER A 144 21.08 20.77 -24.66
CA SER A 144 19.72 21.00 -24.18
C SER A 144 19.41 22.47 -23.85
N MET A 145 20.34 23.40 -24.06
CA MET A 145 20.07 24.79 -23.80
C MET A 145 20.13 25.59 -25.10
N ALA A 146 19.30 26.63 -25.19
CA ALA A 146 19.22 27.43 -26.43
C ALA A 146 18.58 28.78 -26.12
N GLY A 147 18.87 29.77 -26.98
CA GLY A 147 18.27 31.07 -26.81
C GLY A 147 18.84 32.11 -27.76
N VAL A 148 18.30 33.33 -27.63
CA VAL A 148 18.67 34.49 -28.46
C VAL A 148 18.75 35.70 -27.53
N LEU A 149 19.51 36.71 -27.96
CA LEU A 149 19.58 38.02 -27.31
C LEU A 149 18.82 39.11 -28.07
N ILE A 150 18.27 40.07 -27.30
CA ILE A 150 17.50 41.18 -27.84
C ILE A 150 17.86 42.52 -27.18
N ALA A 151 18.76 43.26 -27.81
CA ALA A 151 19.18 44.58 -27.33
C ALA A 151 18.04 45.58 -27.46
N GLY A 152 17.85 46.41 -26.42
CA GLY A 152 16.84 47.44 -26.52
C GLY A 152 17.32 48.59 -27.40
N PRO A 153 16.75 49.78 -27.25
CA PRO A 153 17.26 50.93 -28.02
C PRO A 153 18.75 51.17 -27.79
N PRO A 154 19.50 51.42 -28.86
CA PRO A 154 20.96 51.46 -28.75
C PRO A 154 21.36 52.63 -27.85
N GLY A 155 22.62 52.62 -27.40
CA GLY A 155 23.05 53.70 -26.54
C GLY A 155 22.52 53.61 -25.12
N GLN A 156 21.38 52.95 -24.96
CA GLN A 156 20.71 52.80 -23.67
C GLN A 156 20.96 51.36 -23.24
N GLY A 157 22.10 51.14 -22.61
CA GLY A 157 22.67 49.88 -22.17
C GLY A 157 21.88 48.63 -21.84
N GLN A 158 20.54 48.62 -21.90
CA GLN A 158 19.85 47.37 -21.63
C GLN A 158 19.71 46.47 -22.86
N ALA A 159 19.78 45.17 -22.58
CA ALA A 159 19.63 44.09 -23.55
C ALA A 159 18.86 42.95 -22.89
N LYS A 160 17.80 42.46 -23.54
CA LYS A 160 17.09 41.35 -22.94
C LYS A 160 17.65 40.03 -23.48
N LEU A 161 17.37 38.92 -22.78
CA LEU A 161 17.91 37.62 -23.19
C LEU A 161 16.96 36.49 -22.78
N PHE A 162 16.35 35.81 -23.75
CA PHE A 162 15.36 34.76 -23.50
C PHE A 162 16.08 33.39 -23.51
N VAL A 163 16.08 32.67 -22.38
CA VAL A 163 16.85 31.45 -22.20
C VAL A 163 15.97 30.28 -21.72
N GLY A 164 16.03 29.14 -22.43
CA GLY A 164 15.41 27.89 -21.99
C GLY A 164 16.34 26.71 -21.73
N THR A 165 16.12 25.99 -20.61
CA THR A 165 16.97 24.86 -20.25
C THR A 165 16.16 23.85 -19.43
N PRO A 166 16.51 22.55 -19.50
CA PRO A 166 16.00 21.56 -18.53
C PRO A 166 16.53 21.79 -17.12
N ILE A 167 15.85 21.18 -16.15
CA ILE A 167 16.18 21.41 -14.74
C ILE A 167 16.32 20.12 -13.92
N ASP A 168 16.06 18.95 -14.50
CA ASP A 168 16.29 17.67 -13.81
C ASP A 168 15.55 17.64 -12.46
N GLY A 169 14.29 18.06 -12.50
CA GLY A 169 13.39 18.04 -11.36
C GLY A 169 13.71 19.01 -10.24
N LYS A 170 14.71 19.87 -10.42
CA LYS A 170 15.10 20.85 -9.40
C LYS A 170 14.35 22.16 -9.66
N SER A 171 13.03 22.08 -9.51
CA SER A 171 12.13 23.17 -9.90
C SER A 171 12.22 24.41 -9.01
N GLU A 172 12.64 24.29 -7.76
CA GLU A 172 12.74 25.47 -6.91
C GLU A 172 13.96 26.32 -7.23
N TYR A 173 15.03 25.69 -7.72
CA TYR A 173 16.28 26.40 -7.94
C TYR A 173 16.25 27.12 -9.28
N PHE A 174 15.96 26.40 -10.37
CA PHE A 174 16.22 26.95 -11.67
C PHE A 174 14.88 27.05 -12.38
N PRO A 175 14.55 28.19 -12.98
CA PRO A 175 13.43 28.20 -13.93
C PRO A 175 13.84 27.52 -15.22
N THR A 176 12.88 26.86 -15.85
CA THR A 176 13.11 26.25 -17.15
C THR A 176 13.05 27.24 -18.31
N LEU A 177 12.56 28.46 -18.08
CA LEU A 177 12.49 29.47 -19.14
C LEU A 177 12.21 30.85 -18.54
N SER A 178 13.03 31.83 -18.90
CA SER A 178 13.02 33.16 -18.30
C SER A 178 13.31 34.22 -19.37
N SER A 179 13.30 35.48 -18.93
CA SER A 179 13.61 36.65 -19.75
C SER A 179 14.49 37.54 -18.88
N ARG A 180 15.77 37.18 -18.77
CA ARG A 180 16.68 37.89 -17.90
C ARG A 180 17.32 39.08 -18.61
N ARG A 181 17.98 39.94 -17.82
CA ARG A 181 18.48 41.20 -18.33
C ARG A 181 20.00 41.24 -18.51
N LEU A 182 20.44 42.03 -19.49
CA LEU A 182 21.87 42.18 -19.77
C LEU A 182 22.32 43.64 -19.65
N MET A 183 23.01 44.01 -18.57
CA MET A 183 23.56 45.36 -18.38
C MET A 183 24.86 45.45 -19.14
N ALA A 184 25.24 46.67 -19.48
CA ALA A 184 26.50 46.88 -20.18
C ALA A 184 27.70 46.54 -19.28
N ASN A 185 27.60 46.75 -17.98
CA ASN A 185 28.70 46.44 -17.06
C ASN A 185 28.62 45.02 -16.49
N GLU A 186 29.58 44.18 -16.92
CA GLU A 186 29.56 42.74 -16.65
C GLU A 186 29.71 42.43 -15.16
N GLU A 187 30.36 43.32 -14.41
CA GLU A 187 30.59 43.06 -12.99
C GLU A 187 29.32 43.19 -12.18
N ASP A 188 28.37 43.99 -12.67
CA ASP A 188 27.12 44.28 -11.98
C ASP A 188 26.44 43.02 -11.45
N ALA A 189 25.85 43.11 -10.25
CA ALA A 189 25.16 41.97 -9.67
C ALA A 189 23.73 41.80 -10.19
N ASP A 190 23.18 42.81 -10.88
CA ASP A 190 21.86 42.73 -11.51
C ASP A 190 21.88 41.98 -12.84
N MET A 191 23.04 41.50 -13.27
CA MET A 191 23.11 40.65 -14.46
C MET A 191 22.27 39.39 -14.26
N PHE A 192 21.64 38.94 -15.34
CA PHE A 192 20.85 37.71 -15.36
C PHE A 192 19.66 37.77 -14.41
N GLY A 193 19.24 38.98 -14.02
CA GLY A 193 18.03 39.14 -13.23
C GLY A 193 16.80 39.31 -14.11
N PHE A 194 15.70 38.69 -13.68
CA PHE A 194 14.46 38.71 -14.47
C PHE A 194 13.97 40.12 -14.72
N VAL A 195 13.49 40.35 -15.95
CA VAL A 195 13.09 41.69 -16.38
C VAL A 195 11.74 42.10 -15.83
N TYR A 196 11.07 41.22 -15.08
CA TYR A 196 9.89 41.63 -14.34
C TYR A 196 9.72 40.70 -13.16
N GLN A 197 9.62 41.28 -11.97
CA GLN A 197 9.62 40.56 -10.70
C GLN A 197 8.51 41.19 -9.88
N ASP A 198 7.56 40.37 -9.46
CA ASP A 198 6.55 40.75 -8.48
C ASP A 198 6.16 39.50 -7.69
N GLU A 199 5.18 39.67 -6.79
CA GLU A 199 4.85 38.66 -5.80
C GLU A 199 4.39 37.35 -6.42
N PHE A 200 3.81 37.39 -7.62
CA PHE A 200 3.23 36.13 -8.08
C PHE A 200 3.75 35.74 -9.45
N VAL A 201 3.49 36.54 -10.49
CA VAL A 201 3.99 36.19 -11.81
C VAL A 201 5.27 36.97 -12.05
N SER A 202 6.22 36.32 -12.72
CA SER A 202 7.45 36.95 -13.17
C SER A 202 7.72 36.51 -14.60
N SER A 203 8.63 37.23 -15.28
CA SER A 203 8.98 36.83 -16.64
C SER A 203 9.74 35.51 -16.57
N GLN A 204 9.10 34.51 -15.95
CA GLN A 204 9.69 33.22 -15.57
C GLN A 204 8.74 32.10 -15.99
N LEU A 205 9.16 30.84 -15.77
CA LEU A 205 8.22 29.73 -16.00
C LEU A 205 8.72 28.44 -15.30
N LYS A 206 8.38 28.30 -14.02
CA LYS A 206 8.86 27.14 -13.27
C LYS A 206 7.94 25.94 -13.54
N ILE A 207 8.52 24.75 -13.59
CA ILE A 207 7.71 23.53 -13.66
C ILE A 207 7.00 23.31 -12.33
N PRO A 208 5.70 23.06 -12.33
CA PRO A 208 4.99 22.81 -11.07
C PRO A 208 5.55 21.58 -10.35
N SER A 209 5.83 21.75 -9.05
CA SER A 209 6.22 20.64 -8.16
C SER A 209 5.21 19.52 -8.25
N ASP A 210 4.00 19.82 -8.69
CA ASP A 210 2.97 18.83 -8.84
C ASP A 210 3.34 17.86 -9.96
N THR A 211 3.66 18.41 -11.13
CA THR A 211 3.90 17.62 -12.36
C THR A 211 5.07 16.63 -12.18
N LEU A 212 6.14 17.06 -11.49
CA LEU A 212 7.24 16.14 -11.19
C LEU A 212 6.80 15.04 -10.23
N SER A 213 5.80 15.34 -9.41
CA SER A 213 5.22 14.33 -8.53
C SER A 213 4.47 13.28 -9.35
N LYS A 214 3.72 13.68 -10.37
CA LYS A 214 3.18 12.61 -11.22
C LYS A 214 4.31 11.77 -11.82
N PHE A 215 5.07 12.32 -12.78
CA PHE A 215 6.21 11.64 -13.42
C PHE A 215 7.53 12.20 -12.90
N PRO A 216 8.36 11.44 -12.18
CA PRO A 216 9.55 12.04 -11.53
C PRO A 216 10.49 12.86 -12.43
N ALA A 217 11.29 12.27 -13.31
CA ALA A 217 12.26 13.09 -14.04
C ALA A 217 11.73 13.67 -15.36
N PHE A 218 10.56 14.28 -15.29
CA PHE A 218 10.00 14.97 -16.46
C PHE A 218 10.86 16.19 -16.74
N ASP A 219 11.04 16.51 -18.02
CA ASP A 219 11.89 17.67 -18.27
C ASP A 219 11.62 18.16 -19.69
N ILE A 220 11.96 19.41 -19.95
CA ILE A 220 11.85 20.06 -21.25
C ILE A 220 13.24 20.30 -21.81
N TYR A 221 13.56 19.66 -22.92
CA TYR A 221 14.81 19.89 -23.64
C TYR A 221 14.58 20.87 -24.79
N TYR A 222 15.49 21.85 -24.92
CA TYR A 222 15.32 23.03 -25.79
C TYR A 222 16.28 23.00 -26.97
N VAL A 223 15.79 22.70 -28.17
CA VAL A 223 16.70 22.52 -29.30
C VAL A 223 17.13 23.83 -30.00
N TYR A 224 16.19 24.49 -30.70
CA TYR A 224 16.45 25.71 -31.46
C TYR A 224 15.69 26.91 -30.88
N SER A 225 16.15 28.11 -31.28
CA SER A 225 15.47 29.35 -30.91
C SER A 225 15.87 30.43 -31.92
N PHE A 226 14.89 31.21 -32.36
CA PHE A 226 15.10 32.20 -33.41
C PHE A 226 14.15 33.37 -33.23
N ARG A 227 14.61 34.55 -33.62
CA ARG A 227 13.81 35.76 -33.60
C ARG A 227 13.08 35.91 -34.93
N SER A 228 11.80 36.26 -34.87
CA SER A 228 10.97 36.39 -36.06
C SER A 228 9.90 37.42 -35.77
N GLU A 229 9.83 38.43 -36.63
CA GLU A 229 8.93 39.57 -36.49
C GLU A 229 9.29 40.17 -35.14
N GLN A 230 8.32 40.50 -34.29
CA GLN A 230 8.53 40.98 -32.93
C GLN A 230 8.39 39.88 -31.86
N PHE A 231 8.54 38.61 -32.23
CA PHE A 231 8.37 37.50 -31.28
C PHE A 231 9.68 36.73 -31.15
N VAL A 232 9.68 35.71 -30.27
CA VAL A 232 10.70 34.67 -30.23
C VAL A 232 10.08 33.29 -30.08
N TYR A 233 10.46 32.35 -30.96
CA TYR A 233 9.98 30.97 -30.95
C TYR A 233 11.03 29.99 -30.45
N TYR A 234 10.56 28.92 -29.80
CA TYR A 234 11.35 27.76 -29.36
C TYR A 234 10.74 26.45 -29.85
N LEU A 235 11.61 25.51 -30.22
CA LEU A 235 11.25 24.12 -30.48
C LEU A 235 11.68 23.26 -29.30
N THR A 236 10.72 22.85 -28.49
CA THR A 236 11.00 22.03 -27.30
C THR A 236 10.71 20.57 -27.57
N LEU A 237 11.10 19.72 -26.61
CA LEU A 237 10.77 18.30 -26.62
C LEU A 237 10.50 17.87 -25.19
N GLN A 238 9.24 17.64 -24.84
CA GLN A 238 8.87 17.26 -23.48
C GLN A 238 8.54 15.78 -23.39
N LEU A 239 8.55 15.29 -22.15
CA LEU A 239 8.05 13.96 -21.83
C LEU A 239 6.52 14.00 -21.91
N ASP A 240 5.94 13.00 -22.59
CA ASP A 240 4.49 12.90 -22.77
C ASP A 240 3.77 12.64 -21.46
N THR A 241 2.90 13.59 -21.05
CA THR A 241 2.11 13.37 -19.86
C THR A 241 1.08 12.25 -20.02
N GLN A 242 0.72 11.88 -21.25
CA GLN A 242 -0.29 10.83 -21.48
C GLN A 242 0.35 9.45 -21.65
N LEU A 243 1.08 9.29 -22.76
CA LEU A 243 1.64 8.00 -23.20
C LEU A 243 2.69 7.39 -22.29
N THR A 244 2.86 7.88 -21.08
CA THR A 244 3.90 7.37 -20.21
C THR A 244 3.26 7.07 -18.87
N SER A 245 3.47 5.85 -18.37
CA SER A 245 2.95 5.51 -17.08
C SER A 245 3.75 6.17 -15.97
N PRO A 246 3.17 6.33 -14.78
CA PRO A 246 3.95 6.94 -13.69
C PRO A 246 5.25 6.21 -13.41
N ASP A 247 5.29 4.88 -13.60
CA ASP A 247 6.56 4.17 -13.45
C ASP A 247 7.51 4.70 -14.50
N ALA A 248 8.62 5.30 -14.07
CA ALA A 248 9.61 5.84 -15.01
C ALA A 248 10.66 4.80 -15.41
N ALA A 249 10.25 3.63 -15.89
CA ALA A 249 11.17 2.58 -16.30
C ALA A 249 12.03 3.07 -17.46
N GLY A 250 11.81 2.54 -18.65
CA GLY A 250 12.62 2.95 -19.77
C GLY A 250 11.79 3.06 -21.02
N GLU A 251 10.48 2.81 -20.89
CA GLU A 251 9.54 2.92 -21.98
C GLU A 251 8.92 4.32 -22.11
N HIS A 252 9.53 5.35 -21.53
CA HIS A 252 8.90 6.66 -21.53
C HIS A 252 8.95 7.25 -22.93
N PHE A 253 7.80 7.71 -23.42
CA PHE A 253 7.72 8.43 -24.69
C PHE A 253 7.77 9.94 -24.50
N PHE A 254 8.03 10.64 -25.60
CA PHE A 254 8.25 12.07 -25.60
C PHE A 254 7.40 12.69 -26.69
N THR A 255 7.24 14.02 -26.66
CA THR A 255 6.42 14.70 -27.66
C THR A 255 7.04 16.06 -27.97
N SER A 256 7.36 16.31 -29.25
CA SER A 256 7.92 17.60 -29.64
C SER A 256 6.85 18.68 -29.84
N LYS A 257 7.14 19.89 -29.37
CA LYS A 257 6.20 21.01 -29.42
C LYS A 257 6.95 22.32 -29.67
N ILE A 258 6.45 23.17 -30.58
CA ILE A 258 6.90 24.57 -30.66
C ILE A 258 6.34 25.39 -29.50
N VAL A 259 7.01 26.53 -29.23
CA VAL A 259 6.61 27.54 -28.25
C VAL A 259 6.90 28.93 -28.79
N ARG A 260 6.06 29.91 -28.42
CA ARG A 260 6.22 31.30 -28.85
C ARG A 260 5.85 32.28 -27.74
N LEU A 261 6.68 33.32 -27.62
CA LEU A 261 6.46 34.47 -26.74
C LEU A 261 6.64 35.76 -27.53
N CYS A 262 6.30 36.87 -26.87
CA CYS A 262 6.57 38.21 -27.38
C CYS A 262 7.84 38.76 -26.75
N VAL A 263 8.56 39.57 -27.52
CA VAL A 263 9.75 40.21 -26.98
C VAL A 263 9.35 41.25 -25.94
N ASP A 264 8.15 41.82 -26.09
CA ASP A 264 7.60 42.89 -25.27
C ASP A 264 6.52 42.38 -24.32
N ASP A 265 6.64 41.13 -23.86
CA ASP A 265 5.69 40.52 -22.93
C ASP A 265 6.31 40.28 -21.55
N PRO A 266 6.25 41.27 -20.65
CA PRO A 266 6.90 41.10 -19.34
C PRO A 266 6.25 40.07 -18.42
N LYS A 267 4.91 39.90 -18.43
CA LYS A 267 4.29 38.96 -17.50
C LYS A 267 4.19 37.55 -18.06
N PHE A 268 4.63 37.32 -19.29
CA PHE A 268 4.64 36.01 -19.92
C PHE A 268 3.23 35.45 -20.10
N TYR A 269 2.34 36.30 -20.60
CA TYR A 269 0.97 35.87 -20.92
C TYR A 269 0.87 35.23 -22.29
N SER A 270 1.81 35.54 -23.19
CA SER A 270 1.70 35.16 -24.58
C SER A 270 2.12 33.73 -24.85
N TYR A 271 2.49 32.96 -23.81
CA TYR A 271 2.98 31.60 -24.01
C TYR A 271 1.98 30.80 -24.83
N VAL A 272 2.51 29.89 -25.64
CA VAL A 272 1.67 29.08 -26.54
C VAL A 272 2.51 27.89 -26.99
N GLU A 273 1.86 26.74 -27.16
CA GLU A 273 2.59 25.49 -27.35
C GLU A 273 1.79 24.50 -28.19
N PHE A 274 2.23 24.28 -29.45
CA PHE A 274 1.66 23.37 -30.43
C PHE A 274 2.60 22.21 -30.74
N PRO A 275 2.06 20.99 -30.81
CA PRO A 275 2.86 19.84 -31.24
C PRO A 275 3.21 19.94 -32.71
N ILE A 276 4.32 19.30 -33.08
CA ILE A 276 4.82 19.32 -34.45
C ILE A 276 5.24 17.93 -34.89
N GLY A 277 5.36 17.77 -36.19
CA GLY A 277 5.72 16.50 -36.79
C GLY A 277 5.44 16.53 -38.27
N CYS A 278 5.45 15.34 -38.86
CA CYS A 278 5.13 15.17 -40.28
C CYS A 278 5.03 13.69 -40.58
N GLU A 279 4.60 13.38 -41.80
CA GLU A 279 4.53 12.00 -42.26
C GLU A 279 4.82 11.95 -43.75
N GLN A 280 5.27 10.78 -44.20
CA GLN A 280 5.42 10.52 -45.64
C GLN A 280 5.37 9.02 -45.86
N ALA A 281 4.44 8.56 -46.69
CA ALA A 281 4.19 7.13 -46.91
C ALA A 281 3.82 6.44 -45.59
N GLY A 282 3.01 7.12 -44.78
CA GLY A 282 2.52 6.55 -43.54
C GLY A 282 3.57 6.31 -42.48
N VAL A 283 4.71 6.98 -42.55
CA VAL A 283 5.74 6.89 -41.52
C VAL A 283 5.63 8.09 -40.59
N GLU A 284 5.54 7.83 -39.29
CA GLU A 284 5.46 8.90 -38.30
C GLU A 284 6.83 9.47 -37.95
N TYR A 285 6.90 10.80 -37.87
CA TYR A 285 8.08 11.54 -37.43
C TYR A 285 7.71 12.63 -36.44
N ARG A 286 8.02 12.41 -35.15
CA ARG A 286 7.62 13.35 -34.11
C ARG A 286 8.75 13.60 -33.10
N LEU A 287 9.99 13.20 -33.39
CA LEU A 287 11.15 13.45 -32.53
C LEU A 287 12.09 14.49 -33.17
N VAL A 288 11.91 15.75 -32.77
CA VAL A 288 12.69 16.85 -33.33
C VAL A 288 14.20 16.71 -33.10
N GLN A 289 15.00 17.11 -34.09
CA GLN A 289 16.46 17.05 -33.99
C GLN A 289 17.17 18.38 -34.23
N ASP A 290 16.93 19.05 -35.35
CA ASP A 290 17.54 20.36 -35.59
C ASP A 290 16.57 21.25 -36.37
N ALA A 291 16.88 22.56 -36.41
CA ALA A 291 16.06 23.53 -37.13
C ALA A 291 16.89 24.76 -37.50
N TYR A 292 16.51 25.39 -38.61
CA TYR A 292 17.18 26.57 -39.15
C TYR A 292 16.13 27.51 -39.73
N LEU A 293 16.21 28.78 -39.34
CA LEU A 293 15.34 29.83 -39.87
C LEU A 293 16.04 30.52 -41.03
N SER A 294 15.41 30.50 -42.20
CA SER A 294 15.98 31.09 -43.40
C SER A 294 14.95 31.89 -44.17
N ARG A 295 15.43 32.90 -44.86
CA ARG A 295 14.58 33.55 -45.86
C ARG A 295 14.68 32.67 -47.10
N PRO A 296 13.56 32.35 -47.74
CA PRO A 296 13.54 31.20 -48.64
C PRO A 296 14.01 31.50 -50.04
N GLY A 297 14.28 32.74 -50.37
CA GLY A 297 14.73 32.99 -51.72
C GLY A 297 13.60 32.94 -52.70
N ARG A 298 13.72 33.82 -53.69
CA ARG A 298 12.61 34.16 -54.56
C ARG A 298 12.01 32.92 -55.19
N ALA A 299 12.81 31.86 -55.34
CA ALA A 299 12.36 30.60 -55.91
C ALA A 299 11.25 29.96 -55.09
N LEU A 300 11.58 29.49 -53.88
CA LEU A 300 10.58 28.86 -53.05
C LEU A 300 9.55 29.85 -52.53
N ALA A 301 9.82 31.15 -52.64
CA ALA A 301 8.86 32.12 -52.13
C ALA A 301 7.62 32.05 -53.01
N HIS A 302 7.75 32.48 -54.28
CA HIS A 302 6.63 32.41 -55.20
C HIS A 302 6.08 31.00 -55.41
N GLN A 303 6.87 29.95 -55.12
CA GLN A 303 6.31 28.60 -55.14
C GLN A 303 5.33 28.37 -54.00
N LEU A 304 5.58 29.02 -52.86
CA LEU A 304 4.79 28.85 -51.66
C LEU A 304 3.85 30.01 -51.36
N GLY A 305 3.90 31.10 -52.13
CA GLY A 305 3.03 32.23 -51.88
C GLY A 305 3.46 33.20 -50.79
N LEU A 306 4.71 33.14 -50.35
CA LEU A 306 5.18 33.95 -49.24
C LEU A 306 5.71 35.30 -49.73
N ALA A 307 5.53 36.34 -48.92
CA ALA A 307 6.09 37.64 -49.23
C ALA A 307 7.60 37.63 -49.11
N GLU A 308 8.26 38.65 -49.69
CA GLU A 308 9.72 38.66 -49.68
C GLU A 308 10.33 38.84 -48.30
N ASP A 309 9.58 39.35 -47.31
CA ASP A 309 10.09 39.51 -45.96
C ASP A 309 9.70 38.38 -45.00
N GLU A 310 8.84 37.47 -45.43
CA GLU A 310 8.38 36.39 -44.57
C GLU A 310 9.41 35.26 -44.59
N ASP A 311 9.66 34.65 -43.44
CA ASP A 311 10.72 33.66 -43.33
C ASP A 311 10.14 32.25 -43.30
N VAL A 312 11.03 31.25 -43.32
CA VAL A 312 10.66 29.84 -43.32
C VAL A 312 11.59 29.07 -42.39
N LEU A 313 11.07 28.00 -41.80
CA LEU A 313 11.80 27.12 -40.90
C LEU A 313 11.89 25.68 -41.39
N PHE A 314 13.12 25.23 -41.66
CA PHE A 314 13.39 23.82 -41.95
C PHE A 314 13.57 23.05 -40.65
N THR A 315 13.14 21.78 -40.64
CA THR A 315 13.16 20.96 -39.43
C THR A 315 13.64 19.56 -39.75
N VAL A 316 14.04 18.85 -38.70
CA VAL A 316 14.50 17.45 -38.78
C VAL A 316 13.85 16.63 -37.68
N PHE A 317 13.01 15.67 -38.05
CA PHE A 317 12.30 14.82 -37.09
C PHE A 317 12.75 13.37 -37.19
N ALA A 318 12.98 12.73 -36.05
CA ALA A 318 13.22 11.29 -35.97
C ALA A 318 11.90 10.52 -35.85
N GLN A 319 11.91 9.28 -36.34
CA GLN A 319 10.69 8.47 -36.38
C GLN A 319 10.25 8.12 -34.96
N GLY A 320 8.97 8.30 -34.67
CA GLY A 320 8.42 7.84 -33.41
C GLY A 320 8.52 8.85 -32.28
N GLN A 321 8.30 8.32 -31.07
CA GLN A 321 8.39 9.08 -29.83
C GLN A 321 9.25 8.45 -28.73
N LYS A 322 9.96 7.36 -29.01
CA LYS A 322 10.70 6.65 -27.98
C LYS A 322 12.16 7.10 -27.86
N ASN A 323 12.83 6.55 -26.83
CA ASN A 323 14.27 6.63 -26.63
C ASN A 323 14.78 8.03 -26.30
N ARG A 324 14.93 8.85 -27.35
CA ARG A 324 15.41 10.22 -27.38
C ARG A 324 16.91 10.31 -27.11
N VAL A 325 17.45 9.59 -26.11
CA VAL A 325 18.86 9.80 -25.83
C VAL A 325 19.67 9.29 -27.02
N LYS A 326 19.07 8.38 -27.79
CA LYS A 326 19.67 7.84 -29.02
C LYS A 326 18.52 7.40 -29.90
N PRO A 327 17.89 8.33 -30.62
CA PRO A 327 16.77 7.99 -31.51
C PRO A 327 17.21 7.07 -32.64
N PRO A 328 16.26 6.41 -33.30
CA PRO A 328 16.61 5.53 -34.43
C PRO A 328 17.05 6.37 -35.63
N LYS A 329 17.81 5.73 -36.53
CA LYS A 329 18.38 6.45 -37.68
C LYS A 329 17.33 7.10 -38.58
N GLU A 330 16.24 6.41 -38.90
CA GLU A 330 15.30 7.00 -39.85
C GLU A 330 14.81 8.38 -39.42
N SER A 331 15.09 9.35 -40.28
CA SER A 331 14.87 10.76 -40.02
C SER A 331 14.35 11.40 -41.30
N ALA A 332 13.69 12.55 -41.14
CA ALA A 332 13.10 13.27 -42.25
C ALA A 332 13.38 14.77 -42.15
N LEU A 333 13.52 15.42 -43.30
CA LEU A 333 13.71 16.87 -43.35
C LEU A 333 12.37 17.46 -43.80
N CYS A 334 11.64 18.03 -42.85
CA CYS A 334 10.31 18.58 -43.10
C CYS A 334 10.38 20.11 -43.10
N LEU A 335 9.31 20.73 -43.60
CA LEU A 335 9.26 22.18 -43.75
C LEU A 335 7.99 22.71 -43.09
N PHE A 336 8.13 23.79 -42.33
CA PHE A 336 7.02 24.54 -41.77
C PHE A 336 7.13 26.01 -42.17
N THR A 337 6.02 26.56 -42.69
CA THR A 337 5.95 27.97 -43.05
C THR A 337 5.53 28.89 -41.90
N LEU A 338 6.28 30.00 -41.75
CA LEU A 338 6.01 30.93 -40.66
C LEU A 338 4.58 31.42 -40.73
N ARG A 339 4.05 31.51 -41.95
CA ARG A 339 2.64 31.82 -42.16
C ARG A 339 1.76 30.79 -41.48
N ALA A 340 1.96 29.50 -41.79
CA ALA A 340 1.07 28.48 -41.26
C ALA A 340 1.16 28.41 -39.75
N ILE A 341 2.23 28.95 -39.18
CA ILE A 341 2.35 28.92 -37.72
C ILE A 341 1.67 30.13 -37.10
N LYS A 342 1.86 31.33 -37.65
CA LYS A 342 1.09 32.47 -37.17
C LYS A 342 -0.40 32.22 -37.36
N GLU A 343 -0.77 31.37 -38.33
CA GLU A 343 -2.18 31.06 -38.52
C GLU A 343 -2.68 30.10 -37.46
N LYS A 344 -1.99 28.97 -37.25
CA LYS A 344 -2.45 28.03 -36.23
C LYS A 344 -2.41 28.64 -34.83
N ILE A 345 -1.66 29.73 -34.65
CA ILE A 345 -1.71 30.46 -33.38
C ILE A 345 -2.95 31.34 -33.33
N LYS A 346 -3.07 32.29 -34.26
CA LYS A 346 -4.24 33.15 -34.26
C LYS A 346 -5.53 32.33 -34.34
N GLU A 347 -5.42 31.06 -34.74
CA GLU A 347 -6.55 30.13 -34.78
C GLU A 347 -6.81 29.46 -33.44
N ARG A 348 -5.79 29.19 -32.64
CA ARG A 348 -6.11 28.52 -31.38
C ARG A 348 -6.43 29.53 -30.29
N ILE A 349 -5.94 30.75 -30.45
CA ILE A 349 -6.27 31.82 -29.51
C ILE A 349 -7.43 32.67 -30.00
N GLN A 350 -7.81 32.57 -31.28
CA GLN A 350 -9.13 33.01 -31.67
C GLN A 350 -10.20 32.00 -31.29
N SER A 351 -9.93 30.69 -31.45
CA SER A 351 -10.86 29.66 -30.98
C SER A 351 -11.12 29.70 -29.46
N CYS A 352 -10.13 30.17 -28.68
CA CYS A 352 -10.31 30.33 -27.24
C CYS A 352 -11.06 31.59 -26.85
N TYR A 353 -10.66 32.73 -27.41
CA TYR A 353 -11.33 33.96 -27.03
C TYR A 353 -12.79 33.96 -27.51
N ARG A 354 -13.21 32.88 -28.18
CA ARG A 354 -14.59 32.57 -28.47
C ARG A 354 -15.22 31.63 -27.44
N GLY A 355 -14.44 31.06 -26.54
CA GLY A 355 -15.00 30.18 -25.54
C GLY A 355 -15.04 28.71 -25.92
N GLU A 356 -14.49 28.32 -27.08
CA GLU A 356 -14.50 26.93 -27.48
C GLU A 356 -13.28 26.22 -26.90
N GLY A 357 -13.48 24.96 -26.51
CA GLY A 357 -12.35 24.17 -26.07
C GLY A 357 -11.89 24.68 -24.72
N LYS A 358 -10.58 24.60 -24.51
CA LYS A 358 -9.96 24.92 -23.24
C LYS A 358 -8.46 24.97 -23.44
N LEU A 359 -7.79 25.74 -22.59
CA LEU A 359 -6.33 25.66 -22.55
C LEU A 359 -5.91 24.24 -22.21
N SER A 360 -4.94 23.73 -22.97
CA SER A 360 -4.57 22.31 -22.91
C SER A 360 -3.06 22.18 -22.79
N LEU A 361 -2.57 22.35 -21.57
CA LEU A 361 -1.16 22.15 -21.21
C LEU A 361 -1.23 21.26 -19.97
N PRO A 362 -1.27 19.94 -20.18
CA PRO A 362 -1.45 19.01 -19.05
C PRO A 362 -0.33 19.04 -18.02
N TRP A 363 0.85 19.52 -18.38
CA TRP A 363 2.00 19.60 -17.48
C TRP A 363 2.10 20.90 -16.68
N LEU A 364 1.61 21.99 -17.22
CA LEU A 364 1.75 23.31 -16.60
C LEU A 364 0.53 23.68 -15.78
N LEU A 365 -0.60 23.03 -16.01
CA LEU A 365 -1.83 23.51 -15.38
C LEU A 365 -2.48 22.49 -14.46
N ASN A 366 -2.31 21.19 -14.73
CA ASN A 366 -2.82 20.11 -13.91
C ASN A 366 -4.35 20.16 -13.98
N LYS A 367 -4.97 21.12 -13.31
CA LYS A 367 -6.42 21.17 -13.30
C LYS A 367 -6.93 21.85 -14.57
N GLU A 368 -7.81 21.16 -15.29
CA GLU A 368 -8.29 21.57 -16.61
C GLU A 368 -9.13 22.85 -16.56
N LEU A 369 -8.46 23.99 -16.57
CA LEU A 369 -9.21 25.23 -16.69
C LEU A 369 -9.73 25.33 -18.12
N GLY A 370 -10.92 25.91 -18.27
CA GLY A 370 -11.56 26.00 -19.56
C GLY A 370 -11.30 27.33 -20.23
N CYS A 371 -11.57 27.36 -21.53
CA CYS A 371 -11.44 28.60 -22.28
C CYS A 371 -12.59 29.53 -21.89
N ILE A 372 -12.28 30.81 -21.82
CA ILE A 372 -13.20 31.85 -21.37
C ILE A 372 -13.57 32.71 -22.57
N ASN A 373 -14.81 33.18 -22.59
CA ASN A 373 -15.26 33.99 -23.69
C ASN A 373 -14.72 35.41 -23.51
N SER A 374 -14.56 36.10 -24.63
CA SER A 374 -14.09 37.48 -24.60
C SER A 374 -14.42 38.18 -25.90
N PRO A 375 -14.85 39.43 -25.87
CA PRO A 375 -15.16 40.14 -27.11
C PRO A 375 -13.96 40.77 -27.79
N LEU A 376 -12.76 40.68 -27.21
CA LEU A 376 -11.58 41.27 -27.84
C LEU A 376 -11.23 40.51 -29.13
N GLN A 377 -10.88 41.26 -30.18
CA GLN A 377 -10.60 40.72 -31.51
C GLN A 377 -9.08 40.62 -31.68
N ILE A 378 -8.58 39.37 -31.82
CA ILE A 378 -7.13 39.14 -31.88
C ILE A 378 -6.53 39.63 -33.19
N ASP A 379 -5.35 40.25 -33.08
CA ASP A 379 -4.51 40.67 -34.21
C ASP A 379 -3.57 39.55 -34.66
N ASP A 380 -2.57 39.92 -35.46
CA ASP A 380 -1.36 39.11 -35.58
C ASP A 380 -0.40 39.40 -34.43
N ASP A 381 -0.43 40.63 -33.91
CA ASP A 381 0.45 41.07 -32.82
C ASP A 381 -0.38 41.26 -31.55
N PHE A 382 -0.89 40.15 -31.03
CA PHE A 382 -1.59 40.15 -29.75
C PHE A 382 -0.72 39.39 -28.75
N CYS A 383 -0.34 40.07 -27.68
CA CYS A 383 0.64 39.56 -26.74
C CYS A 383 0.01 39.13 -25.42
N GLY A 384 -1.16 38.49 -25.51
CA GLY A 384 -1.81 37.83 -24.39
C GLY A 384 -2.46 38.73 -23.36
N GLN A 385 -3.35 38.15 -22.55
CA GLN A 385 -3.93 38.84 -21.40
C GLN A 385 -4.09 37.84 -20.26
N ASP A 386 -4.52 38.35 -19.10
CA ASP A 386 -4.49 37.56 -17.87
C ASP A 386 -5.33 36.29 -17.85
N PHE A 387 -6.11 35.98 -18.88
CA PHE A 387 -6.88 34.75 -18.92
C PHE A 387 -6.61 34.03 -20.24
N ASN A 388 -6.94 32.73 -20.27
CA ASN A 388 -6.76 31.93 -21.48
C ASN A 388 -5.29 31.90 -21.87
N GLN A 389 -4.46 31.65 -20.87
CA GLN A 389 -3.02 31.52 -21.02
C GLN A 389 -2.49 30.87 -19.76
N PRO A 390 -1.44 30.06 -19.86
CA PRO A 390 -0.74 29.74 -21.11
C PRO A 390 -1.60 28.81 -21.96
N LEU A 391 -1.59 28.97 -23.28
CA LEU A 391 -2.57 28.30 -24.12
C LEU A 391 -1.91 27.10 -24.79
N GLY A 392 -2.63 25.98 -24.80
CA GLY A 392 -2.12 24.72 -25.28
C GLY A 392 -2.32 24.50 -26.77
N GLY A 393 -1.96 23.29 -27.19
CA GLY A 393 -2.12 22.88 -28.56
C GLY A 393 -2.88 21.58 -28.70
N THR A 394 -3.92 21.61 -29.53
CA THR A 394 -4.90 20.55 -29.75
C THR A 394 -4.52 19.69 -30.95
N VAL A 395 -4.23 20.33 -32.09
CA VAL A 395 -3.89 19.60 -33.30
C VAL A 395 -2.39 19.72 -33.54
N THR A 396 -1.76 18.56 -33.74
CA THR A 396 -0.35 18.54 -34.05
C THR A 396 -0.13 19.22 -35.39
N ILE A 397 0.69 20.26 -35.41
CA ILE A 397 1.02 20.91 -36.66
C ILE A 397 1.81 19.93 -37.53
N GLU A 398 1.34 19.74 -38.75
CA GLU A 398 1.94 18.81 -39.69
C GLU A 398 2.88 19.55 -40.62
N GLY A 399 4.00 18.90 -40.97
CA GLY A 399 4.98 19.50 -41.84
C GLY A 399 5.05 18.89 -43.22
N THR A 400 5.74 19.61 -44.10
CA THR A 400 5.91 19.21 -45.50
C THR A 400 7.23 18.46 -45.66
N PRO A 401 7.21 17.16 -45.97
CA PRO A 401 8.45 16.40 -46.11
C PRO A 401 9.26 16.76 -47.35
N LEU A 402 10.57 16.90 -47.17
CA LEU A 402 11.45 17.15 -48.32
C LEU A 402 12.38 15.99 -48.63
N PHE A 403 12.83 15.24 -47.63
CA PHE A 403 13.79 14.17 -47.88
C PHE A 403 13.79 13.19 -46.72
N VAL A 404 13.79 11.89 -47.02
CA VAL A 404 13.91 10.86 -45.99
C VAL A 404 15.06 9.96 -46.43
N ASP A 405 15.80 9.46 -45.44
CA ASP A 405 16.95 8.57 -45.62
C ASP A 405 16.96 7.44 -44.59
N LYS A 406 16.92 6.16 -45.03
CA LYS A 406 16.89 5.11 -44.00
C LYS A 406 18.22 4.44 -43.68
N ASP A 407 19.26 4.60 -44.49
CA ASP A 407 20.49 3.87 -44.22
C ASP A 407 21.38 4.68 -43.27
N ASP A 408 21.59 5.96 -43.58
CA ASP A 408 22.53 6.81 -42.84
C ASP A 408 21.83 8.06 -42.29
N GLY A 409 21.61 8.08 -40.97
CA GLY A 409 20.70 9.04 -40.38
C GLY A 409 21.16 10.49 -40.53
N LEU A 410 20.17 11.38 -40.64
CA LEU A 410 20.39 12.82 -40.65
C LEU A 410 20.48 13.40 -39.24
N THR A 411 21.37 14.40 -39.07
CA THR A 411 21.65 14.96 -37.75
C THR A 411 21.63 16.48 -37.64
N ALA A 412 21.76 17.23 -38.74
CA ALA A 412 21.87 18.68 -38.64
C ALA A 412 21.34 19.33 -39.91
N VAL A 413 21.07 20.64 -39.84
CA VAL A 413 20.45 21.35 -40.93
C VAL A 413 20.86 22.82 -40.95
N ALA A 414 20.75 23.41 -42.13
CA ALA A 414 21.02 24.81 -42.43
C ALA A 414 20.55 25.03 -43.87
N ALA A 415 20.46 26.29 -44.27
CA ALA A 415 19.98 26.61 -45.61
C ALA A 415 20.29 28.07 -45.90
N TYR A 416 20.13 28.44 -47.16
CA TYR A 416 20.21 29.83 -47.59
C TYR A 416 19.65 29.91 -49.02
N ASP A 417 19.79 31.07 -49.64
CA ASP A 417 19.37 31.29 -51.01
C ASP A 417 20.55 31.76 -51.86
N TYR A 418 20.49 31.42 -53.14
CA TYR A 418 21.47 31.88 -54.12
C TYR A 418 20.72 32.38 -55.35
N ARG A 419 20.79 33.70 -55.56
CA ARG A 419 20.25 34.37 -56.73
C ARG A 419 18.89 33.75 -57.04
N GLY A 420 18.03 33.76 -56.02
CA GLY A 420 16.72 33.13 -56.06
C GLY A 420 16.67 31.66 -55.59
N ARG A 421 17.52 30.77 -56.11
CA ARG A 421 17.45 29.34 -55.75
C ARG A 421 17.66 29.08 -54.25
N THR A 422 17.05 27.99 -53.79
CA THR A 422 16.94 27.62 -52.37
C THR A 422 17.70 26.32 -52.10
N VAL A 423 18.80 26.43 -51.35
CA VAL A 423 19.77 25.35 -51.12
C VAL A 423 19.65 24.89 -49.67
N VAL A 424 19.74 23.58 -49.45
CA VAL A 424 19.61 22.99 -48.11
C VAL A 424 20.82 22.12 -47.84
N PHE A 425 21.54 22.42 -46.75
CA PHE A 425 22.68 21.63 -46.28
C PHE A 425 22.27 20.74 -45.10
N ALA A 426 22.57 19.43 -45.19
CA ALA A 426 22.14 18.47 -44.18
C ALA A 426 23.28 17.54 -43.73
N GLY A 427 23.63 17.60 -42.45
CA GLY A 427 24.66 16.73 -41.90
C GLY A 427 24.15 15.32 -41.59
N THR A 428 25.06 14.35 -41.57
CA THR A 428 24.71 12.95 -41.37
C THR A 428 25.45 12.37 -40.16
N ARG A 429 24.98 11.20 -39.70
CA ARG A 429 25.69 10.52 -38.61
C ARG A 429 27.01 9.94 -39.08
N SER A 430 27.11 9.61 -40.37
CA SER A 430 28.37 9.14 -40.96
C SER A 430 29.39 10.26 -41.11
N GLY A 431 28.97 11.52 -40.92
CA GLY A 431 29.85 12.65 -41.11
C GLY A 431 29.79 13.35 -42.45
N ARG A 432 28.84 13.03 -43.32
CA ARG A 432 28.76 13.73 -44.59
C ARG A 432 27.84 14.94 -44.49
N ILE A 433 27.87 15.79 -45.53
CA ILE A 433 27.02 16.98 -45.60
C ILE A 433 26.39 17.04 -47.00
N ARG A 434 25.19 16.49 -47.15
CA ARG A 434 24.51 16.49 -48.45
C ARG A 434 23.99 17.88 -48.83
N LYS A 435 24.23 18.27 -50.08
CA LYS A 435 23.73 19.54 -50.62
C LYS A 435 22.41 19.26 -51.33
N ILE A 436 21.31 19.79 -50.79
CA ILE A 436 19.95 19.52 -51.27
C ILE A 436 19.37 20.73 -52.01
N LEU A 437 18.76 20.48 -53.17
CA LEU A 437 17.99 21.49 -53.90
C LEU A 437 16.51 21.15 -53.78
N VAL A 438 15.72 22.10 -53.26
CA VAL A 438 14.27 21.95 -53.06
C VAL A 438 13.46 22.69 -54.13
N ASP A 439 12.58 21.97 -54.85
CA ASP A 439 11.66 22.57 -55.81
C ASP A 439 10.41 21.70 -55.90
N LEU A 440 9.21 22.33 -55.90
CA LEU A 440 7.99 21.52 -56.00
C LEU A 440 7.51 21.24 -57.44
N SER A 441 7.94 22.04 -58.41
CA SER A 441 7.54 21.88 -59.82
C SER A 441 8.52 21.00 -60.60
N ASN A 442 9.24 20.12 -59.92
CA ASN A 442 10.14 19.16 -60.56
C ASN A 442 9.49 17.98 -61.27
N PRO A 443 9.76 17.78 -62.57
CA PRO A 443 9.07 16.74 -63.36
C PRO A 443 9.30 15.33 -62.84
N GLY A 444 9.29 15.19 -61.51
CA GLY A 444 9.47 13.94 -60.81
C GLY A 444 8.41 13.92 -59.72
N GLY A 445 7.81 15.09 -59.50
CA GLY A 445 6.86 15.29 -58.43
C GLY A 445 7.53 15.66 -57.12
N ARG A 446 8.39 14.76 -56.64
CA ARG A 446 9.25 14.88 -55.46
C ARG A 446 9.84 16.28 -55.30
N PRO A 447 9.98 16.76 -54.05
CA PRO A 447 10.40 18.14 -53.85
C PRO A 447 11.90 18.37 -53.65
N ALA A 448 12.68 17.32 -53.38
CA ALA A 448 14.09 17.54 -53.08
C ALA A 448 14.98 16.46 -53.70
N LEU A 449 16.14 16.89 -54.18
CA LEU A 449 17.15 16.04 -54.80
C LEU A 449 18.47 16.20 -54.04
N ALA A 450 19.07 15.08 -53.62
CA ALA A 450 20.36 15.11 -52.95
C ALA A 450 21.46 15.06 -54.01
N TYR A 451 21.96 16.23 -54.39
CA TYR A 451 22.86 16.37 -55.54
C TYR A 451 24.34 16.24 -55.19
N GLU A 452 24.71 16.04 -53.93
CA GLU A 452 26.11 15.91 -53.57
C GLU A 452 26.23 15.31 -52.19
N SER A 453 27.42 14.76 -51.89
CA SER A 453 27.67 14.14 -50.60
C SER A 453 29.14 14.30 -50.23
N VAL A 454 29.49 15.52 -49.79
CA VAL A 454 30.83 15.79 -49.30
C VAL A 454 31.02 15.07 -47.97
N VAL A 455 32.24 14.60 -47.72
CA VAL A 455 32.57 13.91 -46.47
C VAL A 455 33.44 14.84 -45.64
N ALA A 456 32.93 15.27 -44.48
CA ALA A 456 33.71 16.17 -43.65
C ALA A 456 34.60 15.43 -42.65
N GLN A 457 34.12 14.30 -42.13
CA GLN A 457 34.95 13.41 -41.32
C GLN A 457 34.22 12.08 -41.11
N GLU A 458 34.70 11.02 -41.75
CA GLU A 458 34.03 9.72 -41.67
C GLU A 458 33.97 9.24 -40.22
N GLY A 459 32.81 8.74 -39.83
CA GLY A 459 32.65 8.11 -38.53
C GLY A 459 32.34 9.01 -37.36
N SER A 460 31.93 10.26 -37.59
CA SER A 460 31.62 11.14 -36.49
C SER A 460 30.36 11.95 -36.80
N PRO A 461 29.33 11.85 -35.97
CA PRO A 461 28.09 12.61 -36.23
C PRO A 461 28.34 14.10 -36.24
N ILE A 462 27.77 14.78 -37.25
CA ILE A 462 27.81 16.24 -37.30
C ILE A 462 27.00 16.80 -36.13
N LEU A 463 27.49 17.90 -35.56
CA LEU A 463 26.77 18.59 -34.50
C LEU A 463 25.86 19.66 -35.08
N ARG A 464 24.79 19.96 -34.34
CA ARG A 464 23.64 20.66 -34.89
C ARG A 464 23.94 22.11 -35.28
N ASP A 465 24.92 22.74 -34.64
CA ASP A 465 25.44 24.02 -35.09
C ASP A 465 26.19 23.94 -36.42
N LEU A 466 25.74 24.72 -37.42
CA LEU A 466 26.20 24.56 -38.79
C LEU A 466 25.95 25.81 -39.63
N VAL A 467 26.70 26.88 -39.38
CA VAL A 467 26.40 28.19 -39.94
C VAL A 467 27.46 28.54 -40.99
N LEU A 468 27.11 29.47 -41.87
CA LEU A 468 28.00 29.93 -42.92
C LEU A 468 28.80 31.14 -42.47
N SER A 469 29.93 31.34 -43.14
CA SER A 469 30.65 32.60 -43.06
C SER A 469 29.78 33.75 -43.53
N PRO A 470 30.15 35.01 -43.21
CA PRO A 470 29.37 36.15 -43.70
C PRO A 470 29.26 36.22 -45.22
N ASN A 471 30.32 35.91 -45.96
CA ASN A 471 30.23 36.00 -47.41
C ASN A 471 29.50 34.80 -48.01
N HIS A 472 28.91 33.97 -47.15
CA HIS A 472 28.13 32.79 -47.53
C HIS A 472 28.93 31.83 -48.41
N GLN A 473 30.25 31.95 -48.40
CA GLN A 473 31.11 31.17 -49.28
C GLN A 473 31.44 29.80 -48.70
N TYR A 474 31.74 29.74 -47.40
CA TYR A 474 32.07 28.49 -46.74
C TYR A 474 31.07 28.21 -45.63
N LEU A 475 30.92 26.93 -45.30
CA LEU A 475 30.11 26.49 -44.18
C LEU A 475 31.01 25.73 -43.22
N TYR A 476 31.13 26.26 -42.00
CA TYR A 476 31.98 25.64 -40.98
C TYR A 476 31.21 24.47 -40.37
N ALA A 477 31.70 23.25 -40.62
CA ALA A 477 31.07 22.01 -40.17
C ALA A 477 31.86 21.38 -39.04
N MET A 478 31.26 21.35 -37.85
CA MET A 478 31.91 20.91 -36.63
C MET A 478 31.48 19.50 -36.27
N THR A 479 32.44 18.65 -35.93
CA THR A 479 32.21 17.34 -35.35
C THR A 479 32.65 17.37 -33.89
N GLU A 480 32.55 16.22 -33.22
CA GLU A 480 33.05 16.17 -31.85
C GLU A 480 34.56 16.38 -31.83
N LYS A 481 35.26 15.84 -32.83
CA LYS A 481 36.72 15.88 -32.87
C LYS A 481 37.31 17.10 -33.56
N GLN A 482 36.62 17.69 -34.53
CA GLN A 482 37.24 18.74 -35.33
C GLN A 482 36.18 19.56 -36.05
N VAL A 483 36.60 20.75 -36.51
CA VAL A 483 35.82 21.56 -37.43
C VAL A 483 36.39 21.37 -38.83
N THR A 484 35.55 21.57 -39.86
CA THR A 484 35.94 21.31 -41.24
C THR A 484 35.30 22.37 -42.14
N ARG A 485 36.09 23.35 -42.57
CA ARG A 485 35.62 24.39 -43.49
C ARG A 485 35.39 23.79 -44.88
N VAL A 486 34.14 23.42 -45.16
CA VAL A 486 33.80 22.80 -46.45
C VAL A 486 33.32 23.90 -47.40
N PRO A 487 33.84 23.99 -48.63
CA PRO A 487 33.40 25.04 -49.55
C PRO A 487 32.03 24.71 -50.14
N VAL A 488 31.12 25.68 -50.06
CA VAL A 488 29.79 25.57 -50.65
C VAL A 488 29.87 25.34 -52.16
N GLU A 489 30.44 26.32 -52.86
CA GLU A 489 30.69 26.22 -54.30
C GLU A 489 31.95 25.40 -54.56
N SER A 490 31.77 24.07 -54.56
CA SER A 490 32.85 23.15 -54.89
C SER A 490 32.86 22.82 -56.36
N CYS A 491 32.70 23.86 -57.18
CA CYS A 491 32.48 23.71 -58.61
C CYS A 491 33.74 23.21 -59.34
N VAL A 492 34.92 23.54 -58.80
CA VAL A 492 36.19 23.23 -59.49
C VAL A 492 36.38 21.74 -59.77
N GLN A 493 35.75 20.85 -59.01
CA GLN A 493 36.05 19.44 -59.23
C GLN A 493 35.61 18.95 -60.61
N TYR A 494 34.65 19.63 -61.24
CA TYR A 494 34.15 19.24 -62.56
C TYR A 494 34.91 19.90 -63.71
N THR A 495 35.32 19.09 -64.67
CA THR A 495 36.28 19.41 -65.70
C THR A 495 35.68 19.83 -67.04
N SER A 496 34.50 19.32 -67.42
CA SER A 496 33.87 19.64 -68.70
C SER A 496 32.43 20.12 -68.54
N CYS A 497 32.00 20.99 -69.48
CA CYS A 497 30.61 21.47 -69.54
C CYS A 497 29.60 20.33 -69.42
N GLU A 498 29.88 19.17 -70.04
CA GLU A 498 28.88 18.11 -70.10
C GLU A 498 28.47 17.58 -68.73
N LEU A 499 29.36 17.63 -67.74
CA LEU A 499 29.00 17.18 -66.40
C LEU A 499 29.06 18.26 -65.33
N CYS A 500 29.53 19.47 -65.66
CA CYS A 500 29.42 20.57 -64.73
C CYS A 500 27.97 20.98 -64.53
N LEU A 501 27.25 21.23 -65.62
CA LEU A 501 25.82 21.54 -65.54
C LEU A 501 24.93 20.30 -65.37
N GLY A 502 25.40 19.10 -65.72
CA GLY A 502 24.63 17.90 -65.50
C GLY A 502 24.56 17.38 -64.07
N SER A 503 25.41 17.89 -63.19
CA SER A 503 25.36 17.51 -61.78
C SER A 503 24.17 18.14 -61.05
N ARG A 504 23.63 19.25 -61.57
CA ARG A 504 22.54 20.00 -60.95
C ARG A 504 22.98 20.69 -59.65
N ASP A 505 24.10 21.42 -59.73
CA ASP A 505 24.49 22.26 -58.62
C ASP A 505 24.04 23.67 -58.96
N PRO A 506 23.22 24.31 -58.12
CA PRO A 506 22.69 25.62 -58.48
C PRO A 506 23.74 26.71 -58.62
N HIS A 507 24.89 26.56 -57.95
CA HIS A 507 25.91 27.60 -58.04
C HIS A 507 26.80 27.43 -59.26
N CYS A 508 26.80 26.26 -59.89
CA CYS A 508 27.82 25.89 -60.86
C CYS A 508 27.28 26.18 -62.24
N GLY A 509 28.04 26.95 -63.02
CA GLY A 509 27.82 27.04 -64.44
C GLY A 509 29.16 26.95 -65.15
N TRP A 510 29.10 26.89 -66.46
CA TRP A 510 30.31 26.69 -67.25
C TRP A 510 30.68 28.06 -67.82
N CYS A 511 31.82 28.59 -67.40
CA CYS A 511 32.40 29.78 -68.01
C CYS A 511 33.02 29.36 -69.31
N VAL A 512 32.28 29.55 -70.40
CA VAL A 512 32.60 28.88 -71.66
C VAL A 512 33.97 29.32 -72.13
N LEU A 513 34.28 30.60 -72.04
CA LEU A 513 35.52 31.09 -72.63
C LEU A 513 36.74 30.79 -71.75
N HIS A 514 36.57 30.49 -70.46
CA HIS A 514 37.69 30.05 -69.64
C HIS A 514 37.80 28.54 -69.45
N SER A 515 36.85 27.76 -69.97
CA SER A 515 36.86 26.29 -69.86
C SER A 515 37.04 25.80 -68.43
N ILE A 516 36.21 26.29 -67.51
CA ILE A 516 36.29 25.92 -66.10
C ILE A 516 34.89 25.92 -65.53
N CYS A 517 34.66 25.09 -64.51
CA CYS A 517 33.35 25.00 -63.86
C CYS A 517 33.46 25.78 -62.56
N SER A 518 32.71 26.88 -62.45
CA SER A 518 32.86 27.82 -61.35
C SER A 518 31.54 28.52 -61.08
N ARG A 519 31.57 29.52 -60.17
CA ARG A 519 30.41 30.36 -59.83
C ARG A 519 30.22 31.45 -60.85
N ARG A 520 28.99 31.96 -60.89
CA ARG A 520 28.58 32.95 -61.88
C ARG A 520 29.42 34.23 -61.84
N ASP A 521 29.47 34.93 -60.69
CA ASP A 521 30.31 36.12 -60.60
C ASP A 521 31.80 35.86 -60.79
N ALA A 522 32.26 34.61 -60.78
CA ALA A 522 33.68 34.37 -61.01
C ALA A 522 34.01 34.32 -62.50
N CYS A 523 33.02 34.19 -63.38
CA CYS A 523 33.24 34.16 -64.81
C CYS A 523 33.27 35.60 -65.27
N GLU A 524 34.39 36.03 -65.88
CA GLU A 524 34.53 37.40 -66.34
C GLU A 524 33.49 37.80 -67.36
N ARG A 525 32.83 38.95 -67.12
CA ARG A 525 31.87 39.53 -68.06
C ARG A 525 30.70 38.60 -68.36
N ALA A 526 30.30 37.79 -67.39
CA ALA A 526 29.27 36.77 -67.57
C ALA A 526 27.87 37.35 -67.77
N ASP A 527 27.68 38.65 -67.56
CA ASP A 527 26.37 39.25 -67.81
C ASP A 527 26.07 39.44 -69.30
N GLU A 528 27.09 39.63 -70.12
CA GLU A 528 26.85 39.75 -71.55
C GLU A 528 26.30 38.43 -72.10
N PRO A 529 25.53 38.47 -73.20
CA PRO A 529 24.85 37.27 -73.65
C PRO A 529 25.85 36.22 -74.13
N GLN A 530 25.51 34.95 -73.87
CA GLN A 530 26.26 33.78 -74.31
C GLN A 530 27.62 33.59 -73.61
N ARG A 531 27.77 34.11 -72.39
CA ARG A 531 29.03 33.93 -71.65
C ARG A 531 28.96 32.92 -70.52
N PHE A 532 27.78 32.70 -69.96
CA PHE A 532 27.60 31.76 -68.87
C PHE A 532 26.59 30.73 -69.38
N ALA A 533 26.70 29.50 -68.88
CA ALA A 533 25.89 28.39 -69.36
C ALA A 533 24.90 27.91 -68.30
N ALA A 534 23.60 28.18 -68.53
CA ALA A 534 22.53 27.78 -67.62
C ALA A 534 21.93 26.39 -67.82
N ASP A 535 21.31 26.13 -68.98
CA ASP A 535 20.66 24.85 -69.28
C ASP A 535 21.60 23.82 -69.92
N LEU A 536 21.34 22.55 -69.60
CA LEU A 536 22.14 21.45 -70.15
C LEU A 536 22.20 21.49 -71.67
N LEU A 537 21.05 21.71 -72.32
CA LEU A 537 20.99 21.79 -73.79
C LEU A 537 21.61 23.10 -74.28
N GLN A 538 22.64 23.62 -73.58
CA GLN A 538 23.30 24.83 -74.06
C GLN A 538 24.83 24.75 -74.01
N CYS A 539 25.40 23.55 -73.98
CA CYS A 539 26.85 23.41 -74.00
C CYS A 539 27.30 23.85 -75.40
N VAL A 540 28.55 24.34 -75.48
CA VAL A 540 29.09 24.83 -76.75
C VAL A 540 29.12 23.72 -77.80
N GLN A 541 28.65 24.07 -79.01
CA GLN A 541 28.60 23.15 -80.14
C GLN A 541 29.32 23.74 -81.34
N LEU A 542 30.06 22.88 -82.03
CA LEU A 542 30.91 23.25 -83.15
C LEU A 542 30.67 22.23 -84.25
N THR A 543 30.60 22.71 -85.50
CA THR A 543 30.45 21.83 -86.66
C THR A 543 31.44 22.26 -87.73
N VAL A 544 31.87 21.32 -88.56
CA VAL A 544 32.87 21.61 -89.57
C VAL A 544 32.37 21.17 -90.94
N GLN A 545 32.70 21.97 -91.95
CA GLN A 545 32.50 21.62 -93.36
C GLN A 545 33.79 21.85 -94.12
N PRO A 546 34.45 20.79 -94.60
CA PRO A 546 33.98 19.42 -94.39
C PRO A 546 34.59 18.81 -93.15
N ARG A 547 34.02 17.70 -92.65
CA ARG A 547 34.58 17.08 -91.47
C ARG A 547 35.79 16.23 -91.83
N ASN A 548 35.84 15.73 -93.06
CA ASN A 548 36.91 14.82 -93.46
C ASN A 548 37.62 15.38 -94.69
N VAL A 549 38.95 15.23 -94.70
CA VAL A 549 39.79 15.54 -95.86
C VAL A 549 40.88 14.48 -95.98
N SER A 550 41.22 14.14 -97.22
CA SER A 550 42.26 13.16 -97.50
C SER A 550 43.64 13.78 -97.24
N VAL A 551 44.59 12.95 -96.79
CA VAL A 551 45.95 13.44 -96.55
C VAL A 551 46.54 14.08 -97.81
N THR A 552 46.00 13.74 -98.98
CA THR A 552 46.49 14.35 -100.22
C THR A 552 46.18 15.85 -100.31
N MET A 553 45.14 16.33 -99.65
CA MET A 553 44.83 17.76 -99.74
C MET A 553 45.68 18.58 -98.77
N SER A 554 45.78 19.88 -99.07
CA SER A 554 46.52 20.81 -98.21
C SER A 554 45.77 22.12 -98.06
N GLN A 555 45.67 22.61 -96.83
CA GLN A 555 45.17 23.96 -96.50
C GLN A 555 43.83 24.26 -97.17
N VAL A 556 42.95 23.28 -97.22
CA VAL A 556 41.62 23.52 -97.82
C VAL A 556 40.79 24.40 -96.89
N PRO A 557 40.09 25.41 -97.40
CA PRO A 557 39.32 26.29 -96.49
C PRO A 557 38.13 25.53 -95.92
N LEU A 558 38.07 25.43 -94.61
CA LEU A 558 36.93 24.91 -93.86
C LEU A 558 36.02 26.04 -93.39
N VAL A 559 34.76 25.71 -93.15
CA VAL A 559 33.84 26.65 -92.54
C VAL A 559 33.14 25.99 -91.36
N LEU A 560 33.30 26.60 -90.18
CA LEU A 560 32.82 26.10 -88.91
C LEU A 560 31.72 27.00 -88.38
N GLN A 561 30.67 26.39 -87.84
CA GLN A 561 29.56 27.13 -87.25
C GLN A 561 29.49 26.75 -85.78
N ALA A 562 29.75 27.72 -84.91
CA ALA A 562 29.77 27.52 -83.47
C ALA A 562 28.45 28.02 -82.92
N TRP A 563 27.91 27.31 -81.95
CA TRP A 563 26.62 27.63 -81.39
C TRP A 563 26.77 27.80 -79.89
N ASN A 564 26.04 28.75 -79.32
CA ASN A 564 26.10 29.07 -77.89
C ASN A 564 27.50 29.54 -77.48
N VAL A 565 27.95 30.58 -78.17
CA VAL A 565 29.23 31.24 -77.89
C VAL A 565 29.01 32.73 -77.94
N PRO A 566 29.76 33.49 -77.13
CA PRO A 566 29.50 34.94 -77.12
C PRO A 566 29.95 35.65 -78.38
N ASP A 567 29.94 36.98 -78.32
CA ASP A 567 30.43 37.79 -79.43
C ASP A 567 31.93 37.55 -79.47
N LEU A 568 32.39 36.72 -80.39
CA LEU A 568 33.81 36.41 -80.49
C LEU A 568 34.64 37.48 -81.18
N SER A 569 34.06 38.63 -81.55
CA SER A 569 34.88 39.62 -82.23
C SER A 569 36.13 39.98 -81.43
N ALA A 570 36.22 39.51 -80.18
CA ALA A 570 37.46 39.65 -79.42
C ALA A 570 38.56 38.90 -80.15
N GLY A 571 38.19 37.87 -80.91
CA GLY A 571 39.12 37.05 -81.64
C GLY A 571 39.20 35.58 -81.26
N VAL A 572 39.37 34.72 -82.26
CA VAL A 572 39.38 33.28 -82.02
C VAL A 572 40.36 32.66 -83.03
N ASN A 573 41.11 31.67 -82.54
CA ASN A 573 42.07 30.89 -83.31
C ASN A 573 41.57 29.47 -83.54
N CYS A 574 41.99 28.88 -84.65
CA CYS A 574 41.79 27.45 -84.86
C CYS A 574 43.06 26.73 -84.44
N SER A 575 42.98 25.95 -83.37
CA SER A 575 44.13 25.19 -82.90
C SER A 575 43.81 23.72 -83.11
N PHE A 576 44.59 23.06 -83.96
CA PHE A 576 44.46 21.62 -84.17
C PHE A 576 45.32 20.90 -83.14
N GLU A 577 44.66 20.48 -82.05
CA GLU A 577 45.29 20.00 -80.82
C GLU A 577 46.51 20.84 -80.47
N ASP A 578 47.72 20.27 -80.53
CA ASP A 578 48.95 21.02 -80.29
C ASP A 578 49.94 20.83 -81.42
N PHE A 579 49.50 21.06 -82.65
CA PHE A 579 50.39 20.96 -83.79
C PHE A 579 50.41 22.22 -84.64
N THR A 580 49.26 22.87 -84.74
CA THR A 580 49.08 24.12 -85.45
C THR A 580 48.34 25.10 -84.56
N GLU A 581 48.47 26.38 -84.90
CA GLU A 581 47.63 27.41 -84.32
C GLU A 581 47.35 28.38 -85.46
N SER A 582 46.38 28.01 -86.28
CA SER A 582 45.96 28.89 -87.36
C SER A 582 45.10 29.99 -86.75
N GLU A 583 45.30 31.21 -87.22
CA GLU A 583 44.43 32.31 -86.84
C GLU A 583 43.27 32.43 -87.83
N SER A 584 42.10 32.72 -87.29
CA SER A 584 40.84 32.59 -88.00
C SER A 584 40.25 33.98 -88.26
N VAL A 585 39.21 33.99 -89.09
CA VAL A 585 38.49 35.20 -89.44
C VAL A 585 37.01 34.90 -89.21
N LEU A 586 36.23 35.95 -88.95
CA LEU A 586 34.86 35.80 -88.51
C LEU A 586 33.90 36.48 -89.47
N GLU A 587 32.86 35.75 -89.88
CA GLU A 587 31.87 36.32 -90.76
C GLU A 587 30.52 35.77 -90.34
N ASP A 588 29.52 36.66 -90.23
CA ASP A 588 28.20 36.25 -89.77
C ASP A 588 28.27 35.41 -88.49
N GLY A 589 27.73 34.19 -88.54
CA GLY A 589 27.83 33.26 -87.43
C GLY A 589 28.76 32.06 -87.58
N ARG A 590 29.78 32.20 -88.42
CA ARG A 590 30.63 31.09 -88.85
C ARG A 590 32.09 31.49 -88.71
N ILE A 591 32.95 30.51 -88.43
CA ILE A 591 34.35 30.76 -88.15
C ILE A 591 35.14 30.14 -89.30
N HIS A 592 35.74 31.00 -90.12
CA HIS A 592 36.59 30.57 -91.21
C HIS A 592 38.04 30.49 -90.76
N CYS A 593 38.72 29.42 -91.16
CA CYS A 593 40.17 29.27 -90.97
C CYS A 593 40.65 28.16 -91.91
N ARG A 594 41.96 27.89 -91.87
CA ARG A 594 42.60 27.03 -92.86
C ARG A 594 42.95 25.69 -92.24
N SER A 595 42.78 24.62 -93.02
CA SER A 595 43.30 23.32 -92.66
C SER A 595 44.83 23.33 -92.63
N PRO A 596 45.45 22.35 -91.97
CA PRO A 596 46.91 22.23 -92.05
C PRO A 596 47.44 21.87 -93.43
N SER A 597 48.67 22.29 -93.67
CA SER A 597 49.45 21.87 -94.83
C SER A 597 49.96 20.44 -94.64
N ALA A 598 50.03 19.70 -95.75
CA ALA A 598 50.40 18.28 -95.64
C ALA A 598 51.76 18.09 -94.99
N ARG A 599 52.61 19.13 -95.00
CA ARG A 599 53.84 19.10 -94.18
C ARG A 599 53.53 19.00 -92.70
N GLU A 600 52.48 19.66 -92.25
CA GLU A 600 52.12 19.54 -90.85
C GLU A 600 51.43 18.21 -90.61
N VAL A 601 50.63 17.78 -91.58
CA VAL A 601 49.88 16.53 -91.45
C VAL A 601 50.78 15.30 -91.45
N ALA A 602 51.96 15.38 -92.09
CA ALA A 602 52.79 14.19 -92.33
C ALA A 602 53.15 13.39 -91.08
N PRO A 603 53.76 13.96 -90.03
CA PRO A 603 54.07 13.14 -88.84
C PRO A 603 52.83 12.68 -88.09
N ILE A 604 51.70 13.38 -88.28
CA ILE A 604 50.42 13.01 -87.66
C ILE A 604 49.96 11.64 -88.12
N THR A 605 49.99 11.36 -89.42
CA THR A 605 49.46 10.09 -89.89
C THR A 605 50.54 9.02 -90.00
N ARG A 606 51.81 9.40 -89.87
CA ARG A 606 52.95 8.52 -89.86
C ARG A 606 52.79 7.49 -88.73
N GLY A 607 52.28 6.30 -89.02
CA GLY A 607 52.16 5.37 -87.91
C GLY A 607 50.78 4.82 -87.63
N GLN A 608 49.75 5.69 -87.68
CA GLN A 608 48.41 5.27 -87.28
C GLN A 608 47.84 4.18 -88.19
N GLY A 609 47.70 4.47 -89.48
CA GLY A 609 47.48 3.40 -90.43
C GLY A 609 46.36 3.66 -91.42
N ASP A 610 45.11 3.68 -90.96
CA ASP A 610 43.96 3.78 -91.86
C ASP A 610 43.37 5.18 -91.85
N GLN A 611 43.28 5.82 -90.68
CA GLN A 611 42.80 7.19 -90.54
C GLN A 611 43.11 7.65 -89.13
N ARG A 612 43.10 8.97 -88.92
CA ARG A 612 43.28 9.52 -87.57
C ARG A 612 42.31 10.70 -87.38
N VAL A 613 41.55 10.68 -86.28
CA VAL A 613 40.69 11.78 -85.83
C VAL A 613 41.46 12.74 -84.92
N VAL A 614 41.26 14.05 -85.13
CA VAL A 614 41.94 15.10 -84.37
C VAL A 614 40.96 16.19 -83.95
N LYS A 615 41.14 16.69 -82.73
CA LYS A 615 40.23 17.66 -82.10
C LYS A 615 40.48 19.06 -82.63
N LEU A 616 39.47 19.64 -83.27
CA LEU A 616 39.51 21.02 -83.75
C LEU A 616 38.98 21.96 -82.67
N TYR A 617 39.89 22.64 -81.97
CA TYR A 617 39.50 23.52 -80.88
C TYR A 617 39.31 24.94 -81.39
N LEU A 618 38.67 25.76 -80.56
CA LEU A 618 38.59 27.19 -80.77
C LEU A 618 39.27 27.88 -79.60
N LYS A 619 40.44 28.43 -79.86
CA LYS A 619 41.23 29.22 -78.92
C LYS A 619 40.85 30.68 -79.07
N SER A 620 40.36 31.29 -77.98
CA SER A 620 39.92 32.68 -78.04
C SER A 620 41.07 33.63 -77.71
N LYS A 621 41.10 34.77 -78.40
CA LYS A 621 42.11 35.79 -78.12
C LYS A 621 41.91 36.46 -76.76
N GLU A 622 40.66 36.62 -76.31
CA GLU A 622 40.43 37.28 -75.02
C GLU A 622 41.08 36.49 -73.89
N THR A 623 40.72 35.22 -73.74
CA THR A 623 41.31 34.41 -72.69
C THR A 623 42.69 33.92 -73.09
N GLY A 624 42.82 33.33 -74.28
CA GLY A 624 43.99 32.55 -74.63
C GLY A 624 43.88 31.05 -74.38
N LYS A 625 42.72 30.54 -73.98
CA LYS A 625 42.61 29.11 -73.73
C LYS A 625 41.53 28.50 -74.63
N LYS A 626 41.71 27.23 -74.99
CA LYS A 626 40.78 26.51 -75.86
C LYS A 626 39.48 26.07 -75.17
N PHE A 627 38.32 26.42 -75.76
CA PHE A 627 37.07 26.07 -75.08
C PHE A 627 36.08 25.21 -75.86
N ALA A 628 36.06 25.31 -77.19
CA ALA A 628 35.07 24.57 -77.98
C ALA A 628 35.78 23.52 -78.79
N SER A 629 35.22 22.32 -78.79
CA SER A 629 35.83 21.20 -79.48
C SER A 629 34.89 20.62 -80.53
N VAL A 630 35.49 19.98 -81.54
CA VAL A 630 34.76 19.30 -82.60
C VAL A 630 35.71 18.30 -83.24
N ASP A 631 35.17 17.14 -83.62
CA ASP A 631 35.98 16.07 -84.16
C ASP A 631 36.31 16.32 -85.63
N PHE A 632 37.60 16.21 -85.99
CA PHE A 632 38.02 16.36 -87.37
C PHE A 632 38.82 15.11 -87.74
N VAL A 633 38.63 14.62 -88.96
CA VAL A 633 39.15 13.30 -89.37
C VAL A 633 39.99 13.43 -90.63
N PHE A 634 41.19 12.85 -90.60
CA PHE A 634 42.02 12.66 -91.79
C PHE A 634 41.97 11.19 -92.21
N TYR A 635 42.39 10.91 -93.45
CA TYR A 635 42.42 9.53 -93.92
C TYR A 635 43.26 9.44 -95.19
N ASN A 636 43.71 8.22 -95.49
CA ASN A 636 44.67 7.97 -96.56
C ASN A 636 44.23 6.71 -97.30
N CYS A 637 43.54 6.92 -98.41
CA CYS A 637 42.91 5.89 -99.21
C CYS A 637 43.94 4.86 -99.70
N SER A 638 45.23 5.20 -99.69
CA SER A 638 46.27 4.34 -100.27
C SER A 638 46.35 2.96 -99.64
N VAL A 639 46.34 2.88 -98.29
CA VAL A 639 46.71 1.62 -97.64
C VAL A 639 45.70 0.51 -97.95
N HIS A 640 44.52 0.89 -98.44
CA HIS A 640 43.49 -0.10 -98.77
C HIS A 640 43.91 -0.94 -99.96
N GLN A 641 43.67 -2.25 -99.88
CA GLN A 641 44.31 -3.18 -100.81
C GLN A 641 43.40 -3.72 -101.91
N SER A 642 42.11 -3.94 -101.65
CA SER A 642 41.23 -4.49 -102.67
C SER A 642 40.26 -3.46 -103.21
N CYS A 643 39.53 -3.85 -104.27
CA CYS A 643 38.51 -2.97 -104.81
C CYS A 643 37.40 -2.74 -103.80
N LEU A 644 37.13 -3.72 -102.94
CA LEU A 644 36.07 -3.51 -101.97
C LEU A 644 36.63 -2.82 -100.74
N SER A 645 37.89 -3.11 -100.38
CA SER A 645 38.60 -2.33 -99.37
C SER A 645 38.59 -0.83 -99.69
N CYS A 646 38.68 -0.48 -100.98
CA CYS A 646 38.69 0.93 -101.39
C CYS A 646 37.30 1.56 -101.29
N VAL A 647 36.34 0.99 -102.02
CA VAL A 647 35.06 1.64 -102.22
C VAL A 647 34.23 1.59 -100.94
N ASN A 648 34.05 0.39 -100.38
CA ASN A 648 33.17 0.29 -99.22
C ASN A 648 33.71 1.06 -98.02
N GLY A 649 34.95 1.54 -98.07
CA GLY A 649 35.40 2.48 -97.07
C GLY A 649 34.39 3.62 -97.09
N SER A 650 34.17 4.31 -95.97
CA SER A 650 33.13 5.34 -95.95
C SER A 650 33.48 6.48 -96.90
N PHE A 651 34.59 7.15 -96.62
CA PHE A 651 35.00 8.40 -97.23
C PHE A 651 35.20 8.28 -98.75
N PRO A 652 35.17 9.43 -99.47
CA PRO A 652 35.29 9.38 -100.93
C PRO A 652 36.69 8.99 -101.39
N CYS A 653 36.84 7.71 -101.72
CA CYS A 653 38.04 7.12 -102.30
C CYS A 653 37.69 6.54 -103.67
N HIS A 654 38.62 6.71 -104.62
CA HIS A 654 38.48 6.18 -105.96
C HIS A 654 39.45 5.03 -106.16
N TRP A 655 38.98 3.98 -106.82
CA TRP A 655 39.80 2.81 -107.11
C TRP A 655 40.23 2.93 -108.57
N CYS A 656 41.53 2.79 -108.82
CA CYS A 656 42.05 2.86 -110.18
C CYS A 656 42.26 1.42 -110.65
N LYS A 657 41.26 0.87 -111.37
CA LYS A 657 41.25 -0.55 -111.71
C LYS A 657 42.39 -0.92 -112.64
N TYR A 658 42.97 0.05 -113.32
CA TYR A 658 44.04 -0.21 -114.29
C TYR A 658 45.41 -0.13 -113.63
N ARG A 659 45.59 0.81 -112.70
CA ARG A 659 46.83 0.85 -111.90
C ARG A 659 46.83 -0.10 -110.70
N HIS A 660 45.67 -0.62 -110.29
CA HIS A 660 45.54 -1.56 -109.16
C HIS A 660 45.98 -0.91 -107.85
N VAL A 661 45.50 0.31 -107.60
CA VAL A 661 45.83 1.10 -106.41
C VAL A 661 44.59 1.87 -105.98
N CYS A 662 44.65 2.46 -104.78
CA CYS A 662 43.52 3.19 -104.23
C CYS A 662 44.02 4.59 -103.87
N THR A 663 43.35 5.61 -104.39
CA THR A 663 43.76 7.01 -104.22
C THR A 663 42.51 7.88 -104.10
N HIS A 664 42.73 9.18 -103.86
CA HIS A 664 41.66 10.18 -103.81
C HIS A 664 41.34 10.93 -105.11
N ASN A 665 42.08 11.99 -105.41
CA ASN A 665 41.98 12.82 -106.63
C ASN A 665 42.10 12.05 -107.95
N VAL A 666 41.02 12.00 -108.73
CA VAL A 666 40.93 10.97 -109.76
C VAL A 666 41.85 11.19 -110.93
N ALA A 667 42.57 12.32 -110.98
CA ALA A 667 43.54 12.47 -112.05
C ALA A 667 44.67 11.46 -111.88
N ASP A 668 44.71 10.78 -110.72
CA ASP A 668 45.74 9.81 -110.35
C ASP A 668 45.59 8.46 -111.05
N CYS A 669 44.41 8.17 -111.59
CA CYS A 669 44.13 6.91 -112.27
C CYS A 669 44.89 6.81 -113.57
N ALA A 670 45.05 5.57 -114.03
CA ALA A 670 45.77 5.34 -115.28
C ALA A 670 45.07 6.10 -116.40
N PHE A 671 43.76 5.93 -116.53
CA PHE A 671 42.98 6.74 -117.45
C PHE A 671 41.67 7.09 -116.76
N LEU A 672 40.85 7.92 -117.39
CA LEU A 672 39.61 8.30 -116.73
C LEU A 672 38.71 7.08 -116.61
N GLU A 673 38.65 6.28 -117.67
CA GLU A 673 37.79 5.11 -117.75
C GLU A 673 38.15 4.07 -116.69
N GLY A 674 39.26 4.25 -115.99
CA GLY A 674 39.68 3.55 -114.80
C GLY A 674 39.08 4.03 -113.50
N ARG A 675 38.37 5.16 -113.52
CA ARG A 675 37.62 5.65 -112.37
C ARG A 675 36.59 4.67 -111.85
N VAL A 676 36.82 4.10 -110.67
CA VAL A 676 35.84 3.25 -110.01
C VAL A 676 35.40 3.89 -108.70
N ASN A 677 34.17 4.39 -108.67
CA ASN A 677 33.58 5.13 -107.56
C ASN A 677 32.77 4.21 -106.65
N VAL A 678 32.07 3.25 -107.26
CA VAL A 678 31.03 2.46 -106.61
C VAL A 678 31.46 1.00 -106.57
N SER A 679 30.90 0.28 -105.60
CA SER A 679 31.34 -1.08 -105.29
C SER A 679 31.01 -2.06 -106.41
N GLU A 680 29.96 -1.78 -107.18
CA GLU A 680 29.53 -2.65 -108.26
C GLU A 680 30.44 -2.59 -109.49
N ASP A 681 31.23 -1.52 -109.65
CA ASP A 681 32.20 -1.38 -110.73
C ASP A 681 33.50 -2.13 -110.45
N CYS A 682 33.51 -3.02 -109.45
CA CYS A 682 34.72 -3.77 -109.15
C CYS A 682 34.88 -4.89 -110.17
N PRO A 683 36.11 -5.20 -110.59
CA PRO A 683 36.33 -6.38 -111.42
C PRO A 683 36.53 -7.67 -110.63
N GLN A 684 35.92 -8.72 -111.16
CA GLN A 684 35.96 -10.06 -110.58
C GLN A 684 37.30 -10.74 -110.80
N PRO B 15 33.18 -46.05 42.07
CA PRO B 15 33.61 -46.50 40.74
C PRO B 15 33.26 -45.50 39.64
N PRO B 16 33.91 -45.62 38.48
CA PRO B 16 33.64 -44.69 37.38
C PRO B 16 32.29 -44.97 36.75
N PHE B 17 31.81 -44.02 35.94
CA PHE B 17 30.45 -44.07 35.41
C PHE B 17 30.35 -45.05 34.24
N ARG B 18 29.49 -46.06 34.39
CA ARG B 18 29.14 -46.93 33.28
C ARG B 18 28.73 -46.04 32.10
N THR B 19 29.44 -46.16 30.99
CA THR B 19 29.28 -45.19 29.92
C THR B 19 29.04 -45.87 28.57
N PHE B 20 28.31 -45.18 27.71
CA PHE B 20 28.13 -45.63 26.33
C PHE B 20 28.21 -44.32 25.55
N SER B 21 29.37 -44.04 24.97
CA SER B 21 29.53 -42.84 24.16
C SER B 21 29.10 -43.04 22.71
N ALA B 22 29.14 -41.93 21.96
CA ALA B 22 28.68 -41.87 20.58
C ALA B 22 29.84 -41.49 19.66
N SER B 23 29.49 -40.81 18.57
CA SER B 23 30.40 -40.24 17.58
C SER B 23 29.91 -38.82 17.31
N ASP B 24 29.85 -38.45 16.04
CA ASP B 24 29.32 -37.15 15.61
C ASP B 24 27.81 -37.03 15.57
N TRP B 25 26.99 -38.02 15.96
CA TRP B 25 25.56 -37.90 15.70
C TRP B 25 24.95 -37.86 17.09
N GLY B 26 23.91 -37.03 17.22
CA GLY B 26 23.30 -36.76 18.49
C GLY B 26 22.05 -37.51 18.87
N LEU B 27 21.80 -37.51 20.17
CA LEU B 27 20.71 -38.26 20.77
C LEU B 27 19.54 -37.29 20.94
N THR B 28 18.34 -37.85 21.00
CA THR B 28 17.14 -37.03 21.04
C THR B 28 16.19 -37.56 22.09
N HIS B 29 15.98 -38.87 22.12
CA HIS B 29 15.00 -39.44 23.02
C HIS B 29 15.50 -40.73 23.65
N LEU B 30 15.04 -40.97 24.88
CA LEU B 30 15.32 -42.19 25.62
C LEU B 30 14.03 -42.61 26.29
N VAL B 31 13.89 -43.92 26.51
CA VAL B 31 12.79 -44.49 27.29
C VAL B 31 13.27 -45.86 27.74
N VAL B 32 12.78 -46.31 28.89
CA VAL B 32 13.23 -47.54 29.50
C VAL B 32 12.04 -48.48 29.55
N HIS B 33 12.23 -49.71 29.05
CA HIS B 33 11.23 -50.73 29.23
C HIS B 33 10.98 -50.98 30.70
N GLU B 34 9.72 -50.80 31.12
CA GLU B 34 9.38 -50.83 32.54
C GLU B 34 9.62 -52.21 33.14
N GLN B 35 9.59 -53.25 32.31
CA GLN B 35 9.69 -54.63 32.76
C GLN B 35 11.05 -55.25 32.48
N THR B 36 11.48 -55.26 31.21
CA THR B 36 12.77 -55.82 30.82
C THR B 36 13.95 -54.96 31.24
N GLY B 37 13.71 -53.71 31.62
CA GLY B 37 14.77 -52.78 31.97
C GLY B 37 15.71 -52.39 30.85
N GLU B 38 15.47 -52.84 29.62
CA GLU B 38 16.27 -52.38 28.50
C GLU B 38 16.01 -50.90 28.22
N VAL B 39 16.96 -50.28 27.54
CA VAL B 39 17.00 -48.84 27.35
C VAL B 39 17.01 -48.58 25.85
N TYR B 40 15.90 -48.07 25.33
CA TYR B 40 15.78 -47.72 23.93
C TYR B 40 16.09 -46.24 23.78
N VAL B 41 16.99 -45.93 22.85
CA VAL B 41 17.53 -44.58 22.70
C VAL B 41 17.31 -44.10 21.28
N GLY B 42 16.55 -43.00 21.15
CA GLY B 42 16.36 -42.37 19.86
C GLY B 42 17.43 -41.33 19.59
N ALA B 43 17.77 -41.18 18.31
CA ALA B 43 18.88 -40.32 17.92
C ALA B 43 18.75 -40.00 16.43
N VAL B 44 19.64 -39.13 15.96
CA VAL B 44 19.67 -38.79 14.54
C VAL B 44 20.00 -40.05 13.75
N ASN B 45 19.17 -40.36 12.75
CA ASN B 45 19.44 -41.43 11.81
C ASN B 45 19.40 -42.81 12.44
N ARG B 46 19.53 -42.88 13.77
CA ARG B 46 19.70 -44.18 14.39
C ARG B 46 18.75 -44.40 15.57
N ILE B 47 18.58 -45.67 15.91
CA ILE B 47 17.76 -46.10 17.04
C ILE B 47 18.52 -47.23 17.76
N TYR B 48 19.31 -46.89 18.78
CA TYR B 48 20.10 -47.91 19.46
C TYR B 48 19.20 -48.53 20.52
N LYS B 49 19.34 -49.83 20.74
CA LYS B 49 18.70 -50.48 21.89
C LYS B 49 19.79 -51.02 22.80
N LEU B 50 19.79 -50.57 24.04
CA LEU B 50 20.79 -50.99 25.01
C LEU B 50 20.16 -51.82 26.12
N SER B 51 21.02 -52.37 26.96
CA SER B 51 20.64 -53.20 28.09
C SER B 51 20.82 -52.39 29.37
N GLY B 52 20.66 -53.06 30.50
CA GLY B 52 20.65 -52.37 31.79
C GLY B 52 21.91 -51.55 32.05
N ASN B 53 23.05 -52.01 31.52
CA ASN B 53 24.34 -51.34 31.70
C ASN B 53 24.87 -50.61 30.47
N LEU B 54 23.99 -50.05 29.64
CA LEU B 54 24.41 -49.25 28.46
C LEU B 54 25.34 -50.04 27.54
N THR B 55 25.00 -51.30 27.29
CA THR B 55 25.68 -52.12 26.30
C THR B 55 24.93 -52.16 24.98
N LEU B 56 25.65 -51.93 23.87
CA LEU B 56 25.08 -51.74 22.54
C LEU B 56 24.51 -53.04 22.00
N LEU B 57 23.35 -53.46 22.53
CA LEU B 57 22.73 -54.71 22.16
C LEU B 57 22.35 -54.74 20.68
N ARG B 58 21.40 -53.96 20.23
CA ARG B 58 21.13 -53.86 18.79
C ARG B 58 21.01 -52.44 18.32
N ALA B 59 21.04 -52.29 16.99
CA ALA B 59 20.81 -50.99 16.35
C ALA B 59 19.75 -51.10 15.22
N HIS B 60 19.45 -49.94 14.59
CA HIS B 60 18.45 -49.88 13.51
C HIS B 60 18.62 -48.48 12.92
N VAL B 61 18.87 -48.41 11.62
CA VAL B 61 19.17 -47.17 10.91
C VAL B 61 17.91 -46.59 10.27
N THR B 62 17.78 -45.26 10.33
CA THR B 62 16.62 -44.58 9.76
C THR B 62 17.03 -43.37 8.94
N GLY B 63 18.30 -43.26 8.54
CA GLY B 63 18.76 -42.14 7.78
C GLY B 63 20.25 -42.14 7.51
N PRO B 64 20.73 -41.15 6.73
CA PRO B 64 19.94 -40.10 6.06
C PRO B 64 19.14 -40.65 4.88
N VAL B 65 18.11 -39.93 4.41
CA VAL B 65 17.31 -40.40 3.29
C VAL B 65 17.29 -39.28 2.26
N GLU B 66 17.05 -39.63 1.01
CA GLU B 66 16.84 -38.66 -0.05
C GLU B 66 15.43 -38.08 0.09
N ASP B 67 15.32 -36.79 0.42
CA ASP B 67 14.03 -36.18 0.66
C ASP B 67 14.20 -34.67 0.74
N ASN B 68 13.11 -33.96 0.48
CA ASN B 68 13.00 -32.54 0.76
C ASN B 68 11.75 -32.28 1.59
N GLU B 69 11.83 -31.25 2.44
CA GLU B 69 10.71 -30.88 3.29
C GLU B 69 9.52 -30.35 2.49
N LYS B 70 9.74 -29.92 1.25
CA LYS B 70 8.67 -29.34 0.45
C LYS B 70 7.87 -30.39 -0.30
N CYS B 71 8.24 -31.66 -0.20
CA CYS B 71 7.61 -32.74 -0.98
C CYS B 71 6.49 -33.37 -0.15
N TYR B 72 5.27 -32.91 -0.39
CA TYR B 72 4.05 -33.51 0.16
C TYR B 72 3.16 -33.99 -0.97
N PRO B 73 2.91 -35.30 -1.12
CA PRO B 73 3.46 -36.43 -0.38
C PRO B 73 4.95 -36.61 -0.65
N PRO B 74 5.62 -37.51 0.06
CA PRO B 74 7.05 -37.71 -0.17
C PRO B 74 7.32 -38.28 -1.55
N PRO B 75 8.56 -38.23 -2.02
CA PRO B 75 8.86 -38.77 -3.36
C PRO B 75 8.60 -40.26 -3.47
N SER B 76 8.47 -40.97 -2.35
CA SER B 76 8.24 -42.41 -2.38
C SER B 76 6.80 -42.79 -2.70
N VAL B 77 5.92 -41.82 -2.98
CA VAL B 77 4.55 -42.13 -3.35
C VAL B 77 4.21 -41.46 -4.68
N GLN B 78 4.47 -40.16 -4.76
CA GLN B 78 4.20 -39.37 -5.95
C GLN B 78 5.37 -38.43 -6.26
N SER B 79 5.52 -38.15 -7.55
CA SER B 79 6.56 -37.25 -8.02
C SER B 79 6.37 -35.88 -7.38
N CYS B 80 7.44 -35.09 -7.37
CA CYS B 80 7.53 -33.85 -6.63
C CYS B 80 8.28 -32.92 -7.59
N PRO B 81 7.91 -31.65 -7.66
CA PRO B 81 8.36 -30.80 -8.78
C PRO B 81 9.72 -30.13 -8.63
N HIS B 82 10.45 -30.37 -7.55
CA HIS B 82 11.59 -29.53 -7.23
C HIS B 82 12.80 -30.46 -7.18
N GLY B 83 13.08 -31.02 -6.01
CA GLY B 83 14.16 -31.97 -5.93
C GLY B 83 14.28 -32.65 -4.59
N LEU B 84 15.51 -32.82 -4.13
CA LEU B 84 15.84 -33.54 -2.91
C LEU B 84 17.31 -33.36 -2.62
N GLY B 85 17.87 -34.23 -1.78
CA GLY B 85 19.24 -34.14 -1.34
C GLY B 85 19.33 -34.88 -0.03
N SER B 86 20.47 -35.50 0.25
CA SER B 86 20.58 -36.29 1.47
C SER B 86 20.60 -35.40 2.69
N THR B 87 19.63 -35.63 3.57
CA THR B 87 19.43 -34.86 4.79
C THR B 87 19.14 -35.84 5.91
N ASP B 88 19.46 -35.43 7.13
CA ASP B 88 19.36 -36.33 8.28
C ASP B 88 17.92 -36.43 8.75
N ASN B 89 17.54 -37.62 9.21
CA ASN B 89 16.18 -37.96 9.62
C ASN B 89 16.15 -38.06 11.14
N VAL B 90 15.83 -36.95 11.78
CA VAL B 90 15.85 -36.89 13.24
C VAL B 90 14.58 -37.54 13.78
N ASN B 91 14.76 -38.44 14.73
CA ASN B 91 13.67 -39.11 15.43
C ASN B 91 13.01 -38.18 16.45
N LYS B 92 11.73 -37.89 16.25
CA LYS B 92 11.04 -36.93 17.10
C LYS B 92 10.34 -37.58 18.30
N LEU B 93 9.85 -38.81 18.17
CA LEU B 93 9.16 -39.42 19.29
C LEU B 93 9.52 -40.90 19.40
N LEU B 94 9.45 -41.42 20.62
CA LEU B 94 9.88 -42.79 20.89
C LEU B 94 9.12 -43.27 22.11
N LEU B 95 8.30 -44.31 21.92
CA LEU B 95 7.45 -44.87 22.97
C LEU B 95 7.38 -46.38 22.85
N LEU B 96 7.03 -47.03 23.96
CA LEU B 96 6.88 -48.47 24.03
C LEU B 96 5.40 -48.83 24.09
N ASP B 97 5.00 -49.79 23.27
CA ASP B 97 3.66 -50.39 23.29
C ASP B 97 3.82 -51.74 23.98
N TYR B 98 3.81 -51.70 25.31
CA TYR B 98 4.01 -52.91 26.10
C TYR B 98 3.01 -54.00 25.76
N ALA B 99 1.75 -53.62 25.48
CA ALA B 99 0.75 -54.63 25.15
C ALA B 99 1.10 -55.40 23.87
N ALA B 100 1.62 -54.71 22.86
CA ALA B 100 1.91 -55.31 21.57
C ALA B 100 3.39 -55.58 21.31
N ASN B 101 4.26 -55.39 22.30
CA ASN B 101 5.66 -55.71 22.17
C ASN B 101 6.30 -55.07 20.93
N ARG B 102 6.09 -53.77 20.77
CA ARG B 102 6.72 -53.08 19.67
C ARG B 102 7.11 -51.71 20.16
N LEU B 103 7.64 -50.90 19.28
CA LEU B 103 8.17 -49.60 19.64
C LEU B 103 7.94 -48.71 18.48
N LEU B 104 7.54 -47.53 18.79
CA LEU B 104 7.20 -46.54 17.80
C LEU B 104 8.25 -45.44 17.78
N ALA B 105 9.00 -45.39 16.71
CA ALA B 105 10.01 -44.37 16.48
C ALA B 105 9.60 -43.57 15.25
N CYS B 106 9.17 -42.33 15.49
CA CYS B 106 8.69 -41.46 14.42
C CYS B 106 9.83 -40.56 13.92
N GLY B 107 10.10 -40.61 12.61
CA GLY B 107 11.18 -39.82 12.06
C GLY B 107 10.69 -38.49 11.52
N SER B 108 11.62 -37.74 10.95
CA SER B 108 11.33 -36.45 10.32
C SER B 108 11.46 -36.52 8.80
N ALA B 109 11.59 -37.71 8.24
CA ALA B 109 11.86 -37.88 6.82
C ALA B 109 10.60 -38.32 6.10
N SER B 110 10.47 -37.85 4.86
CA SER B 110 9.36 -38.21 3.99
C SER B 110 8.06 -37.82 4.69
N GLN B 111 8.02 -36.55 5.09
CA GLN B 111 6.93 -35.92 5.84
C GLN B 111 6.67 -36.57 7.20
N GLY B 112 7.60 -37.40 7.68
CA GLY B 112 7.58 -37.86 9.06
C GLY B 112 6.78 -39.11 9.38
N ILE B 113 6.93 -40.14 8.55
CA ILE B 113 6.28 -41.43 8.81
C ILE B 113 6.86 -42.06 10.07
N CYS B 114 6.19 -43.08 10.62
CA CYS B 114 6.65 -43.74 11.83
C CYS B 114 6.87 -45.23 11.57
N GLN B 115 7.89 -45.79 12.19
CA GLN B 115 8.21 -47.21 12.11
C GLN B 115 7.78 -47.94 13.38
N PHE B 116 7.64 -49.25 13.24
CA PHE B 116 7.23 -50.16 14.31
C PHE B 116 8.33 -51.20 14.48
N LEU B 117 9.35 -50.87 15.27
CA LEU B 117 10.44 -51.79 15.49
C LEU B 117 10.05 -52.78 16.58
N ARG B 118 10.05 -54.07 16.25
CA ARG B 118 9.77 -55.09 17.24
C ARG B 118 10.81 -55.03 18.35
N LEU B 119 10.38 -55.34 19.56
CA LEU B 119 11.16 -55.02 20.75
C LEU B 119 12.46 -55.81 20.80
N ASP B 120 12.40 -57.11 20.56
CA ASP B 120 13.50 -58.02 20.87
C ASP B 120 14.51 -58.23 19.75
N ASP B 121 14.37 -57.56 18.59
CA ASP B 121 15.42 -57.62 17.58
C ASP B 121 15.44 -56.42 16.64
N LEU B 122 14.53 -55.47 16.89
CA LEU B 122 14.39 -54.24 16.09
C LEU B 122 14.06 -54.57 14.64
N PHE B 123 13.26 -55.61 14.46
CA PHE B 123 12.75 -56.03 13.16
C PHE B 123 11.64 -55.07 12.72
N LYS B 124 11.82 -54.40 11.57
CA LYS B 124 10.86 -53.45 11.06
C LYS B 124 9.52 -54.13 10.76
N LEU B 125 8.59 -54.11 11.71
CA LEU B 125 7.31 -54.77 11.48
C LEU B 125 6.42 -54.07 10.47
N GLY B 126 6.64 -52.80 10.24
CA GLY B 126 5.86 -52.06 9.26
C GLY B 126 6.27 -50.59 9.27
N GLU B 127 5.77 -49.87 8.24
CA GLU B 127 5.93 -48.40 8.13
C GLU B 127 4.93 -47.84 7.15
N PRO B 128 3.64 -47.90 7.47
CA PRO B 128 2.64 -47.54 6.43
C PRO B 128 2.77 -46.05 6.06
N HIS B 129 2.90 -45.75 4.77
CA HIS B 129 3.46 -44.47 4.35
C HIS B 129 2.81 -44.02 3.05
N HIS B 130 1.52 -44.34 2.89
CA HIS B 130 0.77 -43.98 1.70
C HIS B 130 -0.51 -43.20 1.95
N ARG B 131 -0.94 -43.01 3.20
CA ARG B 131 -2.12 -42.21 3.46
C ARG B 131 -1.73 -40.79 3.81
N LYS B 132 -2.75 -39.92 3.87
CA LYS B 132 -2.49 -38.52 4.21
C LYS B 132 -2.20 -38.38 5.70
N GLU B 133 -2.95 -39.10 6.53
CA GLU B 133 -2.76 -39.10 7.96
C GLU B 133 -1.76 -40.15 8.42
N HIS B 134 -0.93 -40.66 7.52
CA HIS B 134 0.28 -41.38 7.87
C HIS B 134 1.49 -40.47 7.95
N TYR B 135 1.33 -39.20 7.59
CA TYR B 135 2.40 -38.20 7.60
C TYR B 135 2.11 -37.22 8.74
N LEU B 136 2.91 -37.28 9.80
CA LEU B 136 2.61 -36.50 10.99
C LEU B 136 3.12 -35.06 10.95
N SER B 137 4.35 -34.83 10.47
CA SER B 137 4.86 -33.46 10.35
C SER B 137 6.14 -33.43 9.55
N SER B 138 6.39 -32.31 8.89
CA SER B 138 7.63 -32.12 8.14
C SER B 138 8.63 -31.22 8.85
N VAL B 139 8.53 -31.08 10.18
CA VAL B 139 9.49 -30.27 10.92
C VAL B 139 10.76 -31.07 11.16
N GLN B 140 11.88 -30.37 11.31
CA GLN B 140 13.17 -31.01 11.46
C GLN B 140 13.65 -31.04 12.90
N GLU B 141 13.19 -30.13 13.75
CA GLU B 141 13.51 -30.23 15.16
C GLU B 141 12.92 -31.50 15.75
N ALA B 142 13.60 -32.03 16.77
CA ALA B 142 13.06 -33.04 17.65
C ALA B 142 12.61 -32.39 18.95
N GLY B 143 11.99 -33.19 19.82
CA GLY B 143 11.60 -32.68 21.12
C GLY B 143 10.42 -31.75 21.09
N SER B 144 9.90 -31.42 19.92
CA SER B 144 8.67 -30.64 19.80
C SER B 144 7.46 -31.54 19.63
N MET B 145 7.67 -32.85 19.67
CA MET B 145 6.60 -33.83 19.56
C MET B 145 6.52 -34.60 20.86
N ALA B 146 5.31 -35.00 21.23
CA ALA B 146 5.10 -35.70 22.49
C ALA B 146 3.77 -36.42 22.44
N GLY B 147 3.65 -37.45 23.26
CA GLY B 147 2.41 -38.20 23.33
C GLY B 147 2.58 -39.43 24.19
N VAL B 148 1.47 -40.17 24.32
CA VAL B 148 1.41 -41.39 25.12
C VAL B 148 0.60 -42.39 24.32
N LEU B 149 0.82 -43.67 24.60
CA LEU B 149 -0.05 -44.72 24.07
C LEU B 149 -0.97 -45.22 25.17
N ILE B 150 -2.18 -45.59 24.75
CA ILE B 150 -3.20 -46.09 25.65
C ILE B 150 -3.86 -47.30 25.01
N ALA B 151 -3.41 -48.49 25.40
CA ALA B 151 -4.00 -49.71 24.89
C ALA B 151 -5.41 -49.79 25.41
N GLY B 152 -6.35 -50.16 24.56
CA GLY B 152 -7.70 -50.31 25.02
C GLY B 152 -7.96 -51.55 25.84
N PRO B 153 -9.23 -51.96 25.91
CA PRO B 153 -9.57 -53.21 26.61
C PRO B 153 -8.80 -54.41 26.10
N PRO B 154 -8.29 -55.24 27.01
CA PRO B 154 -7.36 -56.30 26.62
C PRO B 154 -8.06 -57.26 25.68
N GLY B 155 -7.28 -58.08 25.00
CA GLY B 155 -7.84 -59.03 24.06
C GLY B 155 -8.06 -58.46 22.68
N GLN B 156 -8.27 -57.15 22.58
CA GLN B 156 -8.53 -56.49 21.31
C GLN B 156 -7.30 -55.69 20.93
N GLY B 157 -6.89 -55.82 19.66
CA GLY B 157 -5.69 -55.23 19.11
C GLY B 157 -5.64 -53.71 19.02
N GLN B 158 -6.70 -52.98 19.39
CA GLN B 158 -6.60 -51.53 19.34
C GLN B 158 -6.00 -50.88 20.58
N ALA B 159 -5.26 -49.79 20.33
CA ALA B 159 -4.62 -48.96 21.32
C ALA B 159 -4.73 -47.51 20.85
N LYS B 160 -5.52 -46.66 21.49
CA LYS B 160 -5.47 -45.30 20.94
C LYS B 160 -4.11 -44.66 21.26
N LEU B 161 -3.81 -43.58 20.53
CA LEU B 161 -2.52 -42.89 20.69
C LEU B 161 -2.72 -41.41 20.39
N PHE B 162 -2.60 -40.58 21.43
CA PHE B 162 -2.83 -39.14 21.34
C PHE B 162 -1.50 -38.42 21.11
N VAL B 163 -1.33 -37.77 19.95
CA VAL B 163 -0.05 -37.15 19.56
C VAL B 163 -0.24 -35.69 19.17
N GLY B 164 0.55 -34.78 19.77
CA GLY B 164 0.63 -33.38 19.37
C GLY B 164 1.99 -32.92 18.82
N THR B 165 1.99 -32.15 17.72
CA THR B 165 3.23 -31.69 17.09
C THR B 165 2.98 -30.37 16.37
N PRO B 166 4.01 -29.51 16.24
CA PRO B 166 3.92 -28.36 15.32
C PRO B 166 3.87 -28.79 13.86
N ILE B 167 3.42 -27.86 13.01
CA ILE B 167 3.20 -28.15 11.59
C ILE B 167 3.81 -27.14 10.65
N ASP B 168 4.42 -26.06 11.14
CA ASP B 168 5.13 -25.09 10.27
C ASP B 168 4.19 -24.56 9.18
N GLY B 169 2.98 -24.20 9.60
CA GLY B 169 1.96 -23.59 8.78
C GLY B 169 1.31 -24.48 7.75
N LYS B 170 1.64 -25.78 7.70
CA LYS B 170 1.01 -26.67 6.73
C LYS B 170 -0.23 -27.33 7.34
N SER B 171 -1.20 -26.47 7.66
CA SER B 171 -2.38 -26.89 8.41
C SER B 171 -3.28 -27.80 7.60
N GLU B 172 -3.23 -27.72 6.27
CA GLU B 172 -4.08 -28.58 5.45
C GLU B 172 -3.55 -30.00 5.39
N TYR B 173 -2.23 -30.20 5.48
CA TYR B 173 -1.69 -31.54 5.34
C TYR B 173 -1.78 -32.23 6.69
N PHE B 174 -1.24 -31.60 7.73
CA PHE B 174 -0.97 -32.23 8.99
C PHE B 174 -1.80 -31.54 10.04
N PRO B 175 -2.54 -32.26 10.87
CA PRO B 175 -3.10 -31.67 12.08
C PRO B 175 -2.03 -31.43 13.13
N THR B 176 -2.24 -30.36 13.90
CA THR B 176 -1.35 -30.03 15.01
C THR B 176 -1.66 -30.88 16.24
N LEU B 177 -2.79 -31.60 16.26
CA LEU B 177 -3.15 -32.47 17.37
C LEU B 177 -4.29 -33.42 16.99
N SER B 178 -4.09 -34.71 17.24
CA SER B 178 -5.02 -35.74 16.79
C SER B 178 -5.12 -36.84 17.85
N SER B 179 -5.97 -37.83 17.57
CA SER B 179 -6.21 -39.01 18.42
C SER B 179 -6.31 -40.20 17.47
N ARG B 180 -5.16 -40.68 17.00
CA ARG B 180 -5.15 -41.77 16.02
C ARG B 180 -5.19 -43.14 16.69
N ARG B 181 -5.45 -44.15 15.86
CA ARG B 181 -5.69 -45.52 16.29
C ARG B 181 -4.53 -46.46 15.99
N LEU B 182 -4.41 -47.51 16.80
CA LEU B 182 -3.36 -48.51 16.68
C LEU B 182 -4.03 -49.87 16.42
N MET B 183 -3.33 -50.75 15.72
CA MET B 183 -3.82 -52.11 15.42
C MET B 183 -2.65 -53.06 15.59
N ALA B 184 -3.00 -54.33 15.85
CA ALA B 184 -2.01 -55.37 16.03
C ALA B 184 -1.27 -55.70 14.73
N ASN B 185 -1.90 -55.62 13.57
CA ASN B 185 -1.20 -55.93 12.33
C ASN B 185 -0.58 -54.65 11.77
N GLU B 186 0.76 -54.58 11.83
CA GLU B 186 1.49 -53.35 11.57
C GLU B 186 1.38 -52.87 10.12
N GLU B 187 1.17 -53.78 9.17
CA GLU B 187 1.10 -53.39 7.77
C GLU B 187 -0.21 -52.67 7.45
N ASP B 188 -1.26 -52.93 8.23
CA ASP B 188 -2.59 -52.40 7.98
C ASP B 188 -2.55 -50.90 7.69
N ALA B 189 -3.40 -50.48 6.74
CA ALA B 189 -3.50 -49.09 6.35
C ALA B 189 -4.37 -48.26 7.29
N ASP B 190 -5.12 -48.90 8.19
CA ASP B 190 -5.89 -48.16 9.19
C ASP B 190 -5.04 -47.68 10.36
N MET B 191 -3.73 -47.97 10.34
CA MET B 191 -2.81 -47.41 11.32
C MET B 191 -2.80 -45.90 11.24
N PHE B 192 -2.69 -45.26 12.40
CA PHE B 192 -2.56 -43.81 12.50
C PHE B 192 -3.80 -43.10 11.95
N GLY B 193 -4.91 -43.82 11.85
CA GLY B 193 -6.18 -43.23 11.45
C GLY B 193 -6.97 -42.72 12.65
N PHE B 194 -7.61 -41.56 12.46
CA PHE B 194 -8.33 -40.89 13.53
C PHE B 194 -9.43 -41.79 14.09
N VAL B 195 -9.57 -41.78 15.42
CA VAL B 195 -10.51 -42.69 16.09
C VAL B 195 -11.95 -42.22 15.96
N TYR B 196 -12.19 -41.06 15.35
CA TYR B 196 -13.53 -40.65 14.96
C TYR B 196 -13.43 -39.67 13.80
N GLN B 197 -14.11 -39.98 12.70
CA GLN B 197 -13.95 -39.22 11.47
C GLN B 197 -15.27 -38.97 10.76
N ASP B 198 -15.61 -37.71 10.56
CA ASP B 198 -16.67 -37.39 9.62
C ASP B 198 -16.40 -36.00 9.07
N GLU B 199 -17.25 -35.57 8.16
CA GLU B 199 -17.00 -34.33 7.41
C GLU B 199 -17.02 -33.15 8.22
N PHE B 200 -17.11 -33.13 9.54
CA PHE B 200 -17.34 -31.88 10.19
C PHE B 200 -16.37 -31.79 11.36
N VAL B 201 -16.44 -32.72 12.30
CA VAL B 201 -15.50 -32.70 13.40
C VAL B 201 -14.94 -34.10 13.45
N SER B 202 -13.65 -34.19 13.76
CA SER B 202 -12.94 -35.44 13.95
C SER B 202 -12.05 -35.35 15.17
N SER B 203 -11.59 -36.51 15.64
CA SER B 203 -10.67 -36.52 16.77
C SER B 203 -9.36 -35.89 16.33
N GLN B 204 -9.44 -34.66 15.82
CA GLN B 204 -8.38 -33.93 15.14
C GLN B 204 -8.38 -32.52 15.72
N LEU B 205 -7.42 -31.69 15.30
CA LEU B 205 -7.47 -30.28 15.72
C LEU B 205 -6.57 -29.44 14.80
N LYS B 206 -7.13 -29.00 13.68
CA LYS B 206 -6.34 -28.28 12.70
C LYS B 206 -6.21 -26.82 13.12
N ILE B 207 -5.05 -26.22 12.86
CA ILE B 207 -4.91 -24.78 13.06
C ILE B 207 -5.72 -24.04 12.00
N PRO B 208 -6.54 -23.07 12.38
CA PRO B 208 -7.32 -22.32 11.39
C PRO B 208 -6.41 -21.60 10.40
N SER B 209 -6.71 -21.77 9.10
CA SER B 209 -6.00 -21.03 8.06
C SER B 209 -6.01 -19.52 8.31
N ASP B 210 -6.96 -19.05 9.11
CA ASP B 210 -7.04 -17.62 9.44
C ASP B 210 -5.86 -17.24 10.33
N THR B 211 -5.66 -17.99 11.41
CA THR B 211 -4.69 -17.64 12.44
C THR B 211 -3.26 -17.55 11.88
N LEU B 212 -2.91 -18.43 10.95
CA LEU B 212 -1.58 -18.32 10.32
C LEU B 212 -1.43 -17.07 9.47
N SER B 213 -2.53 -16.57 8.88
CA SER B 213 -2.48 -15.31 8.13
C SER B 213 -2.33 -14.09 9.03
N LYS B 214 -3.04 -14.02 10.16
CA LYS B 214 -2.83 -12.93 11.11
C LYS B 214 -1.39 -12.85 11.64
N PHE B 215 -0.67 -13.97 11.68
CA PHE B 215 0.72 -14.00 12.15
C PHE B 215 1.35 -15.27 11.59
N PRO B 216 2.31 -15.09 10.68
CA PRO B 216 2.89 -16.20 9.90
C PRO B 216 3.42 -17.45 10.58
N ALA B 217 4.58 -17.42 11.23
CA ALA B 217 5.11 -18.68 11.76
C ALA B 217 4.66 -19.04 13.17
N PHE B 218 3.35 -19.13 13.35
CA PHE B 218 2.79 -19.55 14.62
C PHE B 218 2.83 -21.06 14.67
N ASP B 219 3.11 -21.62 15.85
CA ASP B 219 3.17 -23.07 15.99
C ASP B 219 3.08 -23.42 17.47
N ILE B 220 2.69 -24.67 17.72
CA ILE B 220 2.59 -25.24 19.06
C ILE B 220 3.68 -26.28 19.23
N TYR B 221 4.61 -26.05 20.15
CA TYR B 221 5.61 -27.06 20.48
C TYR B 221 5.13 -27.80 21.72
N TYR B 222 5.23 -29.14 21.68
CA TYR B 222 4.60 -30.02 22.67
C TYR B 222 5.70 -30.67 23.51
N VAL B 223 5.89 -30.20 24.74
CA VAL B 223 7.02 -30.66 25.54
C VAL B 223 6.77 -31.99 26.23
N TYR B 224 5.88 -31.99 27.23
CA TYR B 224 5.56 -33.18 28.01
C TYR B 224 4.11 -33.60 27.78
N SER B 225 3.79 -34.85 28.15
CA SER B 225 2.44 -35.38 28.11
C SER B 225 2.38 -36.57 29.06
N PHE B 226 1.30 -36.64 29.83
CA PHE B 226 1.20 -37.65 30.88
C PHE B 226 -0.26 -38.05 31.08
N ARG B 227 -0.46 -39.32 31.45
CA ARG B 227 -1.78 -39.83 31.77
C ARG B 227 -2.05 -39.62 33.25
N SER B 228 -3.26 -39.15 33.55
CA SER B 228 -3.65 -38.84 34.91
C SER B 228 -5.16 -38.99 35.03
N GLU B 229 -5.59 -39.81 35.98
CA GLU B 229 -7.00 -40.16 36.21
C GLU B 229 -7.48 -40.77 34.90
N GLN B 230 -8.64 -40.37 34.38
CA GLN B 230 -9.18 -40.82 33.11
C GLN B 230 -8.93 -39.84 31.95
N PHE B 231 -7.92 -38.95 32.07
CA PHE B 231 -7.63 -37.93 31.05
C PHE B 231 -6.23 -38.13 30.49
N VAL B 232 -5.87 -37.26 29.54
CA VAL B 232 -4.49 -37.05 29.10
C VAL B 232 -4.21 -35.55 29.00
N TYR B 233 -3.14 -35.12 29.66
CA TYR B 233 -2.68 -33.74 29.67
C TYR B 233 -1.43 -33.54 28.82
N TYR B 234 -1.31 -32.35 28.24
CA TYR B 234 -0.11 -31.93 27.51
C TYR B 234 0.36 -30.59 28.06
N LEU B 235 1.68 -30.43 28.14
CA LEU B 235 2.28 -29.12 28.41
C LEU B 235 2.87 -28.57 27.11
N THR B 236 2.16 -27.61 26.51
CA THR B 236 2.58 -27.02 25.26
C THR B 236 3.25 -25.66 25.49
N LEU B 237 3.82 -25.12 24.41
CA LEU B 237 4.37 -23.77 24.40
C LEU B 237 4.05 -23.18 23.03
N GLN B 238 3.10 -22.26 22.98
CA GLN B 238 2.66 -21.64 21.74
C GLN B 238 3.20 -20.23 21.58
N LEU B 239 3.15 -19.74 20.34
CA LEU B 239 3.41 -18.34 20.07
C LEU B 239 2.23 -17.53 20.59
N ASP B 240 2.55 -16.46 21.33
CA ASP B 240 1.54 -15.58 21.92
C ASP B 240 0.77 -14.81 20.86
N THR B 241 -0.55 -15.06 20.78
CA THR B 241 -1.35 -14.27 19.86
C THR B 241 -1.47 -12.81 20.29
N GLN B 242 -1.21 -12.51 21.56
CA GLN B 242 -1.34 -11.13 22.07
C GLN B 242 -0.04 -10.33 22.03
N LEU B 243 0.95 -10.73 22.86
CA LEU B 243 2.17 -9.95 23.02
C LEU B 243 2.99 -9.88 21.78
N THR B 244 2.49 -10.31 20.63
CA THR B 244 3.28 -10.34 19.41
C THR B 244 2.46 -9.66 18.34
N SER B 245 3.06 -8.68 17.68
CA SER B 245 2.40 -8.02 16.59
C SER B 245 2.36 -8.95 15.38
N PRO B 246 1.45 -8.71 14.43
CA PRO B 246 1.42 -9.56 13.22
C PRO B 246 2.75 -9.56 12.51
N ASP B 247 3.49 -8.45 12.61
CA ASP B 247 4.84 -8.34 12.04
C ASP B 247 5.78 -9.37 12.67
N ALA B 248 6.31 -10.25 11.81
CA ALA B 248 7.24 -11.29 12.22
C ALA B 248 8.68 -10.80 12.20
N ALA B 249 8.96 -9.67 12.86
CA ALA B 249 10.32 -9.17 12.87
C ALA B 249 11.26 -10.17 13.53
N GLY B 250 10.81 -10.82 14.60
CA GLY B 250 11.63 -11.75 15.35
C GLY B 250 11.53 -11.57 16.85
N GLU B 251 10.68 -10.62 17.24
CA GLU B 251 10.37 -10.28 18.64
C GLU B 251 9.19 -11.06 19.24
N HIS B 252 8.90 -12.24 18.64
CA HIS B 252 7.71 -13.04 18.99
C HIS B 252 7.93 -13.55 20.40
N PHE B 253 6.94 -13.30 21.27
CA PHE B 253 6.89 -13.86 22.61
C PHE B 253 6.03 -15.11 22.61
N PHE B 254 6.15 -15.88 23.69
CA PHE B 254 5.53 -17.19 23.75
C PHE B 254 4.75 -17.32 25.05
N THR B 255 3.92 -18.34 25.14
CA THR B 255 3.10 -18.55 26.34
C THR B 255 2.98 -20.05 26.60
N SER B 256 3.42 -20.48 27.78
CA SER B 256 3.31 -21.88 28.15
C SER B 256 1.91 -22.18 28.66
N LYS B 257 1.37 -23.32 28.25
CA LYS B 257 0.00 -23.67 28.61
C LYS B 257 -0.15 -25.17 28.83
N ILE B 258 -0.86 -25.56 29.90
CA ILE B 258 -1.34 -26.94 29.98
C ILE B 258 -2.48 -27.10 28.99
N VAL B 259 -2.74 -28.35 28.61
CA VAL B 259 -3.88 -28.72 27.79
C VAL B 259 -4.39 -30.04 28.33
N ARG B 260 -5.70 -30.25 28.25
CA ARG B 260 -6.26 -31.49 28.74
C ARG B 260 -7.42 -31.91 27.84
N LEU B 261 -7.44 -33.21 27.56
CA LEU B 261 -8.51 -33.89 26.86
C LEU B 261 -8.95 -35.10 27.66
N CYS B 262 -10.03 -35.71 27.21
CA CYS B 262 -10.48 -36.99 27.74
C CYS B 262 -10.02 -38.11 26.81
N VAL B 263 -9.77 -39.26 27.42
CA VAL B 263 -9.42 -40.44 26.63
C VAL B 263 -10.66 -40.89 25.86
N ASP B 264 -11.83 -40.60 26.41
CA ASP B 264 -13.12 -41.01 25.88
C ASP B 264 -13.86 -39.87 25.19
N ASP B 265 -13.12 -38.94 24.57
CA ASP B 265 -13.68 -37.81 23.83
C ASP B 265 -13.41 -37.96 22.34
N PRO B 266 -14.28 -38.65 21.60
CA PRO B 266 -13.98 -38.88 20.17
C PRO B 266 -14.06 -37.62 19.32
N LYS B 267 -14.96 -36.69 19.63
CA LYS B 267 -15.16 -35.48 18.84
C LYS B 267 -14.26 -34.33 19.27
N PHE B 268 -13.44 -34.53 20.30
CA PHE B 268 -12.51 -33.54 20.82
C PHE B 268 -13.28 -32.35 21.39
N TYR B 269 -14.34 -32.62 22.15
CA TYR B 269 -15.09 -31.57 22.83
C TYR B 269 -14.52 -31.18 24.17
N SER B 270 -13.76 -32.08 24.83
CA SER B 270 -13.38 -31.83 26.21
C SER B 270 -12.15 -30.94 26.32
N TYR B 271 -11.63 -30.47 25.18
CA TYR B 271 -10.41 -29.68 25.14
C TYR B 271 -10.50 -28.49 26.09
N VAL B 272 -9.37 -28.13 26.67
CA VAL B 272 -9.28 -27.05 27.65
C VAL B 272 -7.80 -26.67 27.77
N GLU B 273 -7.53 -25.38 27.96
CA GLU B 273 -6.17 -24.89 27.83
C GLU B 273 -5.93 -23.68 28.73
N PHE B 274 -5.15 -23.86 29.82
CA PHE B 274 -4.76 -22.86 30.82
C PHE B 274 -3.27 -22.54 30.75
N PRO B 275 -2.91 -21.26 30.81
CA PRO B 275 -1.50 -20.89 30.92
C PRO B 275 -0.93 -21.28 32.28
N ILE B 276 0.38 -21.52 32.31
CA ILE B 276 1.07 -21.93 33.54
C ILE B 276 2.36 -21.15 33.69
N GLY B 277 2.89 -21.19 34.91
CA GLY B 277 4.09 -20.45 35.24
C GLY B 277 4.26 -20.37 36.74
N CYS B 278 5.15 -19.47 37.16
CA CYS B 278 5.37 -19.23 38.58
C CYS B 278 6.26 -18.00 38.73
N GLU B 279 6.40 -17.57 39.97
CA GLU B 279 7.25 -16.45 40.32
C GLU B 279 7.84 -16.67 41.71
N GLN B 280 8.99 -16.04 41.97
CA GLN B 280 9.52 -16.01 43.33
C GLN B 280 10.44 -14.82 43.48
N ALA B 281 10.15 -13.94 44.45
CA ALA B 281 10.87 -12.68 44.64
C ALA B 281 10.78 -11.79 43.40
N GLY B 282 9.62 -11.77 42.77
CA GLY B 282 9.38 -10.91 41.63
C GLY B 282 10.17 -11.25 40.39
N VAL B 283 10.68 -12.48 40.28
CA VAL B 283 11.34 -12.94 39.07
C VAL B 283 10.34 -13.77 38.31
N GLU B 284 10.14 -13.45 37.03
CA GLU B 284 9.20 -14.20 36.21
C GLU B 284 9.81 -15.47 35.63
N TYR B 285 9.03 -16.55 35.69
CA TYR B 285 9.39 -17.82 35.07
C TYR B 285 8.14 -18.33 34.35
N ARG B 286 8.14 -18.21 33.02
CA ARG B 286 6.98 -18.57 32.23
C ARG B 286 7.34 -19.33 30.96
N LEU B 287 8.57 -19.81 30.83
CA LEU B 287 9.03 -20.61 29.70
C LEU B 287 9.23 -22.05 30.14
N VAL B 288 8.21 -22.89 29.94
CA VAL B 288 8.27 -24.29 30.37
C VAL B 288 9.42 -25.02 29.69
N GLN B 289 10.07 -25.91 30.43
CA GLN B 289 11.18 -26.68 29.85
C GLN B 289 11.01 -28.19 29.94
N ASP B 290 10.75 -28.73 31.13
CA ASP B 290 10.49 -30.17 31.26
C ASP B 290 9.47 -30.40 32.37
N ALA B 291 8.93 -31.62 32.40
CA ALA B 291 7.96 -32.00 33.41
C ALA B 291 7.93 -33.52 33.60
N TYR B 292 7.60 -33.94 34.83
CA TYR B 292 7.53 -35.33 35.23
C TYR B 292 6.35 -35.47 36.18
N LEU B 293 5.50 -36.45 35.92
CA LEU B 293 4.39 -36.76 36.80
C LEU B 293 4.86 -37.83 37.77
N SER B 294 4.79 -37.53 39.05
CA SER B 294 5.25 -38.45 40.07
C SER B 294 4.26 -38.53 41.22
N ARG B 295 4.22 -39.69 41.82
CA ARG B 295 3.54 -39.80 43.10
C ARG B 295 4.50 -39.35 44.17
N PRO B 296 4.08 -38.50 45.10
CA PRO B 296 5.01 -37.74 45.92
C PRO B 296 5.43 -38.55 47.12
N GLY B 297 4.83 -39.72 47.26
CA GLY B 297 5.11 -40.60 48.35
C GLY B 297 4.38 -40.03 49.54
N ARG B 298 4.92 -40.26 50.73
CA ARG B 298 4.06 -40.00 51.86
C ARG B 298 4.38 -38.65 52.50
N ALA B 299 5.62 -38.19 52.36
CA ALA B 299 6.07 -36.91 52.90
C ALA B 299 5.33 -35.69 52.34
N LEU B 300 5.56 -35.38 51.05
CA LEU B 300 4.94 -34.20 50.44
C LEU B 300 3.43 -34.33 50.28
N ALA B 301 2.89 -35.54 50.43
CA ALA B 301 1.46 -35.76 50.27
C ALA B 301 0.78 -35.06 51.44
N HIS B 302 1.01 -35.58 52.65
CA HIS B 302 0.49 -34.99 53.87
C HIS B 302 0.92 -33.55 54.02
N GLN B 303 1.99 -33.15 53.32
CA GLN B 303 2.40 -31.76 53.29
C GLN B 303 1.41 -30.88 52.53
N LEU B 304 0.76 -31.43 51.50
CA LEU B 304 -0.17 -30.73 50.64
C LEU B 304 -1.63 -31.11 50.88
N GLY B 305 -1.89 -32.09 51.74
CA GLY B 305 -3.26 -32.51 52.00
C GLY B 305 -3.82 -33.46 50.98
N LEU B 306 -2.98 -34.05 50.14
CA LEU B 306 -3.42 -34.91 49.04
C LEU B 306 -3.50 -36.36 49.51
N ALA B 307 -4.46 -37.08 48.94
CA ALA B 307 -4.54 -38.51 49.25
C ALA B 307 -3.36 -39.24 48.63
N GLU B 308 -3.14 -40.47 49.09
CA GLU B 308 -1.99 -41.24 48.62
C GLU B 308 -2.09 -41.63 47.16
N ASP B 309 -3.28 -41.55 46.54
CA ASP B 309 -3.40 -41.87 45.13
C ASP B 309 -3.35 -40.63 44.23
N GLU B 310 -3.33 -39.44 44.80
CA GLU B 310 -3.31 -38.23 44.01
C GLU B 310 -1.86 -37.96 43.59
N ASP B 311 -1.68 -37.53 42.35
CA ASP B 311 -0.33 -37.37 41.84
C ASP B 311 0.07 -35.91 41.82
N VAL B 312 1.33 -35.66 41.46
CA VAL B 312 1.89 -34.32 41.42
C VAL B 312 2.78 -34.21 40.19
N LEU B 313 2.86 -32.99 39.65
CA LEU B 313 3.69 -32.69 38.49
C LEU B 313 4.75 -31.66 38.85
N PHE B 314 6.01 -32.06 38.79
CA PHE B 314 7.13 -31.15 38.93
C PHE B 314 7.42 -30.52 37.57
N THR B 315 7.84 -29.26 37.59
CA THR B 315 8.05 -28.52 36.35
C THR B 315 9.32 -27.70 36.43
N VAL B 316 9.80 -27.28 35.26
CA VAL B 316 10.98 -26.42 35.12
C VAL B 316 10.67 -25.30 34.14
N PHE B 317 10.68 -24.06 34.62
CA PHE B 317 10.37 -22.89 33.81
C PHE B 317 11.61 -22.01 33.66
N ALA B 318 11.85 -21.54 32.43
CA ALA B 318 12.86 -20.53 32.15
C ALA B 318 12.31 -19.11 32.32
N GLN B 319 13.21 -18.18 32.65
CA GLN B 319 12.80 -16.82 32.95
C GLN B 319 12.23 -16.13 31.72
N GLY B 320 11.08 -15.50 31.88
CA GLY B 320 10.49 -14.67 30.84
C GLY B 320 9.60 -15.41 29.87
N GLN B 321 9.34 -14.72 28.76
CA GLN B 321 8.53 -15.22 27.64
C GLN B 321 9.24 -15.02 26.31
N LYS B 322 10.50 -14.58 26.33
CA LYS B 322 11.30 -14.20 25.17
C LYS B 322 12.18 -15.31 24.58
N ASN B 323 12.29 -15.27 23.24
CA ASN B 323 13.23 -16.04 22.41
C ASN B 323 13.02 -17.55 22.32
N ARG B 324 12.76 -18.24 23.42
CA ARG B 324 12.57 -19.69 23.43
C ARG B 324 13.65 -20.53 22.72
N VAL B 325 14.12 -20.13 21.53
CA VAL B 325 15.05 -21.04 20.84
C VAL B 325 16.35 -21.17 21.63
N LYS B 326 16.64 -20.18 22.47
CA LYS B 326 17.80 -20.20 23.35
C LYS B 326 17.40 -19.30 24.51
N PRO B 327 16.62 -19.83 25.45
CA PRO B 327 16.18 -19.05 26.60
C PRO B 327 17.33 -18.59 27.46
N PRO B 328 17.13 -17.60 28.32
CA PRO B 328 18.19 -17.15 29.23
C PRO B 328 18.40 -18.21 30.32
N LYS B 329 19.59 -18.20 30.94
CA LYS B 329 19.93 -19.26 31.90
C LYS B 329 18.95 -19.36 33.09
N GLU B 330 18.54 -18.22 33.64
CA GLU B 330 17.73 -18.27 34.86
C GLU B 330 16.49 -19.16 34.73
N SER B 331 16.44 -20.19 35.58
CA SER B 331 15.42 -21.21 35.52
C SER B 331 14.99 -21.57 36.94
N ALA B 332 13.79 -22.13 37.06
CA ALA B 332 13.21 -22.50 38.34
C ALA B 332 12.53 -23.86 38.29
N LEU B 333 12.57 -24.57 39.42
CA LEU B 333 11.88 -25.86 39.56
C LEU B 333 10.64 -25.58 40.41
N CYS B 334 9.47 -25.55 39.76
CA CYS B 334 8.20 -25.22 40.39
C CYS B 334 7.35 -26.48 40.54
N LEU B 335 6.31 -26.38 41.36
CA LEU B 335 5.45 -27.53 41.66
C LEU B 335 4.01 -27.11 41.39
N PHE B 336 3.28 -27.99 40.71
CA PHE B 336 1.84 -27.89 40.51
C PHE B 336 1.17 -29.16 41.00
N THR B 337 0.13 -29.01 41.81
CA THR B 337 -0.63 -30.15 42.25
C THR B 337 -1.74 -30.54 41.28
N LEU B 338 -1.80 -31.84 40.98
CA LEU B 338 -2.77 -32.33 40.02
C LEU B 338 -4.17 -31.96 40.49
N ARG B 339 -4.34 -31.91 41.81
CA ARG B 339 -5.57 -31.42 42.43
C ARG B 339 -5.86 -30.00 41.98
N ALA B 340 -4.90 -29.08 42.22
CA ALA B 340 -5.17 -27.68 41.94
C ALA B 340 -5.43 -27.42 40.48
N ILE B 341 -5.02 -28.36 39.62
CA ILE B 341 -5.27 -28.16 38.19
C ILE B 341 -6.65 -28.67 37.83
N LYS B 342 -7.00 -29.86 38.34
CA LYS B 342 -8.37 -30.34 38.16
C LYS B 342 -9.38 -29.38 38.80
N GLU B 343 -8.95 -28.62 39.81
CA GLU B 343 -9.87 -27.67 40.43
C GLU B 343 -10.05 -26.43 39.57
N LYS B 344 -8.94 -25.80 39.17
CA LYS B 344 -9.05 -24.60 38.36
C LYS B 344 -9.69 -24.89 37.00
N ILE B 345 -9.74 -26.16 36.62
CA ILE B 345 -10.48 -26.55 35.42
C ILE B 345 -11.97 -26.59 35.74
N LYS B 346 -12.36 -27.44 36.70
CA LYS B 346 -13.77 -27.48 37.05
C LYS B 346 -14.27 -26.10 37.47
N GLU B 347 -13.36 -25.18 37.78
CA GLU B 347 -13.72 -23.80 38.10
C GLU B 347 -13.89 -22.92 36.88
N ARG B 348 -13.14 -23.15 35.80
CA ARG B 348 -13.35 -22.28 34.62
C ARG B 348 -14.44 -22.83 33.72
N ILE B 349 -14.70 -24.13 33.80
CA ILE B 349 -15.77 -24.76 33.04
C ILE B 349 -17.05 -24.86 33.85
N GLN B 350 -16.98 -24.67 35.16
CA GLN B 350 -18.20 -24.34 35.87
C GLN B 350 -18.58 -22.87 35.67
N SER B 351 -17.59 -21.97 35.66
CA SER B 351 -17.81 -20.55 35.35
C SER B 351 -18.40 -20.30 33.95
N CYS B 352 -18.12 -21.17 32.98
CA CYS B 352 -18.71 -21.04 31.65
C CYS B 352 -20.14 -21.54 31.59
N TYR B 353 -20.39 -22.73 32.10
CA TYR B 353 -21.75 -23.26 32.04
C TYR B 353 -22.73 -22.43 32.86
N ARG B 354 -22.27 -21.38 33.53
CA ARG B 354 -23.13 -20.37 34.10
C ARG B 354 -23.33 -19.17 33.19
N GLY B 355 -22.59 -19.07 32.09
CA GLY B 355 -22.78 -17.94 31.18
C GLY B 355 -21.92 -16.71 31.42
N GLU B 356 -20.98 -16.75 32.37
CA GLU B 356 -20.15 -15.56 32.61
C GLU B 356 -18.96 -15.54 31.66
N GLY B 357 -18.58 -14.34 31.22
CA GLY B 357 -17.36 -14.25 30.44
C GLY B 357 -17.57 -14.90 29.09
N LYS B 358 -16.51 -15.52 28.59
CA LYS B 358 -16.48 -16.10 27.26
C LYS B 358 -15.25 -16.98 27.15
N LEU B 359 -15.35 -17.99 26.31
CA LEU B 359 -14.19 -18.78 25.88
C LEU B 359 -13.18 -17.88 25.18
N SER B 360 -11.91 -18.04 25.53
CA SER B 360 -10.84 -17.13 25.11
C SER B 360 -9.65 -17.91 24.57
N LEU B 361 -9.75 -18.34 23.30
CA LEU B 361 -8.67 -19.03 22.60
C LEU B 361 -8.55 -18.25 21.29
N PRO B 362 -7.77 -17.17 21.28
CA PRO B 362 -7.69 -16.31 20.08
C PRO B 362 -7.14 -16.98 18.83
N TRP B 363 -6.37 -18.04 18.97
CA TRP B 363 -5.80 -18.76 17.83
C TRP B 363 -6.67 -19.88 17.28
N LEU B 364 -7.45 -20.52 18.12
CA LEU B 364 -8.26 -21.67 17.75
C LEU B 364 -9.71 -21.32 17.41
N LEU B 365 -10.21 -20.16 17.85
CA LEU B 365 -11.61 -19.82 17.74
C LEU B 365 -11.93 -18.58 16.93
N ASN B 366 -11.01 -17.61 16.85
CA ASN B 366 -11.18 -16.43 16.01
C ASN B 366 -12.33 -15.52 16.46
N LYS B 367 -13.58 -15.94 16.24
CA LYS B 367 -14.72 -15.07 16.54
C LYS B 367 -15.06 -15.09 18.03
N GLU B 368 -15.13 -13.90 18.64
CA GLU B 368 -15.28 -13.80 20.10
C GLU B 368 -16.65 -14.37 20.46
N LEU B 369 -16.71 -15.69 20.54
CA LEU B 369 -17.91 -16.35 21.04
C LEU B 369 -17.99 -16.20 22.56
N GLY B 370 -19.22 -16.06 23.06
CA GLY B 370 -19.40 -15.88 24.48
C GLY B 370 -19.69 -17.21 25.15
N CYS B 371 -19.53 -17.23 26.48
CA CYS B 371 -19.87 -18.43 27.24
C CYS B 371 -21.38 -18.56 27.36
N ILE B 372 -21.92 -19.60 26.75
CA ILE B 372 -23.36 -19.76 26.75
C ILE B 372 -23.76 -20.29 28.13
N ASN B 373 -24.91 -19.85 28.60
CA ASN B 373 -25.43 -20.29 29.89
C ASN B 373 -26.00 -21.67 29.77
N SER B 374 -25.98 -22.41 30.88
CA SER B 374 -26.60 -23.72 30.77
C SER B 374 -26.94 -24.37 32.09
N PRO B 375 -28.11 -24.97 32.18
CA PRO B 375 -28.59 -25.69 33.37
C PRO B 375 -28.08 -27.13 33.40
N LEU B 376 -26.77 -27.28 33.49
CA LEU B 376 -26.10 -28.57 33.54
C LEU B 376 -25.14 -28.57 34.72
N GLN B 377 -25.11 -29.67 35.48
CA GLN B 377 -24.27 -29.72 36.67
C GLN B 377 -22.97 -30.45 36.34
N ILE B 378 -21.87 -29.70 36.37
CA ILE B 378 -20.57 -30.24 35.99
C ILE B 378 -20.03 -31.20 37.05
N ASP B 379 -19.44 -32.31 36.62
CA ASP B 379 -18.73 -33.22 37.52
C ASP B 379 -17.27 -32.81 37.64
N ASP B 380 -16.43 -33.69 38.18
CA ASP B 380 -14.99 -33.63 37.93
C ASP B 380 -14.65 -34.30 36.61
N ASP B 381 -15.43 -35.30 36.21
CA ASP B 381 -15.23 -36.08 34.99
C ASP B 381 -16.34 -35.69 34.02
N PHE B 382 -16.27 -34.45 33.56
CA PHE B 382 -17.16 -33.92 32.55
C PHE B 382 -16.31 -33.71 31.30
N CYS B 383 -16.69 -34.39 30.23
CA CYS B 383 -15.89 -34.46 29.01
C CYS B 383 -16.49 -33.63 27.89
N GLY B 384 -17.01 -32.46 28.23
CA GLY B 384 -17.42 -31.48 27.22
C GLY B 384 -18.69 -31.85 26.48
N GLN B 385 -19.28 -30.85 25.83
CA GLN B 385 -20.40 -31.06 24.94
C GLN B 385 -20.24 -30.13 23.75
N ASP B 386 -21.14 -30.24 22.77
CA ASP B 386 -20.95 -29.57 21.49
C ASP B 386 -20.89 -28.04 21.56
N PHE B 387 -21.06 -27.47 22.75
CA PHE B 387 -20.98 -26.03 22.96
C PHE B 387 -19.99 -25.76 24.09
N ASN B 388 -19.50 -24.52 24.16
CA ASN B 388 -18.56 -24.12 25.21
C ASN B 388 -17.29 -24.95 25.16
N GLN B 389 -16.75 -25.10 23.95
CA GLN B 389 -15.51 -25.83 23.74
C GLN B 389 -14.98 -25.47 22.37
N PRO B 390 -13.65 -25.44 22.20
CA PRO B 390 -12.60 -25.70 23.18
C PRO B 390 -12.54 -24.52 24.15
N LEU B 391 -12.28 -24.73 25.42
CA LEU B 391 -12.50 -23.69 26.42
C LEU B 391 -11.20 -23.00 26.80
N GLY B 392 -11.26 -21.68 26.88
CA GLY B 392 -10.09 -20.85 27.13
C GLY B 392 -9.79 -20.60 28.60
N GLY B 393 -8.50 -20.58 28.91
CA GLY B 393 -8.02 -20.31 30.25
C GLY B 393 -7.75 -18.83 30.47
N THR B 394 -8.32 -18.28 31.54
CA THR B 394 -8.27 -16.85 31.80
C THR B 394 -7.11 -16.46 32.71
N VAL B 395 -6.97 -17.11 33.86
CA VAL B 395 -5.91 -16.79 34.82
C VAL B 395 -4.87 -17.90 34.76
N THR B 396 -3.61 -17.51 34.59
CA THR B 396 -2.50 -18.46 34.58
C THR B 396 -2.38 -19.17 35.92
N ILE B 397 -2.42 -20.50 35.89
CA ILE B 397 -2.21 -21.26 37.11
C ILE B 397 -0.80 -21.03 37.62
N GLU B 398 -0.68 -20.63 38.86
CA GLU B 398 0.61 -20.33 39.47
C GLU B 398 1.12 -21.55 40.22
N GLY B 399 2.43 -21.76 40.18
CA GLY B 399 3.05 -22.90 40.84
C GLY B 399 3.84 -22.49 42.07
N THR B 400 4.19 -23.51 42.86
CA THR B 400 4.93 -23.28 44.10
C THR B 400 6.40 -23.45 43.80
N PRO B 401 7.21 -22.40 43.90
CA PRO B 401 8.64 -22.52 43.61
C PRO B 401 9.37 -23.33 44.66
N LEU B 402 10.24 -24.23 44.21
CA LEU B 402 11.07 -25.04 45.09
C LEU B 402 12.55 -24.71 45.00
N PHE B 403 13.06 -24.30 43.85
CA PHE B 403 14.49 -24.09 43.70
C PHE B 403 14.77 -23.18 42.50
N VAL B 404 15.68 -22.23 42.70
CA VAL B 404 16.12 -21.36 41.62
C VAL B 404 17.64 -21.41 41.53
N ASP B 405 18.14 -21.29 40.31
CA ASP B 405 19.56 -21.27 40.00
C ASP B 405 19.73 -20.18 38.94
N LYS B 406 20.50 -19.15 39.23
CA LYS B 406 20.65 -18.01 38.33
C LYS B 406 21.91 -18.06 37.46
N ASP B 407 22.74 -19.09 37.58
CA ASP B 407 24.03 -19.15 36.90
C ASP B 407 24.13 -20.27 35.87
N ASP B 408 23.77 -21.51 36.21
CA ASP B 408 23.96 -22.65 35.30
C ASP B 408 22.58 -23.29 35.08
N GLY B 409 22.03 -23.08 33.87
CA GLY B 409 20.62 -23.33 33.65
C GLY B 409 20.18 -24.78 33.80
N LEU B 410 18.93 -24.92 34.24
CA LEU B 410 18.21 -26.18 34.35
C LEU B 410 17.58 -26.59 33.03
N THR B 411 17.57 -27.91 32.77
CA THR B 411 17.11 -28.41 31.49
C THR B 411 16.10 -29.55 31.64
N ALA B 412 16.47 -30.60 32.36
CA ALA B 412 15.63 -31.79 32.50
C ALA B 412 15.21 -31.99 33.94
N VAL B 413 14.18 -32.84 34.13
CA VAL B 413 13.59 -33.07 35.43
C VAL B 413 13.00 -34.47 35.47
N ALA B 414 12.87 -35.00 36.68
CA ALA B 414 12.29 -36.30 36.96
C ALA B 414 12.17 -36.38 38.47
N ALA B 415 11.44 -37.38 38.95
CA ALA B 415 11.25 -37.50 40.38
C ALA B 415 10.71 -38.90 40.69
N TYR B 416 10.72 -39.23 41.96
CA TYR B 416 10.10 -40.42 42.51
C TYR B 416 10.06 -40.25 44.03
N ASP B 417 9.68 -41.31 44.73
CA ASP B 417 9.66 -41.30 46.18
C ASP B 417 10.55 -42.42 46.69
N TYR B 418 11.14 -42.19 47.86
CA TYR B 418 11.88 -43.24 48.53
C TYR B 418 11.40 -43.18 49.97
N ARG B 419 10.73 -44.26 50.38
CA ARG B 419 10.25 -44.48 51.73
C ARG B 419 9.64 -43.17 52.28
N GLY B 420 8.66 -42.68 51.54
CA GLY B 420 7.98 -41.41 51.82
C GLY B 420 8.57 -40.15 51.21
N ARG B 421 9.86 -39.89 51.42
CA ARG B 421 10.44 -38.64 50.92
C ARG B 421 10.32 -38.54 49.41
N THR B 422 10.27 -37.29 48.94
CA THR B 422 9.98 -36.94 47.55
C THR B 422 11.23 -36.28 47.01
N VAL B 423 11.88 -36.96 46.07
CA VAL B 423 13.20 -36.60 45.56
C VAL B 423 13.04 -36.08 44.13
N VAL B 424 13.77 -35.02 43.80
CA VAL B 424 13.69 -34.39 42.48
C VAL B 424 15.09 -34.31 41.90
N PHE B 425 15.26 -34.91 40.72
CA PHE B 425 16.49 -34.89 39.95
C PHE B 425 16.38 -33.86 38.83
N ALA B 426 17.36 -32.96 38.73
CA ALA B 426 17.30 -31.85 37.78
C ALA B 426 18.59 -31.70 36.98
N GLY B 427 18.48 -31.86 35.65
CA GLY B 427 19.63 -31.71 34.78
C GLY B 427 19.97 -30.24 34.50
N THR B 428 21.23 -29.99 34.15
CA THR B 428 21.73 -28.63 33.93
C THR B 428 22.28 -28.50 32.51
N ARG B 429 22.50 -27.24 32.10
CA ARG B 429 23.13 -27.02 30.79
C ARG B 429 24.60 -27.42 30.80
N SER B 430 25.27 -27.35 31.94
CA SER B 430 26.63 -27.83 32.10
C SER B 430 26.75 -29.35 32.12
N GLY B 431 25.60 -30.04 32.21
CA GLY B 431 25.61 -31.48 32.25
C GLY B 431 25.51 -32.14 33.61
N ARG B 432 25.21 -31.38 34.71
CA ARG B 432 25.06 -32.01 36.02
C ARG B 432 23.60 -32.43 36.28
N ILE B 433 23.43 -33.19 37.36
CA ILE B 433 22.09 -33.66 37.79
C ILE B 433 21.93 -33.46 39.30
N ARG B 434 21.37 -32.32 39.70
CA ARG B 434 21.21 -32.02 41.12
C ARG B 434 20.12 -32.89 41.76
N LYS B 435 20.43 -33.44 42.96
CA LYS B 435 19.50 -34.24 43.74
C LYS B 435 18.81 -33.33 44.75
N ILE B 436 17.51 -33.12 44.58
CA ILE B 436 16.72 -32.20 45.40
C ILE B 436 15.82 -32.97 46.36
N LEU B 437 15.79 -32.55 47.63
CA LEU B 437 14.81 -33.07 48.58
C LEU B 437 13.82 -31.95 48.84
N VAL B 438 12.54 -32.23 48.59
CA VAL B 438 11.43 -31.29 48.78
C VAL B 438 10.65 -31.56 50.06
N ASP B 439 10.52 -30.54 50.91
CA ASP B 439 9.71 -30.61 52.12
C ASP B 439 9.20 -29.20 52.34
N LEU B 440 7.90 -29.05 52.64
CA LEU B 440 7.39 -27.71 52.87
C LEU B 440 7.51 -27.26 54.32
N SER B 441 7.66 -28.20 55.25
CA SER B 441 7.80 -27.93 56.67
C SER B 441 9.27 -27.79 57.04
N ASN B 442 10.09 -27.44 56.06
CA ASN B 442 11.51 -27.17 56.22
C ASN B 442 11.76 -25.84 56.91
N PRO B 443 12.52 -25.83 58.02
CA PRO B 443 12.65 -24.61 58.82
C PRO B 443 13.25 -23.44 58.07
N GLY B 444 13.85 -23.65 56.91
CA GLY B 444 14.35 -22.47 56.25
C GLY B 444 13.23 -21.60 55.70
N GLY B 445 12.01 -22.15 55.65
CA GLY B 445 10.85 -21.54 55.06
C GLY B 445 10.77 -21.82 53.58
N ARG B 446 11.82 -22.45 53.02
CA ARG B 446 12.16 -22.98 51.70
C ARG B 446 11.64 -24.41 51.57
N PRO B 447 11.15 -24.80 50.39
CA PRO B 447 10.53 -26.11 50.24
C PRO B 447 11.48 -27.18 49.70
N ALA B 448 12.64 -26.79 49.15
CA ALA B 448 13.54 -27.75 48.53
C ALA B 448 14.99 -27.41 48.83
N LEU B 449 15.79 -28.46 49.05
CA LEU B 449 17.21 -28.37 49.32
C LEU B 449 17.96 -29.20 48.28
N ALA B 450 18.95 -28.59 47.64
CA ALA B 450 19.82 -29.24 46.64
C ALA B 450 21.02 -29.90 47.31
N TYR B 451 20.92 -31.20 47.60
CA TYR B 451 21.92 -31.87 48.42
C TYR B 451 23.10 -32.49 47.65
N GLU B 452 23.15 -32.41 46.33
CA GLU B 452 24.29 -32.99 45.61
C GLU B 452 24.35 -32.48 44.17
N SER B 453 25.55 -32.62 43.55
CA SER B 453 25.72 -32.15 42.17
C SER B 453 26.74 -33.00 41.41
N VAL B 454 26.34 -34.22 41.03
CA VAL B 454 27.17 -35.09 40.19
C VAL B 454 27.27 -34.53 38.77
N VAL B 455 28.42 -34.72 38.13
CA VAL B 455 28.66 -34.29 36.75
C VAL B 455 28.70 -35.52 35.84
N ALA B 456 27.74 -35.60 34.92
CA ALA B 456 27.66 -36.75 34.00
C ALA B 456 28.48 -36.55 32.74
N GLN B 457 28.58 -35.33 32.22
CA GLN B 457 29.48 -35.02 31.12
C GLN B 457 29.64 -33.52 30.96
N GLU B 458 30.80 -33.00 31.31
CA GLU B 458 31.05 -31.56 31.25
C GLU B 458 30.89 -31.03 29.82
N GLY B 459 30.18 -29.91 29.70
CA GLY B 459 30.07 -29.17 28.46
C GLY B 459 28.98 -29.61 27.51
N SER B 460 28.01 -30.41 27.97
CA SER B 460 26.93 -30.83 27.09
C SER B 460 25.62 -30.79 27.87
N PRO B 461 24.63 -30.03 27.41
CA PRO B 461 23.34 -29.96 28.12
C PRO B 461 22.66 -31.33 28.20
N ILE B 462 22.13 -31.63 29.39
CA ILE B 462 21.34 -32.85 29.55
C ILE B 462 20.07 -32.70 28.71
N LEU B 463 19.66 -33.82 28.10
CA LEU B 463 18.43 -33.83 27.33
C LEU B 463 17.24 -34.22 28.21
N ARG B 464 16.06 -33.74 27.79
CA ARG B 464 14.90 -33.70 28.68
C ARG B 464 14.36 -35.08 29.04
N ASP B 465 14.60 -36.07 28.20
CA ASP B 465 14.31 -37.46 28.56
C ASP B 465 15.20 -37.98 29.68
N LEU B 466 14.56 -38.42 30.77
CA LEU B 466 15.23 -38.71 32.02
C LEU B 466 14.32 -39.62 32.84
N VAL B 467 14.72 -40.87 33.03
CA VAL B 467 13.83 -41.89 33.58
C VAL B 467 14.69 -42.85 34.39
N LEU B 468 14.04 -43.61 35.29
CA LEU B 468 14.74 -44.56 36.15
C LEU B 468 14.80 -45.95 35.53
N SER B 469 15.80 -46.71 36.00
CA SER B 469 15.80 -48.15 35.77
C SER B 469 14.54 -48.72 36.39
N PRO B 470 14.15 -49.94 36.01
CA PRO B 470 12.96 -50.52 36.66
C PRO B 470 13.08 -50.66 38.18
N ASN B 471 14.24 -51.06 38.68
CA ASN B 471 14.46 -51.23 40.11
C ASN B 471 14.71 -49.92 40.85
N HIS B 472 14.51 -48.78 40.19
CA HIS B 472 14.73 -47.44 40.75
C HIS B 472 16.15 -47.27 41.28
N GLN B 473 17.07 -48.13 40.84
CA GLN B 473 18.44 -48.11 41.34
C GLN B 473 19.30 -47.09 40.60
N TYR B 474 19.18 -47.06 39.28
CA TYR B 474 19.94 -46.15 38.44
C TYR B 474 18.99 -45.24 37.68
N LEU B 475 19.51 -44.07 37.30
CA LEU B 475 18.80 -43.13 36.44
C LEU B 475 19.66 -42.92 35.21
N TYR B 476 19.13 -43.30 34.04
CA TYR B 476 19.88 -43.14 32.80
C TYR B 476 19.78 -41.68 32.39
N ALA B 477 20.92 -40.99 32.46
CA ALA B 477 21.04 -39.57 32.16
C ALA B 477 21.75 -39.41 30.82
N MET B 478 21.01 -38.91 29.84
CA MET B 478 21.47 -38.83 28.47
C MET B 478 21.89 -37.40 28.14
N THR B 479 23.04 -37.25 27.49
CA THR B 479 23.44 -35.98 26.92
C THR B 479 23.35 -36.11 25.40
N GLU B 480 23.74 -35.04 24.70
CA GLU B 480 23.78 -35.14 23.24
C GLU B 480 24.86 -36.13 22.80
N LYS B 481 25.98 -36.16 23.52
CA LYS B 481 27.12 -36.96 23.12
C LYS B 481 27.09 -38.38 23.63
N GLN B 482 26.48 -38.63 24.78
CA GLN B 482 26.57 -39.95 25.43
C GLN B 482 25.45 -40.11 26.43
N VAL B 483 25.21 -41.36 26.82
CA VAL B 483 24.36 -41.68 27.95
C VAL B 483 25.28 -42.00 29.12
N THR B 484 24.81 -41.80 30.35
CA THR B 484 25.64 -41.96 31.54
C THR B 484 24.74 -42.56 32.63
N ARG B 485 24.91 -43.87 32.89
CA ARG B 485 24.15 -44.51 33.95
C ARG B 485 24.62 -44.02 35.32
N VAL B 486 23.94 -43.03 35.87
CA VAL B 486 24.34 -42.48 37.16
C VAL B 486 23.54 -43.17 38.26
N PRO B 487 24.19 -43.70 39.31
CA PRO B 487 23.44 -44.39 40.37
C PRO B 487 22.73 -43.37 41.28
N VAL B 488 21.44 -43.62 41.51
CA VAL B 488 20.64 -42.78 42.40
C VAL B 488 21.24 -42.77 43.80
N GLU B 489 21.31 -43.93 44.44
CA GLU B 489 22.00 -44.00 45.72
C GLU B 489 23.49 -44.06 45.47
N SER B 490 24.23 -43.21 46.17
CA SER B 490 25.69 -43.16 46.12
C SER B 490 26.25 -42.98 47.52
N CYS B 491 25.70 -43.76 48.44
CA CYS B 491 25.97 -43.58 49.87
C CYS B 491 27.40 -43.95 50.22
N VAL B 492 28.00 -44.88 49.47
CA VAL B 492 29.32 -45.40 49.80
C VAL B 492 30.42 -44.33 49.87
N GLN B 493 30.26 -43.19 49.20
CA GLN B 493 31.33 -42.20 49.16
C GLN B 493 31.64 -41.62 50.54
N TYR B 494 30.71 -41.69 51.48
CA TYR B 494 30.93 -41.12 52.81
C TYR B 494 31.58 -42.12 53.75
N THR B 495 32.64 -41.67 54.42
CA THR B 495 33.59 -42.53 55.13
C THR B 495 33.35 -42.66 56.63
N SER B 496 32.82 -41.61 57.29
CA SER B 496 32.57 -41.62 58.73
C SER B 496 31.14 -41.22 59.04
N CYS B 497 30.61 -41.77 60.15
CA CYS B 497 29.27 -41.38 60.61
C CYS B 497 29.11 -39.86 60.64
N GLU B 498 30.17 -39.11 61.01
CA GLU B 498 30.03 -37.67 61.18
C GLU B 498 29.62 -36.97 59.87
N LEU B 499 29.98 -37.53 58.72
CA LEU B 499 29.59 -36.91 57.45
C LEU B 499 28.70 -37.76 56.56
N CYS B 500 28.43 -39.02 56.90
CA CYS B 500 27.42 -39.78 56.16
C CYS B 500 26.02 -39.20 56.42
N LEU B 501 25.67 -39.06 57.68
CA LEU B 501 24.44 -38.46 58.15
C LEU B 501 24.42 -36.92 58.06
N GLY B 502 25.54 -36.29 57.69
CA GLY B 502 25.59 -34.85 57.46
C GLY B 502 25.32 -34.31 56.07
N SER B 503 25.35 -35.21 55.07
CA SER B 503 25.06 -34.85 53.69
C SER B 503 23.58 -34.59 53.44
N ARG B 504 22.71 -35.11 54.30
CA ARG B 504 21.25 -35.05 54.21
C ARG B 504 20.67 -35.86 53.07
N ASP B 505 21.46 -36.73 52.44
CA ASP B 505 20.91 -37.67 51.47
C ASP B 505 19.83 -38.53 52.11
N PRO B 506 18.60 -38.54 51.58
CA PRO B 506 17.51 -39.29 52.24
C PRO B 506 17.69 -40.80 52.23
N HIS B 507 18.46 -41.36 51.29
CA HIS B 507 18.64 -42.81 51.25
C HIS B 507 19.73 -43.28 52.21
N CYS B 508 20.57 -42.38 52.68
CA CYS B 508 21.82 -42.76 53.32
C CYS B 508 21.61 -42.80 54.83
N GLY B 509 21.95 -43.93 55.43
CA GLY B 509 22.11 -44.01 56.85
C GLY B 509 23.40 -44.78 57.15
N TRP B 510 23.75 -44.82 58.42
CA TRP B 510 25.01 -45.42 58.82
C TRP B 510 24.71 -46.81 59.36
N CYS B 511 25.21 -47.83 58.66
CA CYS B 511 25.19 -49.21 59.13
C CYS B 511 26.28 -49.34 60.18
N VAL B 512 25.89 -49.22 61.44
CA VAL B 512 26.84 -48.99 62.51
C VAL B 512 27.81 -50.17 62.61
N LEU B 513 27.30 -51.40 62.49
CA LEU B 513 28.15 -52.56 62.74
C LEU B 513 29.05 -52.89 61.55
N HIS B 514 28.77 -52.39 60.35
CA HIS B 514 29.69 -52.56 59.23
C HIS B 514 30.56 -51.34 58.95
N SER B 515 30.38 -50.23 59.68
CA SER B 515 31.17 -49.02 59.49
C SER B 515 31.17 -48.60 58.02
N ILE B 516 29.98 -48.47 57.45
CA ILE B 516 29.81 -48.12 56.05
C ILE B 516 28.54 -47.29 55.91
N CYS B 517 28.52 -46.40 54.92
CA CYS B 517 27.37 -45.55 54.66
C CYS B 517 26.64 -46.13 53.45
N SER B 518 25.40 -46.58 53.66
CA SER B 518 24.70 -47.34 52.63
C SER B 518 23.19 -47.13 52.74
N ARG B 519 22.44 -47.84 51.90
CA ARG B 519 20.98 -47.80 51.88
C ARG B 519 20.38 -48.70 52.96
N ARG B 520 19.14 -48.36 53.35
CA ARG B 520 18.44 -49.03 54.44
C ARG B 520 18.21 -50.52 54.24
N ASP B 521 18.37 -51.05 53.03
CA ASP B 521 18.26 -52.50 52.85
C ASP B 521 19.60 -53.20 52.66
N ALA B 522 20.68 -52.44 52.46
CA ALA B 522 22.01 -53.02 52.32
C ALA B 522 22.67 -53.28 53.67
N CYS B 523 22.14 -52.71 54.75
CA CYS B 523 22.69 -52.92 56.09
C CYS B 523 22.09 -54.21 56.66
N GLU B 524 22.96 -55.16 57.00
CA GLU B 524 22.54 -56.44 57.54
C GLU B 524 21.74 -56.30 58.82
N ARG B 525 20.56 -56.93 58.86
CA ARG B 525 19.74 -56.99 60.07
C ARG B 525 19.38 -55.61 60.61
N ALA B 526 19.20 -54.63 59.71
CA ALA B 526 19.00 -53.24 60.10
C ALA B 526 17.66 -52.97 60.76
N ASP B 527 16.72 -53.94 60.76
CA ASP B 527 15.46 -53.74 61.46
C ASP B 527 15.65 -53.87 62.97
N GLU B 528 16.62 -54.64 63.42
CA GLU B 528 16.89 -54.76 64.86
C GLU B 528 17.33 -53.41 65.40
N PRO B 529 17.12 -53.15 66.70
CA PRO B 529 17.33 -51.80 67.22
C PRO B 529 18.78 -51.37 67.16
N GLN B 530 18.98 -50.08 66.89
CA GLN B 530 20.30 -49.43 66.88
C GLN B 530 21.21 -49.87 65.74
N ARG B 531 20.82 -50.90 64.97
CA ARG B 531 21.69 -51.33 63.88
C ARG B 531 21.78 -50.29 62.77
N PHE B 532 20.78 -49.44 62.60
CA PHE B 532 20.84 -48.44 61.55
C PHE B 532 20.71 -47.05 62.19
N ALA B 533 21.37 -46.07 61.58
CA ALA B 533 21.45 -44.70 62.10
C ALA B 533 20.71 -43.72 61.19
N ALA B 534 19.58 -43.20 61.67
CA ALA B 534 18.80 -42.25 60.88
C ALA B 534 19.21 -40.79 61.07
N ASP B 535 19.09 -40.27 62.27
CA ASP B 535 19.42 -38.88 62.61
C ASP B 535 20.87 -38.69 63.06
N LEU B 536 21.44 -37.54 62.73
CA LEU B 536 22.80 -37.20 63.10
C LEU B 536 23.00 -37.37 64.62
N LEU B 537 22.05 -36.92 65.46
CA LEU B 537 22.21 -37.09 66.88
C LEU B 537 22.11 -38.55 67.31
N GLN B 538 22.55 -39.46 66.43
CA GLN B 538 22.56 -40.89 66.76
C GLN B 538 23.86 -41.55 66.34
N CYS B 539 24.93 -40.78 66.14
CA CYS B 539 26.22 -41.35 65.80
C CYS B 539 26.77 -42.07 67.03
N VAL B 540 27.59 -43.09 66.78
CA VAL B 540 28.21 -43.85 67.86
C VAL B 540 29.09 -42.96 68.71
N GLN B 541 28.93 -43.05 70.03
CA GLN B 541 29.73 -42.29 70.97
C GLN B 541 30.36 -43.25 71.97
N LEU B 542 31.62 -42.99 72.28
CA LEU B 542 32.42 -43.85 73.14
C LEU B 542 33.13 -42.99 74.16
N THR B 543 33.19 -43.47 75.40
CA THR B 543 33.92 -42.81 76.46
C THR B 543 34.72 -43.86 77.21
N VAL B 544 35.84 -43.44 77.79
CA VAL B 544 36.75 -44.36 78.46
C VAL B 544 36.99 -43.88 79.88
N GLN B 545 37.09 -44.84 80.81
CA GLN B 545 37.52 -44.57 82.18
C GLN B 545 38.65 -45.53 82.54
N PRO B 546 39.87 -45.02 82.73
CA PRO B 546 40.08 -43.58 82.56
C PRO B 546 40.50 -43.18 81.15
N ARG B 547 40.38 -41.90 80.87
CA ARG B 547 40.74 -41.33 79.57
C ARG B 547 42.24 -41.20 79.44
N ASN B 548 42.93 -41.31 80.57
CA ASN B 548 44.38 -41.16 80.58
C ASN B 548 45.11 -42.20 81.45
N VAL B 549 46.25 -42.75 80.99
CA VAL B 549 47.14 -43.58 81.82
C VAL B 549 48.62 -43.38 81.46
N SER B 550 49.48 -43.42 82.49
CA SER B 550 50.94 -43.30 82.37
C SER B 550 51.60 -44.57 81.85
N VAL B 551 52.70 -44.41 81.11
CA VAL B 551 53.48 -45.55 80.59
C VAL B 551 53.98 -46.46 81.72
N THR B 552 54.04 -45.96 82.96
CA THR B 552 54.46 -46.79 84.08
C THR B 552 53.50 -47.94 84.35
N MET B 553 52.22 -47.79 84.04
CA MET B 553 51.28 -48.88 84.28
C MET B 553 51.35 -49.88 83.13
N SER B 554 50.86 -51.09 83.40
CA SER B 554 50.82 -52.12 82.36
C SER B 554 49.47 -52.80 82.48
N GLN B 555 48.80 -52.98 81.34
CA GLN B 555 47.57 -53.78 81.22
C GLN B 555 46.57 -53.39 82.30
N VAL B 556 46.48 -52.10 82.59
CA VAL B 556 45.51 -51.65 83.59
C VAL B 556 44.10 -51.77 83.03
N PRO B 557 43.13 -52.30 83.78
CA PRO B 557 41.78 -52.48 83.23
C PRO B 557 41.09 -51.14 83.03
N LEU B 558 40.67 -50.86 81.80
CA LEU B 558 39.81 -49.73 81.46
C LEU B 558 38.35 -50.17 81.39
N VAL B 559 37.45 -49.22 81.60
CA VAL B 559 36.02 -49.44 81.42
C VAL B 559 35.43 -48.35 80.54
N LEU B 560 34.81 -48.77 79.43
CA LEU B 560 34.26 -47.93 78.38
C LEU B 560 32.74 -47.98 78.35
N GLN B 561 32.11 -46.82 78.14
CA GLN B 561 30.66 -46.71 78.05
C GLN B 561 30.33 -46.22 76.64
N ALA B 562 29.69 -47.08 75.87
CA ALA B 562 29.32 -46.82 74.48
C ALA B 562 27.85 -46.43 74.40
N TRP B 563 27.55 -45.46 73.55
CA TRP B 563 26.20 -44.95 73.40
C TRP B 563 25.81 -45.04 71.93
N ASN B 564 24.54 -45.35 71.68
CA ASN B 564 24.01 -45.51 70.33
C ASN B 564 24.70 -46.65 69.56
N VAL B 565 24.67 -47.84 70.15
CA VAL B 565 25.21 -49.04 69.51
C VAL B 565 24.24 -50.19 69.69
N PRO B 566 24.20 -51.11 68.70
CA PRO B 566 23.25 -52.22 68.79
C PRO B 566 23.63 -53.28 69.81
N ASP B 567 22.93 -54.42 69.77
CA ASP B 567 23.24 -55.55 70.67
C ASP B 567 24.58 -56.14 70.26
N LEU B 568 25.64 -55.80 71.00
CA LEU B 568 27.02 -56.25 70.77
C LEU B 568 27.35 -57.64 71.33
N SER B 569 26.40 -58.39 71.88
CA SER B 569 26.71 -59.70 72.47
C SER B 569 27.40 -60.65 71.50
N ALA B 570 27.50 -60.27 70.22
CA ALA B 570 28.30 -61.04 69.28
C ALA B 570 29.76 -61.10 69.69
N GLY B 571 30.23 -60.08 70.42
CA GLY B 571 31.64 -60.05 70.80
C GLY B 571 32.40 -58.87 70.23
N VAL B 572 33.32 -58.30 71.00
CA VAL B 572 34.02 -57.09 70.58
C VAL B 572 35.44 -57.13 71.13
N ASN B 573 36.38 -56.63 70.32
CA ASN B 573 37.79 -56.53 70.67
C ASN B 573 38.13 -55.06 70.91
N CYS B 574 39.11 -54.84 71.78
CA CYS B 574 39.71 -53.52 71.93
C CYS B 574 40.96 -53.51 71.07
N SER B 575 40.96 -52.72 70.01
CA SER B 575 42.11 -52.62 69.12
C SER B 575 42.69 -51.21 69.26
N PHE B 576 43.92 -51.14 69.74
CA PHE B 576 44.68 -49.90 69.85
C PHE B 576 45.42 -49.64 68.54
N GLU B 577 44.81 -48.82 67.68
CA GLU B 577 45.21 -48.64 66.28
C GLU B 577 45.58 -49.94 65.57
N ASP B 578 46.86 -50.13 65.26
CA ASP B 578 47.31 -51.37 64.62
C ASP B 578 48.46 -51.97 65.41
N PHE B 579 48.22 -52.16 66.71
CA PHE B 579 49.15 -52.80 67.63
C PHE B 579 48.48 -53.97 68.34
N THR B 580 48.10 -53.72 69.58
CA THR B 580 47.38 -54.69 70.38
C THR B 580 46.01 -54.96 69.79
N GLU B 581 45.47 -56.10 70.18
CA GLU B 581 44.09 -56.49 69.96
C GLU B 581 43.77 -57.22 71.25
N SER B 582 43.45 -56.45 72.28
CA SER B 582 43.03 -57.11 73.51
C SER B 582 41.64 -57.57 73.20
N GLU B 583 41.30 -58.78 73.60
CA GLU B 583 39.93 -59.23 73.48
C GLU B 583 39.16 -58.91 74.74
N SER B 584 37.92 -58.49 74.57
CA SER B 584 37.17 -57.85 75.64
C SER B 584 36.02 -58.73 76.10
N VAL B 585 35.43 -58.30 77.22
CA VAL B 585 34.29 -58.94 77.85
C VAL B 585 33.27 -57.84 78.10
N LEU B 586 32.01 -58.22 78.18
CA LEU B 586 30.90 -57.27 78.21
C LEU B 586 30.13 -57.50 79.48
N GLU B 587 29.87 -56.42 80.22
CA GLU B 587 29.10 -56.56 81.44
C GLU B 587 28.19 -55.35 81.51
N ASP B 588 26.90 -55.57 81.82
CA ASP B 588 25.93 -54.48 81.84
C ASP B 588 26.00 -53.60 80.59
N GLY B 589 26.21 -52.29 80.75
CA GLY B 589 26.39 -51.44 79.59
C GLY B 589 27.78 -50.88 79.33
N ARG B 590 28.80 -51.59 79.79
CA ARG B 590 30.19 -51.12 79.83
C ARG B 590 31.08 -52.21 79.26
N ILE B 591 32.17 -51.80 78.62
CA ILE B 591 33.04 -52.75 77.93
C ILE B 591 34.36 -52.79 78.69
N HIS B 592 34.64 -53.91 79.35
CA HIS B 592 35.91 -54.09 80.02
C HIS B 592 36.89 -54.78 79.07
N CYS B 593 38.11 -54.28 79.07
CA CYS B 593 39.26 -54.89 78.39
C CYS B 593 40.51 -54.27 78.98
N ARG B 594 41.66 -54.71 78.50
CA ARG B 594 42.92 -54.37 79.11
C ARG B 594 43.67 -53.39 78.23
N SER B 595 44.31 -52.41 78.88
CA SER B 595 45.26 -51.58 78.19
C SER B 595 46.45 -52.45 77.77
N PRO B 596 47.28 -51.99 76.84
CA PRO B 596 48.50 -52.72 76.54
C PRO B 596 49.45 -52.74 77.74
N SER B 597 50.26 -53.79 77.78
CA SER B 597 51.37 -53.88 78.72
C SER B 597 52.51 -52.97 78.30
N ALA B 598 53.22 -52.42 79.28
CA ALA B 598 54.25 -51.42 78.97
C ALA B 598 55.26 -51.99 78.00
N ARG B 599 55.36 -53.32 77.89
CA ARG B 599 56.13 -53.91 76.79
C ARG B 599 55.58 -53.53 75.43
N GLU B 600 54.25 -53.50 75.30
CA GLU B 600 53.66 -53.08 74.04
C GLU B 600 53.68 -51.56 73.90
N VAL B 601 53.47 -50.86 75.03
CA VAL B 601 53.41 -49.41 75.04
C VAL B 601 54.77 -48.80 74.73
N ALA B 602 55.86 -49.52 75.07
CA ALA B 602 57.20 -48.94 74.99
C ALA B 602 57.52 -48.44 73.59
N PRO B 603 57.42 -49.26 72.53
CA PRO B 603 57.72 -48.75 71.18
C PRO B 603 56.70 -47.71 70.72
N ILE B 604 55.49 -47.73 71.31
CA ILE B 604 54.47 -46.74 71.00
C ILE B 604 54.97 -45.36 71.38
N THR B 605 55.51 -45.23 72.58
CA THR B 605 55.97 -43.95 73.08
C THR B 605 57.44 -43.73 72.80
N ARG B 606 58.15 -44.77 72.37
CA ARG B 606 59.56 -44.66 72.00
C ARG B 606 59.78 -43.62 70.91
N GLY B 607 60.11 -42.39 71.32
CA GLY B 607 60.38 -41.35 70.35
C GLY B 607 59.46 -40.16 70.47
N GLN B 608 58.17 -40.47 70.61
CA GLN B 608 57.08 -39.49 70.61
C GLN B 608 57.10 -38.54 71.80
N GLY B 609 57.95 -38.78 72.79
CA GLY B 609 58.26 -37.78 73.79
C GLY B 609 57.19 -37.48 74.84
N ASP B 610 56.72 -36.23 74.86
CA ASP B 610 55.82 -35.76 75.91
C ASP B 610 54.53 -36.58 76.03
N GLN B 611 53.91 -36.94 74.91
CA GLN B 611 52.70 -37.76 74.95
C GLN B 611 52.35 -38.22 73.55
N ARG B 612 51.49 -39.24 73.49
CA ARG B 612 50.94 -39.75 72.23
C ARG B 612 49.45 -40.02 72.40
N VAL B 613 48.65 -39.45 71.52
CA VAL B 613 47.22 -39.76 71.42
C VAL B 613 47.09 -40.94 70.47
N VAL B 614 46.26 -41.90 70.83
CA VAL B 614 46.10 -43.11 70.03
C VAL B 614 44.62 -43.44 69.89
N LYS B 615 44.24 -43.90 68.70
CA LYS B 615 42.85 -44.16 68.39
C LYS B 615 42.48 -45.48 69.02
N LEU B 616 41.54 -45.47 69.97
CA LEU B 616 41.04 -46.69 70.59
C LEU B 616 39.83 -47.20 69.81
N TYR B 617 40.04 -48.23 68.99
CA TYR B 617 38.95 -48.73 68.17
C TYR B 617 38.23 -49.86 68.91
N LEU B 618 37.04 -50.20 68.39
CA LEU B 618 36.27 -51.36 68.81
C LEU B 618 36.10 -52.30 67.63
N LYS B 619 36.78 -53.43 67.67
CA LYS B 619 36.65 -54.44 66.63
C LYS B 619 35.57 -55.43 67.04
N SER B 620 34.53 -55.56 66.22
CA SER B 620 33.39 -56.42 66.53
C SER B 620 33.64 -57.83 66.00
N LYS B 621 33.19 -58.83 66.76
CA LYS B 621 33.32 -60.21 66.28
C LYS B 621 32.41 -60.48 65.09
N GLU B 622 31.23 -59.87 65.06
CA GLU B 622 30.31 -60.13 63.95
C GLU B 622 30.93 -59.70 62.63
N THR B 623 31.29 -58.42 62.52
CA THR B 623 31.90 -57.95 61.27
C THR B 623 33.36 -58.34 61.18
N GLY B 624 34.16 -58.04 62.21
CA GLY B 624 35.60 -58.08 62.06
C GLY B 624 36.26 -56.78 61.68
N LYS B 625 35.53 -55.66 61.62
CA LYS B 625 36.08 -54.38 61.23
C LYS B 625 35.87 -53.40 62.37
N LYS B 626 36.79 -52.43 62.50
CA LYS B 626 36.70 -51.44 63.56
C LYS B 626 35.59 -50.44 63.24
N PHE B 627 34.69 -50.23 64.20
CA PHE B 627 33.51 -49.40 63.95
C PHE B 627 33.38 -48.15 64.82
N ALA B 628 33.97 -48.13 66.02
CA ALA B 628 33.81 -47.01 66.93
C ALA B 628 35.16 -46.57 67.47
N SER B 629 35.38 -45.26 67.48
CA SER B 629 36.63 -44.68 67.93
C SER B 629 36.41 -43.73 69.09
N VAL B 630 37.47 -43.54 69.87
CA VAL B 630 37.49 -42.62 71.00
C VAL B 630 38.96 -42.32 71.26
N ASP B 631 39.25 -41.08 71.62
CA ASP B 631 40.63 -40.65 71.79
C ASP B 631 41.16 -41.11 73.15
N PHE B 632 42.34 -41.73 73.14
CA PHE B 632 43.02 -42.21 74.34
C PHE B 632 44.44 -41.65 74.36
N VAL B 633 44.92 -41.28 75.54
CA VAL B 633 46.17 -40.53 75.68
C VAL B 633 47.11 -41.29 76.62
N PHE B 634 48.34 -41.51 76.15
CA PHE B 634 49.44 -42.00 76.97
C PHE B 634 50.44 -40.90 77.32
N TYR B 635 50.72 -40.72 78.60
CA TYR B 635 51.72 -39.78 79.08
C TYR B 635 52.88 -40.53 79.74
N ASN B 636 54.03 -39.85 79.83
CA ASN B 636 55.30 -40.42 80.30
C ASN B 636 55.89 -39.32 81.18
N CYS B 637 55.64 -39.42 82.49
CA CYS B 637 56.02 -38.38 83.44
C CYS B 637 57.53 -38.13 83.47
N SER B 638 58.35 -39.07 82.97
CA SER B 638 59.80 -38.95 83.10
C SER B 638 60.32 -37.68 82.43
N VAL B 639 59.87 -37.42 81.19
CA VAL B 639 60.46 -36.41 80.32
C VAL B 639 60.29 -34.99 80.84
N HIS B 640 59.40 -34.77 81.81
CA HIS B 640 59.14 -33.42 82.33
C HIS B 640 60.32 -32.85 83.09
N GLN B 641 60.61 -31.56 82.84
CA GLN B 641 61.87 -30.98 83.27
C GLN B 641 61.78 -30.06 84.49
N SER B 642 60.69 -29.32 84.66
CA SER B 642 60.56 -28.41 85.80
C SER B 642 59.53 -28.91 86.80
N CYS B 643 59.48 -28.23 87.96
CA CYS B 643 58.46 -28.53 88.96
C CYS B 643 57.06 -28.23 88.43
N LEU B 644 56.93 -27.23 87.57
CA LEU B 644 55.62 -26.86 87.05
C LEU B 644 55.28 -27.67 85.82
N SER B 645 56.30 -28.01 85.01
CA SER B 645 56.11 -28.98 83.94
C SER B 645 55.48 -30.24 84.50
N CYS B 646 55.86 -30.61 85.72
CA CYS B 646 55.34 -31.83 86.36
C CYS B 646 53.90 -31.60 86.80
N VAL B 647 53.68 -30.62 87.68
CA VAL B 647 52.40 -30.49 88.38
C VAL B 647 51.34 -29.96 87.42
N ASN B 648 51.60 -28.81 86.80
CA ASN B 648 50.58 -28.19 85.94
C ASN B 648 50.26 -29.04 84.72
N GLY B 649 51.04 -30.08 84.44
CA GLY B 649 50.62 -31.01 83.41
C GLY B 649 49.21 -31.45 83.75
N SER B 650 48.42 -31.79 82.74
CA SER B 650 47.02 -32.11 82.97
C SER B 650 46.83 -33.37 83.82
N PHE B 651 47.88 -34.16 84.02
CA PHE B 651 47.77 -35.49 84.58
C PHE B 651 48.58 -35.63 85.85
N PRO B 652 48.25 -36.62 86.72
CA PRO B 652 48.96 -36.75 88.00
C PRO B 652 50.41 -37.24 87.93
N CYS B 653 51.35 -36.30 87.96
CA CYS B 653 52.78 -36.54 88.05
C CYS B 653 53.29 -35.86 89.31
N HIS B 654 54.25 -36.49 90.00
CA HIS B 654 54.84 -35.93 91.21
C HIS B 654 56.27 -35.47 90.95
N TRP B 655 56.61 -34.31 91.50
CA TRP B 655 57.95 -33.73 91.37
C TRP B 655 58.72 -34.06 92.65
N CYS B 656 59.93 -34.59 92.48
CA CYS B 656 60.80 -34.94 93.60
C CYS B 656 61.80 -33.80 93.77
N LYS B 657 61.49 -32.87 94.68
CA LYS B 657 62.25 -31.62 94.84
C LYS B 657 63.68 -31.90 95.32
N TYR B 658 63.90 -33.07 95.88
CA TYR B 658 65.15 -33.54 96.48
C TYR B 658 65.99 -34.28 95.44
N ARG B 659 65.35 -35.01 94.53
CA ARG B 659 66.05 -35.60 93.39
C ARG B 659 66.26 -34.60 92.27
N HIS B 660 65.17 -34.10 91.69
CA HIS B 660 65.01 -33.12 90.62
C HIS B 660 64.56 -33.81 89.34
N VAL B 661 63.54 -34.67 89.48
CA VAL B 661 62.97 -35.46 88.39
C VAL B 661 61.47 -35.48 88.60
N CYS B 662 60.76 -35.97 87.59
CA CYS B 662 59.30 -36.02 87.61
C CYS B 662 58.92 -37.46 87.35
N THR B 663 58.09 -38.01 88.24
CA THR B 663 57.70 -39.41 88.18
C THR B 663 56.25 -39.56 88.62
N HIS B 664 55.76 -40.79 88.52
CA HIS B 664 54.44 -41.19 88.96
C HIS B 664 54.46 -41.71 90.38
N ASN B 665 54.82 -42.97 90.59
CA ASN B 665 54.95 -43.61 91.89
C ASN B 665 55.88 -42.93 92.88
N VAL B 666 55.34 -42.35 93.97
CA VAL B 666 56.14 -41.37 94.69
C VAL B 666 57.26 -42.04 95.46
N ALA B 667 57.30 -43.38 95.46
CA ALA B 667 58.40 -44.07 96.09
C ALA B 667 59.69 -43.82 95.34
N ASP B 668 59.61 -43.21 94.14
CA ASP B 668 60.77 -42.93 93.32
C ASP B 668 61.55 -41.72 93.83
N CYS B 669 60.92 -40.90 94.66
CA CYS B 669 61.49 -39.70 95.26
C CYS B 669 62.57 -40.09 96.27
N ALA B 670 63.47 -39.14 96.54
CA ALA B 670 64.52 -39.42 97.50
C ALA B 670 63.90 -39.79 98.84
N PHE B 671 62.99 -38.96 99.33
CA PHE B 671 62.18 -39.26 100.51
C PHE B 671 60.78 -38.77 100.22
N LEU B 672 59.86 -39.06 101.14
CA LEU B 672 58.47 -38.65 100.93
C LEU B 672 58.40 -37.12 100.94
N GLU B 673 59.12 -36.49 101.85
CA GLU B 673 59.08 -35.05 102.07
C GLU B 673 59.51 -34.25 100.84
N GLY B 674 60.06 -34.90 99.80
CA GLY B 674 60.29 -34.35 98.48
C GLY B 674 59.11 -34.36 97.53
N ARG B 675 58.02 -35.03 97.90
CA ARG B 675 56.76 -35.03 97.17
C ARG B 675 56.15 -33.65 96.99
N VAL B 676 56.11 -33.17 95.75
CA VAL B 676 55.42 -31.93 95.41
C VAL B 676 54.25 -32.27 94.48
N ASN B 677 53.03 -32.17 95.02
CA ASN B 677 51.80 -32.52 94.29
C ASN B 677 51.19 -31.32 93.61
N VAL B 678 51.24 -30.17 94.27
CA VAL B 678 50.48 -28.98 93.91
C VAL B 678 51.48 -27.92 93.50
N SER B 679 51.01 -26.98 92.70
CA SER B 679 51.89 -26.01 92.05
C SER B 679 52.53 -25.07 93.06
N GLU B 680 51.88 -24.84 94.21
CA GLU B 680 52.41 -23.93 95.21
C GLU B 680 53.58 -24.52 96.00
N ASP B 681 53.75 -25.84 96.05
CA ASP B 681 54.87 -26.52 96.70
C ASP B 681 56.13 -26.58 95.84
N CYS B 682 56.22 -25.81 94.76
CA CYS B 682 57.44 -25.87 93.95
C CYS B 682 58.63 -25.12 94.58
N PRO B 683 59.77 -24.93 93.86
CA PRO B 683 60.83 -24.06 94.43
C PRO B 683 60.78 -22.56 94.18
N GLN B 684 61.79 -21.93 94.79
CA GLN B 684 62.03 -20.51 94.75
C GLN B 684 63.53 -20.27 94.58
N ARG C 3 -25.68 0.66 21.59
CA ARG C 3 -24.96 1.67 20.84
C ARG C 3 -25.17 1.52 19.34
N SER C 4 -25.82 2.51 18.73
CA SER C 4 -26.06 2.50 17.29
C SER C 4 -26.20 3.92 16.74
N PHE C 5 -27.17 4.12 15.79
CA PHE C 5 -27.18 5.38 15.05
C PHE C 5 -28.30 6.30 15.50
N PRO C 6 -27.93 7.55 15.78
CA PRO C 6 -28.89 8.58 16.22
C PRO C 6 -29.99 8.82 15.20
N GLU C 7 -31.02 9.50 15.66
CA GLU C 7 -32.18 9.88 14.88
C GLU C 7 -32.36 11.39 15.02
N ASP C 8 -33.26 11.95 14.22
CA ASP C 8 -33.49 13.37 14.21
C ASP C 8 -34.25 13.74 15.48
N ASP C 9 -33.70 14.67 16.27
CA ASP C 9 -34.40 15.14 17.46
C ASP C 9 -35.68 15.87 17.07
N GLU C 10 -36.71 15.74 17.91
CA GLU C 10 -37.97 16.45 17.72
C GLU C 10 -37.91 17.84 18.33
N PRO C 11 -38.19 18.90 17.57
CA PRO C 11 -38.20 20.26 18.12
C PRO C 11 -39.24 20.44 19.22
N LEU C 12 -38.79 20.98 20.37
CA LEU C 12 -39.71 21.19 21.48
C LEU C 12 -40.73 22.27 21.17
N ASN C 13 -40.38 23.20 20.27
CA ASN C 13 -41.27 24.27 19.83
C ASN C 13 -40.88 24.65 18.41
N THR C 14 -41.86 24.90 17.55
CA THR C 14 -41.62 25.34 16.19
C THR C 14 -42.18 26.74 15.95
N VAL C 15 -41.60 27.43 14.96
CA VAL C 15 -41.96 28.80 14.60
C VAL C 15 -42.04 28.96 13.08
N ASP C 16 -43.25 28.93 12.51
CA ASP C 16 -43.44 29.02 11.07
C ASP C 16 -43.22 30.46 10.57
N TYR C 17 -43.26 30.60 9.24
CA TYR C 17 -43.03 31.89 8.59
C TYR C 17 -43.98 32.98 9.09
N HIS C 18 -45.21 32.63 9.44
CA HIS C 18 -46.15 33.65 9.88
C HIS C 18 -45.76 34.14 11.25
N TYR C 19 -45.21 33.24 12.06
CA TYR C 19 -44.77 33.51 13.41
C TYR C 19 -43.45 34.28 13.45
N SER C 20 -42.77 34.46 12.30
CA SER C 20 -41.47 35.11 12.31
C SER C 20 -41.37 36.20 11.26
N ARG C 21 -42.47 36.51 10.58
CA ARG C 21 -42.54 37.63 9.67
C ARG C 21 -42.84 38.87 10.49
N GLN C 22 -43.00 38.62 11.80
CA GLN C 22 -43.29 39.57 12.84
C GLN C 22 -42.00 40.12 13.43
N TYR C 23 -40.90 40.00 12.69
CA TYR C 23 -39.52 40.27 13.01
C TYR C 23 -38.92 41.32 12.06
N PRO C 24 -38.15 42.27 12.56
CA PRO C 24 -37.63 43.31 11.67
C PRO C 24 -36.53 42.73 10.80
N VAL C 25 -36.41 43.25 9.57
CA VAL C 25 -35.44 42.76 8.60
C VAL C 25 -34.61 43.94 8.08
N PHE C 26 -33.62 43.62 7.24
CA PHE C 26 -32.72 44.59 6.67
C PHE C 26 -32.39 44.28 5.21
N ARG C 27 -32.50 45.29 4.35
CA ARG C 27 -32.21 45.13 2.93
C ARG C 27 -31.46 46.34 2.38
N GLY C 28 -32.17 47.28 1.75
CA GLY C 28 -31.55 48.47 1.20
C GLY C 28 -32.50 49.62 0.94
N HIS C 37 -31.75 47.72 -6.78
CA HIS C 37 -30.38 47.36 -6.43
C HIS C 37 -30.40 46.27 -5.35
N ARG C 38 -29.95 45.07 -5.70
CA ARG C 38 -30.07 43.92 -4.82
C ARG C 38 -28.97 43.86 -3.77
N LEU C 39 -29.34 43.53 -2.54
CA LEU C 39 -28.34 43.41 -1.48
C LEU C 39 -27.58 42.11 -1.75
N ASP C 40 -26.26 42.13 -1.59
CA ASP C 40 -25.45 40.93 -1.84
C ASP C 40 -24.51 40.68 -0.65
N PHE C 41 -25.13 40.46 0.51
CA PHE C 41 -24.42 40.23 1.76
C PHE C 41 -23.36 39.13 1.65
N GLN C 42 -22.26 39.33 2.39
CA GLN C 42 -21.07 38.49 2.47
C GLN C 42 -20.64 38.16 3.90
N LEU C 43 -20.62 39.13 4.81
CA LEU C 43 -20.28 38.84 6.20
C LEU C 43 -20.72 39.98 7.11
N MET C 44 -20.81 39.68 8.41
CA MET C 44 -21.01 40.69 9.45
C MET C 44 -20.02 40.52 10.60
N LEU C 45 -19.92 41.57 11.41
CA LEU C 45 -19.01 41.64 12.55
C LEU C 45 -19.58 42.62 13.57
N LYS C 46 -19.47 42.28 14.86
CA LYS C 46 -19.96 43.11 15.95
C LYS C 46 -18.79 43.61 16.79
N ILE C 47 -18.69 44.94 16.88
CA ILE C 47 -17.86 45.66 17.83
C ILE C 47 -18.76 46.49 18.73
N ARG C 48 -18.49 46.42 20.02
CA ARG C 48 -19.23 47.12 21.04
C ARG C 48 -20.71 46.89 20.80
N ASP C 49 -21.41 47.93 20.38
CA ASP C 49 -22.86 47.94 20.20
C ASP C 49 -23.19 48.27 18.76
N THR C 50 -22.32 47.88 17.82
CA THR C 50 -22.47 48.28 16.42
C THR C 50 -22.12 47.12 15.51
N LEU C 51 -23.05 46.80 14.60
CA LEU C 51 -22.90 45.71 13.64
C LEU C 51 -22.59 46.21 12.25
N TYR C 52 -21.35 45.98 11.79
CA TYR C 52 -20.99 46.25 10.41
C TYR C 52 -21.45 45.10 9.51
N ILE C 53 -22.09 45.44 8.39
CA ILE C 53 -22.61 44.46 7.44
C ILE C 53 -22.05 44.77 6.06
N ALA C 54 -21.40 43.79 5.43
CA ALA C 54 -20.72 43.99 4.15
C ALA C 54 -21.47 43.24 3.07
N GLY C 55 -21.84 43.95 2.00
CA GLY C 55 -22.56 43.37 0.88
C GLY C 55 -21.96 43.77 -0.46
N ARG C 56 -22.84 44.02 -1.43
CA ARG C 56 -22.37 44.44 -2.74
C ARG C 56 -22.15 45.95 -2.71
N ASP C 57 -20.94 46.36 -3.06
CA ASP C 57 -20.52 47.74 -3.22
C ASP C 57 -20.49 48.49 -1.88
N GLN C 58 -21.18 47.95 -0.88
CA GLN C 58 -21.54 48.66 0.34
C GLN C 58 -21.16 47.88 1.58
N VAL C 59 -20.86 48.63 2.65
CA VAL C 59 -20.85 48.10 4.01
C VAL C 59 -21.71 49.01 4.88
N TYR C 60 -22.79 48.46 5.43
CA TYR C 60 -23.69 49.24 6.28
C TYR C 60 -23.35 49.04 7.74
N THR C 61 -23.67 50.06 8.54
CA THR C 61 -23.59 50.00 9.99
C THR C 61 -25.01 49.99 10.56
N VAL C 62 -25.18 49.31 11.69
CA VAL C 62 -26.46 49.35 12.40
C VAL C 62 -26.17 49.54 13.88
N ASN C 63 -26.77 50.57 14.47
CA ASN C 63 -26.75 50.78 15.92
C ASN C 63 -27.61 49.73 16.61
N LEU C 64 -26.99 48.92 17.48
CA LEU C 64 -27.65 47.83 18.18
C LEU C 64 -28.40 48.27 19.44
N ASN C 65 -28.23 49.51 19.89
CA ASN C 65 -29.00 50.06 21.01
C ASN C 65 -30.36 50.51 20.52
N ASP C 66 -30.38 51.11 19.33
CA ASP C 66 -31.61 51.44 18.62
C ASP C 66 -32.46 50.17 18.57
N ILE C 67 -33.56 50.16 19.30
CA ILE C 67 -34.50 49.05 19.19
C ILE C 67 -35.32 49.24 17.92
N PRO C 68 -35.39 48.24 17.05
CA PRO C 68 -36.06 48.45 15.77
C PRO C 68 -37.57 48.49 15.92
N GLN C 69 -38.23 49.20 15.01
CA GLN C 69 -39.68 49.35 15.08
C GLN C 69 -40.32 48.34 14.14
N THR C 70 -40.05 48.47 12.83
CA THR C 70 -40.61 47.59 11.81
C THR C 70 -39.54 47.12 10.86
N GLU C 71 -38.40 47.81 10.82
CA GLU C 71 -37.26 47.51 9.97
C GLU C 71 -36.03 48.18 10.57
N VAL C 72 -34.96 47.40 10.72
CA VAL C 72 -33.64 47.88 11.14
C VAL C 72 -33.12 48.89 10.12
N ILE C 73 -32.99 50.16 10.50
CA ILE C 73 -32.51 51.17 9.55
C ILE C 73 -31.02 51.40 9.82
N PRO C 74 -30.21 51.55 8.78
CA PRO C 74 -28.78 51.84 8.98
C PRO C 74 -28.48 53.24 9.52
N SER C 75 -27.49 53.29 10.44
CA SER C 75 -27.02 54.56 11.01
C SER C 75 -26.05 55.28 10.07
N LYS C 76 -24.87 54.70 9.88
CA LYS C 76 -23.93 55.22 8.90
C LYS C 76 -23.87 54.21 7.76
N LYS C 77 -22.98 54.46 6.80
CA LYS C 77 -22.71 53.51 5.73
C LYS C 77 -21.40 53.88 5.07
N LEU C 78 -20.84 52.94 4.31
CA LEU C 78 -19.55 53.16 3.64
C LEU C 78 -19.78 52.82 2.17
N THR C 79 -19.48 53.77 1.29
CA THR C 79 -19.69 53.66 -0.15
C THR C 79 -18.35 53.49 -0.86
N TRP C 80 -18.20 52.40 -1.63
CA TRP C 80 -16.98 52.18 -2.40
C TRP C 80 -17.29 51.27 -3.59
N ARG C 81 -17.47 51.88 -4.78
CA ARG C 81 -17.80 51.14 -6.00
C ARG C 81 -16.56 50.95 -6.87
N SER C 82 -16.65 49.96 -7.77
CA SER C 82 -15.60 49.69 -8.75
C SER C 82 -15.50 50.77 -9.83
N ARG C 83 -14.26 51.21 -10.07
CA ARG C 83 -13.94 52.19 -11.10
C ARG C 83 -14.37 51.70 -12.49
N GLN C 84 -14.61 52.68 -13.38
CA GLN C 84 -15.07 52.36 -14.73
C GLN C 84 -14.12 51.40 -15.46
N GLN C 85 -12.80 51.64 -15.34
CA GLN C 85 -11.86 50.80 -16.08
C GLN C 85 -11.90 49.39 -15.52
N ASP C 86 -11.96 49.29 -14.20
CA ASP C 86 -12.01 47.99 -13.56
C ASP C 86 -13.24 47.23 -14.02
N ARG C 87 -14.33 47.98 -14.32
CA ARG C 87 -15.57 47.32 -14.71
C ARG C 87 -15.46 46.79 -16.13
N GLU C 88 -14.84 47.55 -17.03
CA GLU C 88 -14.72 47.06 -18.40
C GLU C 88 -13.72 45.93 -18.49
N ASN C 89 -12.63 46.00 -17.74
CA ASN C 89 -11.70 44.88 -17.75
C ASN C 89 -12.43 43.65 -17.23
N CYS C 90 -13.29 43.83 -16.23
CA CYS C 90 -14.02 42.67 -15.72
C CYS C 90 -15.06 42.18 -16.73
N ALA C 91 -15.57 43.07 -17.58
CA ALA C 91 -16.49 42.63 -18.62
C ALA C 91 -15.73 42.04 -19.79
N MET C 92 -14.55 42.61 -20.04
CA MET C 92 -13.69 42.15 -21.13
C MET C 92 -13.19 40.76 -20.81
N LYS C 93 -12.94 40.48 -19.53
CA LYS C 93 -12.43 39.17 -19.15
C LYS C 93 -13.52 38.12 -19.35
N GLY C 94 -14.77 38.56 -19.40
CA GLY C 94 -15.90 37.73 -19.74
C GLY C 94 -16.64 37.21 -18.57
N LYS C 95 -16.79 38.04 -17.55
CA LYS C 95 -17.60 37.67 -16.41
C LYS C 95 -18.80 38.60 -16.46
N HIS C 96 -19.95 38.09 -16.03
CA HIS C 96 -21.20 38.86 -16.14
C HIS C 96 -21.21 40.13 -15.29
N LYS C 97 -21.94 41.13 -15.79
CA LYS C 97 -21.96 42.48 -15.21
C LYS C 97 -22.53 42.46 -13.81
N ASP C 98 -23.30 41.41 -13.48
CA ASP C 98 -23.82 41.29 -12.13
C ASP C 98 -22.67 40.97 -11.18
N GLU C 99 -21.63 40.33 -11.71
CA GLU C 99 -20.42 39.99 -10.95
C GLU C 99 -19.42 41.14 -10.86
N CYS C 100 -19.37 42.01 -11.86
CA CYS C 100 -18.38 43.09 -11.92
C CYS C 100 -18.74 44.26 -11.01
N HIS C 101 -18.89 43.94 -9.75
CA HIS C 101 -19.12 44.93 -8.70
C HIS C 101 -17.99 44.79 -7.67
N ASN C 102 -18.07 45.59 -6.62
CA ASN C 102 -17.08 45.61 -5.53
C ASN C 102 -17.64 44.96 -4.27
N PHE C 103 -17.70 43.62 -4.27
CA PHE C 103 -18.18 42.90 -3.10
C PHE C 103 -17.12 42.94 -2.01
N ILE C 104 -17.45 43.56 -0.88
CA ILE C 104 -16.58 43.57 0.30
C ILE C 104 -16.45 42.17 0.88
N LYS C 105 -15.21 41.71 1.06
CA LYS C 105 -14.95 40.39 1.59
C LYS C 105 -13.99 40.37 2.79
N VAL C 106 -13.31 41.48 3.10
CA VAL C 106 -12.39 41.58 4.24
C VAL C 106 -12.73 42.83 5.04
N PHE C 107 -12.87 42.69 6.35
CA PHE C 107 -13.11 43.85 7.22
C PHE C 107 -12.56 43.55 8.61
N VAL C 108 -11.30 43.94 8.85
CA VAL C 108 -10.59 43.49 10.04
C VAL C 108 -9.90 44.65 10.75
N PRO C 109 -10.40 45.08 11.92
CA PRO C 109 -9.72 46.13 12.68
C PRO C 109 -8.29 45.77 13.05
N ARG C 110 -7.37 46.70 12.76
CA ARG C 110 -5.97 46.56 13.16
C ARG C 110 -5.73 47.09 14.58
N ASN C 111 -6.19 48.31 14.85
CA ASN C 111 -6.16 48.92 16.17
C ASN C 111 -7.56 49.36 16.57
N ASP C 112 -7.69 50.45 17.34
CA ASP C 112 -8.99 50.88 17.82
C ASP C 112 -9.56 52.05 17.02
N GLU C 113 -8.95 52.38 15.88
CA GLU C 113 -9.34 53.51 15.03
C GLU C 113 -9.46 53.09 13.58
N MET C 114 -8.61 52.17 13.15
CA MET C 114 -8.48 51.82 11.74
C MET C 114 -8.95 50.39 11.51
N VAL C 115 -9.36 50.13 10.27
CA VAL C 115 -9.90 48.85 9.84
C VAL C 115 -9.36 48.54 8.45
N PHE C 116 -8.91 47.31 8.26
CA PHE C 116 -8.29 46.89 7.00
C PHE C 116 -9.44 46.37 6.13
N VAL C 117 -9.76 47.10 5.06
CA VAL C 117 -10.92 46.84 4.23
C VAL C 117 -10.50 46.47 2.81
N CYS C 118 -10.92 45.29 2.35
CA CYS C 118 -10.62 44.79 1.01
C CYS C 118 -11.90 44.44 0.28
N GLY C 119 -11.94 44.77 -1.02
CA GLY C 119 -13.06 44.44 -1.87
C GLY C 119 -12.63 43.55 -3.03
N THR C 120 -13.63 42.96 -3.69
CA THR C 120 -13.36 42.18 -4.89
C THR C 120 -13.02 43.05 -6.10
N ASN C 121 -13.57 44.26 -6.15
CA ASN C 121 -13.26 45.24 -7.19
C ASN C 121 -13.28 44.58 -8.56
N ALA C 122 -14.47 44.07 -8.91
CA ALA C 122 -14.70 43.40 -10.19
C ALA C 122 -13.55 42.46 -10.53
N PHE C 123 -13.36 41.47 -9.67
CA PHE C 123 -12.36 40.41 -9.89
C PHE C 123 -10.96 40.99 -10.07
N ASN C 124 -10.70 42.16 -9.48
CA ASN C 124 -9.35 42.73 -9.38
C ASN C 124 -9.13 43.20 -7.94
N PRO C 125 -8.87 42.26 -7.03
CA PRO C 125 -8.84 42.55 -5.59
C PRO C 125 -7.92 43.69 -5.15
N MET C 126 -8.51 44.66 -4.42
CA MET C 126 -7.81 45.81 -3.86
C MET C 126 -8.12 45.94 -2.38
N CYS C 127 -7.15 46.47 -1.62
CA CYS C 127 -7.27 46.65 -0.17
C CYS C 127 -6.97 48.09 0.27
N ARG C 128 -7.77 48.60 1.20
CA ARG C 128 -7.64 49.97 1.69
C ARG C 128 -7.69 50.02 3.21
N TYR C 129 -7.35 51.19 3.72
CA TYR C 129 -7.53 51.54 5.12
C TYR C 129 -8.57 52.63 5.26
N TYR C 130 -9.43 52.47 6.25
CA TYR C 130 -10.45 53.42 6.62
C TYR C 130 -10.36 53.66 8.12
N ARG C 131 -10.84 54.82 8.53
CA ARG C 131 -11.06 55.02 9.95
C ARG C 131 -12.36 54.33 10.35
N LEU C 132 -12.41 53.88 11.59
CA LEU C 132 -13.59 53.20 12.09
C LEU C 132 -14.66 54.22 12.40
N SER C 133 -14.35 55.18 13.27
CA SER C 133 -15.34 56.12 13.77
C SER C 133 -16.16 56.77 12.65
N THR C 134 -15.54 57.07 11.51
CA THR C 134 -16.22 57.80 10.44
C THR C 134 -16.31 57.08 9.10
N LEU C 135 -15.75 55.88 8.98
CA LEU C 135 -15.74 55.07 7.74
C LEU C 135 -15.20 55.90 6.58
N GLU C 136 -14.14 56.63 6.87
CA GLU C 136 -13.53 57.63 5.99
C GLU C 136 -12.24 57.12 5.36
N TYR C 137 -12.12 57.25 4.04
CA TYR C 137 -10.88 56.84 3.36
C TYR C 137 -9.75 57.80 3.67
N ASP C 138 -8.87 57.37 4.59
CA ASP C 138 -7.75 58.13 5.13
C ASP C 138 -6.46 57.40 4.77
N GLY C 139 -5.80 57.84 3.72
CA GLY C 139 -4.55 57.22 3.29
C GLY C 139 -4.60 56.85 1.82
N GLU C 140 -4.09 55.68 1.46
CA GLU C 140 -3.92 55.34 0.05
C GLU C 140 -4.23 53.86 -0.14
N GLU C 141 -4.18 53.40 -1.39
CA GLU C 141 -4.59 52.03 -1.70
C GLU C 141 -3.43 51.05 -1.54
N ILE C 142 -3.72 49.91 -0.91
CA ILE C 142 -2.82 48.76 -0.87
C ILE C 142 -3.32 47.69 -1.83
N SER C 143 -2.40 47.10 -2.60
CA SER C 143 -2.70 45.97 -3.47
C SER C 143 -3.34 44.81 -2.71
N GLY C 144 -4.45 44.30 -3.23
CA GLY C 144 -5.22 43.29 -2.52
C GLY C 144 -4.90 41.86 -2.90
N LEU C 145 -3.85 41.63 -3.68
CA LEU C 145 -3.51 40.31 -4.19
C LEU C 145 -3.27 39.27 -3.10
N ALA C 146 -3.98 38.14 -3.19
CA ALA C 146 -3.83 37.05 -2.23
C ALA C 146 -4.11 37.51 -0.81
N ARG C 147 -4.98 38.46 -0.71
CA ARG C 147 -5.56 38.92 0.54
C ARG C 147 -7.08 38.92 0.46
N CYS C 148 -7.63 39.28 -0.69
CA CYS C 148 -9.04 39.25 -0.99
C CYS C 148 -9.28 38.38 -2.22
N PRO C 149 -10.33 37.55 -2.20
CA PRO C 149 -10.60 36.66 -3.33
C PRO C 149 -11.00 37.44 -4.57
N PHE C 150 -11.06 36.72 -5.69
CA PHE C 150 -11.55 37.30 -6.93
C PHE C 150 -13.05 37.15 -7.09
N ASP C 151 -13.63 36.12 -6.49
CA ASP C 151 -15.03 35.77 -6.68
C ASP C 151 -15.75 35.85 -5.34
N ALA C 152 -16.97 36.37 -5.36
CA ALA C 152 -17.65 36.59 -4.09
C ALA C 152 -18.34 35.33 -3.62
N ARG C 153 -18.27 34.27 -4.43
CA ARG C 153 -18.87 33.00 -4.09
C ARG C 153 -17.85 32.11 -3.40
N GLN C 154 -16.56 32.47 -3.53
CA GLN C 154 -15.48 31.79 -2.85
C GLN C 154 -15.43 32.32 -1.42
N THR C 155 -15.01 31.48 -0.49
CA THR C 155 -14.71 31.89 0.88
C THR C 155 -13.28 32.42 1.05
N ASN C 156 -13.04 33.07 2.20
CA ASN C 156 -11.74 33.65 2.49
C ASN C 156 -11.58 33.83 3.98
N VAL C 157 -10.33 33.73 4.45
CA VAL C 157 -10.03 33.96 5.85
C VAL C 157 -8.99 35.07 5.93
N ALA C 158 -9.17 35.99 6.86
CA ALA C 158 -8.21 37.07 7.10
C ALA C 158 -8.20 37.38 8.58
N LEU C 159 -7.02 37.77 9.09
CA LEU C 159 -6.86 38.06 10.52
C LEU C 159 -5.50 38.69 10.74
N PHE C 160 -5.43 39.63 11.68
CA PHE C 160 -4.19 40.25 12.12
C PHE C 160 -3.69 39.62 13.41
N ALA C 161 -2.37 39.43 13.49
CA ALA C 161 -1.75 38.82 14.67
C ALA C 161 -0.33 39.34 14.86
N ASP C 162 -0.12 40.09 15.94
CA ASP C 162 1.16 40.74 16.26
C ASP C 162 1.67 41.67 15.16
N GLY C 163 0.76 42.30 14.42
CA GLY C 163 1.13 43.32 13.46
C GLY C 163 1.26 42.81 12.04
N LYS C 164 1.28 41.50 11.87
CA LYS C 164 1.43 40.82 10.60
C LYS C 164 0.06 40.33 10.15
N LEU C 165 -0.23 40.45 8.86
CA LEU C 165 -1.55 40.06 8.36
C LEU C 165 -1.48 38.65 7.79
N TYR C 166 -2.37 37.80 8.29
CA TYR C 166 -2.48 36.40 7.88
C TYR C 166 -3.72 36.19 7.00
N SER C 167 -3.51 36.08 5.70
CA SER C 167 -4.61 35.88 4.77
C SER C 167 -4.69 34.40 4.36
N ALA C 168 -5.82 34.04 3.75
CA ALA C 168 -6.00 32.72 3.15
C ALA C 168 -7.05 32.83 2.06
N THR C 169 -6.66 32.53 0.82
CA THR C 169 -7.57 32.68 -0.31
C THR C 169 -7.01 32.09 -1.61
N VAL C 170 -7.52 32.57 -2.74
CA VAL C 170 -7.02 32.25 -4.07
C VAL C 170 -6.35 33.49 -4.63
N ALA C 171 -5.31 33.29 -5.45
CA ALA C 171 -4.47 34.41 -5.85
C ALA C 171 -4.66 34.89 -7.28
N ASP C 172 -5.37 34.16 -8.13
CA ASP C 172 -5.35 34.45 -9.56
C ASP C 172 -6.79 34.57 -10.07
N PHE C 173 -6.92 35.24 -11.20
CA PHE C 173 -8.23 35.41 -11.82
C PHE C 173 -8.78 34.04 -12.21
N LEU C 174 -7.91 33.16 -12.69
CA LEU C 174 -8.30 31.88 -13.24
C LEU C 174 -8.73 30.90 -12.14
N ALA C 175 -8.51 31.29 -10.88
CA ALA C 175 -8.93 30.58 -9.67
C ALA C 175 -8.31 29.19 -9.55
N SER C 176 -6.98 29.15 -9.59
CA SER C 176 -6.26 27.89 -9.45
C SER C 176 -5.24 27.88 -8.31
N ASP C 177 -4.90 29.04 -7.74
CA ASP C 177 -3.80 29.19 -6.78
C ASP C 177 -4.29 29.46 -5.37
N ALA C 178 -4.82 28.43 -4.73
CA ALA C 178 -5.19 28.51 -3.32
C ALA C 178 -3.95 28.54 -2.42
N VAL C 179 -3.79 29.62 -1.64
CA VAL C 179 -2.56 29.92 -0.92
C VAL C 179 -2.92 30.36 0.49
N ILE C 180 -1.94 30.29 1.39
CA ILE C 180 -1.99 30.96 2.69
C ILE C 180 -0.78 31.88 2.81
N TYR C 181 -1.04 33.16 3.06
CA TYR C 181 -0.11 34.26 2.91
C TYR C 181 0.02 35.09 4.18
N ARG C 182 1.23 35.59 4.42
CA ARG C 182 1.45 36.62 5.42
C ARG C 182 2.24 37.73 4.71
N SER C 183 1.91 39.01 4.96
CA SER C 183 2.59 40.17 4.38
C SER C 183 2.12 41.38 5.14
N MET C 184 2.82 42.48 4.88
CA MET C 184 2.60 43.73 5.51
C MET C 184 3.04 43.72 6.97
N GLY C 185 4.27 43.35 7.20
CA GLY C 185 4.84 43.11 8.50
C GLY C 185 6.13 43.89 8.66
N ASP C 186 7.01 43.31 9.44
CA ASP C 186 8.32 43.87 9.79
C ASP C 186 9.35 42.86 9.32
N GLY C 187 8.89 41.86 8.59
CA GLY C 187 9.55 40.75 7.95
C GLY C 187 9.35 41.01 6.48
N SER C 188 8.70 40.09 5.76
CA SER C 188 8.36 40.41 4.37
C SER C 188 7.23 39.55 3.80
N ALA C 189 7.53 38.43 3.14
CA ALA C 189 6.45 37.76 2.41
C ALA C 189 6.62 36.24 2.34
N LEU C 190 5.97 35.52 3.26
CA LEU C 190 5.98 34.07 3.28
C LEU C 190 4.73 33.57 2.56
N ARG C 191 4.83 32.38 1.95
CA ARG C 191 3.67 31.81 1.27
C ARG C 191 3.82 30.30 1.17
N THR C 192 2.68 29.64 0.96
CA THR C 192 2.68 28.21 0.69
C THR C 192 3.13 27.98 -0.77
N ILE C 193 3.29 26.72 -1.14
CA ILE C 193 3.84 26.38 -2.44
C ILE C 193 2.72 26.33 -3.46
N LYS C 194 2.89 27.09 -4.54
CA LYS C 194 1.88 27.18 -5.60
C LYS C 194 1.73 25.86 -6.34
N TYR C 195 0.47 25.50 -6.67
CA TYR C 195 0.23 24.26 -7.41
C TYR C 195 1.01 23.10 -6.82
N ASP C 196 0.77 22.83 -5.56
CA ASP C 196 1.43 21.69 -4.92
C ASP C 196 0.37 20.82 -4.29
N SER C 197 -0.05 19.81 -5.06
CA SER C 197 -1.14 18.93 -4.67
C SER C 197 -0.65 18.03 -3.54
N LYS C 198 -0.06 18.64 -2.53
CA LYS C 198 0.39 17.86 -1.41
C LYS C 198 0.17 18.70 -0.15
N TRP C 199 0.43 20.00 -0.30
CA TRP C 199 0.26 20.95 0.79
C TRP C 199 -1.22 21.24 0.97
N ILE C 200 -1.91 21.49 -0.16
CA ILE C 200 -3.29 21.97 -0.20
C ILE C 200 -3.81 21.82 -1.63
N LYS C 201 -4.96 21.15 -1.78
CA LYS C 201 -5.48 20.80 -3.11
C LYS C 201 -6.94 21.23 -3.16
N GLU C 202 -7.24 22.23 -3.99
CA GLU C 202 -8.57 22.83 -4.18
C GLU C 202 -9.39 22.92 -2.89
N PRO C 203 -8.94 23.71 -1.93
CA PRO C 203 -9.63 23.82 -0.64
C PRO C 203 -10.63 24.96 -0.66
N HIS C 204 -11.50 24.96 0.34
CA HIS C 204 -12.37 26.11 0.63
C HIS C 204 -12.17 26.44 2.10
N PHE C 205 -11.51 27.57 2.34
CA PHE C 205 -11.11 27.98 3.67
C PHE C 205 -12.26 28.56 4.46
N LEU C 206 -12.31 28.26 5.76
CA LEU C 206 -13.44 28.65 6.58
C LEU C 206 -12.98 29.60 7.68
N HIS C 207 -12.05 29.20 8.56
CA HIS C 207 -11.79 30.06 9.72
C HIS C 207 -10.33 29.89 10.16
N ALA C 208 -9.84 30.88 10.92
CA ALA C 208 -8.52 30.84 11.52
C ALA C 208 -8.57 31.41 12.93
N ILE C 209 -7.61 30.99 13.76
CA ILE C 209 -7.48 31.45 15.14
C ILE C 209 -6.00 31.49 15.51
N GLU C 210 -5.65 32.40 16.41
CA GLU C 210 -4.30 32.59 16.93
C GLU C 210 -4.23 32.05 18.35
N TYR C 211 -3.39 31.03 18.55
CA TYR C 211 -3.20 30.35 19.82
C TYR C 211 -1.76 29.99 20.09
N GLY C 212 -1.28 30.30 21.29
CA GLY C 212 0.10 30.05 21.68
C GLY C 212 1.09 30.57 20.65
N ASN C 213 2.07 29.74 20.31
CA ASN C 213 3.17 30.20 19.45
C ASN C 213 2.78 30.11 17.98
N TYR C 214 1.63 29.53 17.68
CA TYR C 214 1.21 29.15 16.34
C TYR C 214 -0.10 29.85 15.98
N VAL C 215 -0.38 29.92 14.67
CA VAL C 215 -1.71 30.21 14.18
C VAL C 215 -2.30 28.95 13.57
N TYR C 216 -3.51 28.57 13.99
CA TYR C 216 -4.20 27.40 13.47
C TYR C 216 -5.25 27.80 12.45
N PHE C 217 -5.37 26.98 11.40
CA PHE C 217 -6.35 27.15 10.35
C PHE C 217 -7.33 25.99 10.29
N PHE C 218 -8.55 26.28 9.82
CA PHE C 218 -9.62 25.29 9.70
C PHE C 218 -10.22 25.45 8.31
N PHE C 219 -10.26 24.36 7.55
CA PHE C 219 -10.79 24.41 6.19
C PHE C 219 -11.26 23.01 5.79
N ARG C 220 -11.63 22.87 4.52
CA ARG C 220 -11.89 21.58 3.91
C ARG C 220 -11.15 21.54 2.58
N GLU C 221 -10.77 20.34 2.16
CA GLU C 221 -10.00 20.19 0.92
C GLU C 221 -10.15 18.77 0.40
N ILE C 222 -9.69 18.57 -0.83
CA ILE C 222 -9.64 17.24 -1.42
C ILE C 222 -8.59 16.41 -0.69
N ALA C 223 -9.01 15.25 -0.19
CA ALA C 223 -8.13 14.45 0.66
C ALA C 223 -7.20 13.61 -0.22
N VAL C 224 -6.29 12.88 0.41
CA VAL C 224 -5.34 12.05 -0.31
C VAL C 224 -5.19 10.69 0.36
N GLU C 225 -5.76 10.52 1.54
CA GLU C 225 -5.81 9.22 2.19
C GLU C 225 -7.03 8.41 1.77
N HIS C 226 -8.02 9.06 1.17
CA HIS C 226 -9.27 8.44 0.73
C HIS C 226 -9.29 8.28 -0.79
N ASN C 227 -8.10 8.16 -1.37
CA ASN C 227 -7.86 8.14 -2.81
C ASN C 227 -8.21 6.81 -3.47
N ASN C 228 -8.38 5.74 -2.70
CA ASN C 228 -8.65 4.44 -3.29
C ASN C 228 -10.09 4.31 -3.75
N LEU C 229 -11.01 5.08 -3.19
CA LEU C 229 -12.40 5.04 -3.64
C LEU C 229 -12.52 6.28 -4.53
N GLY C 230 -13.34 7.26 -4.16
CA GLY C 230 -13.61 8.39 -5.02
C GLY C 230 -12.98 9.68 -4.53
N LYS C 231 -13.20 10.74 -5.32
CA LYS C 231 -12.64 12.06 -5.07
C LYS C 231 -13.54 12.67 -4.00
N ALA C 232 -13.02 12.73 -2.76
CA ALA C 232 -13.72 13.14 -1.55
C ALA C 232 -12.96 14.13 -0.67
N VAL C 233 -13.72 15.03 -0.02
CA VAL C 233 -13.18 16.12 0.78
C VAL C 233 -13.24 15.75 2.26
N TYR C 234 -12.14 16.03 2.96
CA TYR C 234 -11.93 15.84 4.39
C TYR C 234 -11.81 17.20 5.08
N SER C 235 -11.97 17.18 6.39
CA SER C 235 -11.84 18.37 7.23
C SER C 235 -10.44 18.44 7.85
N ARG C 236 -9.73 19.54 7.60
CA ARG C 236 -8.35 19.72 8.04
C ARG C 236 -8.24 20.83 9.09
N VAL C 237 -7.24 20.69 9.95
CA VAL C 237 -6.78 21.75 10.85
C VAL C 237 -5.27 21.92 10.67
N ALA C 238 -4.85 23.12 10.28
CA ALA C 238 -3.46 23.43 9.96
C ALA C 238 -2.84 24.32 11.05
N ARG C 239 -1.57 24.70 10.84
CA ARG C 239 -0.75 25.31 11.86
C ARG C 239 0.47 25.95 11.22
N ILE C 240 0.81 27.16 11.69
CA ILE C 240 2.02 27.86 11.31
C ILE C 240 2.54 28.64 12.52
N CYS C 241 3.86 28.82 12.59
CA CYS C 241 4.47 29.58 13.67
C CYS C 241 4.32 31.07 13.46
N LYS C 242 4.08 31.80 14.54
CA LYS C 242 4.03 33.27 14.40
C LYS C 242 5.38 33.82 14.01
N ASN C 243 6.46 33.22 14.52
CA ASN C 243 7.78 33.81 14.35
C ASN C 243 8.53 33.23 13.15
N ASP C 244 7.88 32.34 12.40
CA ASP C 244 8.48 31.72 11.23
C ASP C 244 8.99 32.79 10.26
N MET C 245 10.24 32.64 9.84
CA MET C 245 10.87 33.62 8.98
C MET C 245 11.18 33.04 7.61
N GLY C 246 10.96 31.75 7.43
CA GLY C 246 11.20 31.04 6.19
C GLY C 246 12.43 30.17 6.29
N GLY C 247 12.59 29.31 5.28
CA GLY C 247 13.71 28.41 5.27
C GLY C 247 14.94 29.07 4.69
N SER C 248 16.02 28.31 4.63
CA SER C 248 17.28 28.78 4.11
C SER C 248 17.13 28.94 2.59
N GLN C 249 18.23 29.22 1.91
CA GLN C 249 18.22 29.56 0.49
C GLN C 249 18.10 28.33 -0.40
N ARG C 250 18.04 27.14 0.19
CA ARG C 250 17.98 25.90 -0.57
C ARG C 250 16.61 25.28 -0.41
N VAL C 251 16.11 25.19 0.82
CA VAL C 251 14.87 24.48 1.06
C VAL C 251 13.96 25.48 1.74
N LEU C 252 12.83 25.79 1.09
CA LEU C 252 11.76 26.62 1.65
C LEU C 252 12.17 28.10 1.78
N GLU C 253 12.93 28.63 0.81
CA GLU C 253 13.28 30.05 0.86
C GLU C 253 12.02 30.89 0.62
N LYS C 254 11.62 31.67 1.62
CA LYS C 254 10.43 32.53 1.52
C LYS C 254 9.17 31.69 1.50
N HIS C 255 9.21 30.57 2.22
CA HIS C 255 8.10 29.64 2.25
C HIS C 255 7.92 29.16 3.68
N TRP C 256 6.70 28.75 4.01
CA TRP C 256 6.44 28.34 5.38
C TRP C 256 7.27 27.12 5.73
N THR C 257 7.65 27.03 6.99
CA THR C 257 8.48 25.95 7.47
C THR C 257 7.79 25.21 8.59
N SER C 258 6.75 25.81 9.17
CA SER C 258 6.03 25.29 10.32
C SER C 258 4.62 24.88 9.92
N PHE C 259 4.42 24.64 8.64
CA PHE C 259 3.12 24.23 8.08
C PHE C 259 2.82 22.76 8.32
N LEU C 260 2.03 22.49 9.35
CA LEU C 260 1.54 21.16 9.64
C LEU C 260 0.01 21.16 9.52
N LYS C 261 -0.56 20.10 8.97
CA LYS C 261 -2.02 19.96 8.91
C LYS C 261 -2.42 18.59 9.44
N ALA C 262 -3.61 18.52 10.04
CA ALA C 262 -4.17 17.26 10.53
C ALA C 262 -5.64 17.12 10.12
N ARG C 263 -6.24 15.97 10.49
CA ARG C 263 -7.56 15.57 10.05
C ARG C 263 -8.54 15.62 11.23
N LEU C 264 -9.76 16.06 10.95
CA LEU C 264 -10.86 16.17 11.92
C LEU C 264 -11.79 14.96 11.88
N ASN C 265 -11.91 14.25 13.01
CA ASN C 265 -12.63 12.96 13.08
C ASN C 265 -13.97 13.24 13.76
N CYS C 266 -14.99 13.47 12.94
CA CYS C 266 -16.37 13.72 13.37
C CYS C 266 -17.18 12.48 12.99
N SER C 267 -17.25 11.51 13.89
CA SER C 267 -17.74 10.17 13.59
C SER C 267 -18.85 9.78 14.54
N VAL C 268 -19.62 8.77 14.13
CA VAL C 268 -20.63 8.13 14.96
C VAL C 268 -20.16 6.71 15.26
N PRO C 269 -19.90 6.35 16.52
CA PRO C 269 -19.31 5.05 16.80
C PRO C 269 -20.26 3.92 16.48
N GLY C 270 -19.70 2.72 16.34
CA GLY C 270 -20.51 1.54 16.13
C GLY C 270 -19.71 0.30 15.83
N ASP C 271 -20.23 -0.45 14.85
CA ASP C 271 -19.47 -1.52 14.21
C ASP C 271 -18.84 -1.04 12.92
N SER C 272 -19.43 0.00 12.31
CA SER C 272 -19.01 0.59 11.04
C SER C 272 -19.08 2.11 11.20
N PHE C 273 -18.02 2.71 11.75
CA PHE C 273 -18.03 4.15 12.03
C PHE C 273 -18.49 4.97 10.83
N PHE C 274 -19.32 5.97 11.12
CA PHE C 274 -19.83 6.92 10.12
C PHE C 274 -19.26 8.30 10.33
N TYR C 275 -18.50 8.79 9.35
CA TYR C 275 -17.75 10.03 9.46
C TYR C 275 -18.51 11.15 8.77
N PHE C 276 -18.66 12.29 9.46
CA PHE C 276 -18.98 13.56 8.81
C PHE C 276 -17.68 14.32 8.51
N ASP C 277 -17.37 14.45 7.22
CA ASP C 277 -16.07 14.91 6.76
C ASP C 277 -16.10 16.30 6.13
N VAL C 278 -17.28 16.81 5.78
CA VAL C 278 -17.43 18.08 5.07
C VAL C 278 -17.77 19.15 6.09
N LEU C 279 -16.86 20.09 6.28
CA LEU C 279 -17.04 21.19 7.22
C LEU C 279 -17.72 22.39 6.57
N GLN C 280 -18.70 22.94 7.28
CA GLN C 280 -19.56 24.00 6.78
C GLN C 280 -19.28 25.35 7.43
N SER C 281 -18.77 25.35 8.66
CA SER C 281 -18.49 26.55 9.46
C SER C 281 -17.94 26.08 10.79
N ILE C 282 -17.42 27.03 11.58
CA ILE C 282 -16.89 26.74 12.91
C ILE C 282 -16.89 28.02 13.73
N THR C 283 -16.64 27.89 15.04
CA THR C 283 -16.60 29.03 15.95
C THR C 283 -15.17 29.44 16.29
N ASP C 284 -15.08 30.59 16.96
CA ASP C 284 -13.86 31.01 17.65
C ASP C 284 -13.69 30.18 18.93
N ILE C 285 -12.54 30.38 19.58
CA ILE C 285 -12.28 29.70 20.85
C ILE C 285 -13.30 30.13 21.90
N ILE C 286 -13.95 29.15 22.52
CA ILE C 286 -14.99 29.39 23.52
C ILE C 286 -14.68 28.54 24.75
N GLN C 287 -14.78 29.15 25.92
CA GLN C 287 -14.59 28.43 27.18
C GLN C 287 -15.85 27.61 27.45
N ILE C 288 -15.83 26.36 27.04
CA ILE C 288 -16.88 25.39 27.37
C ILE C 288 -16.41 24.49 28.50
N ASN C 289 -16.86 24.79 29.71
CA ASN C 289 -16.64 23.96 30.91
C ASN C 289 -15.15 23.67 31.12
N GLY C 290 -14.42 24.72 31.46
CA GLY C 290 -13.06 24.60 31.94
C GLY C 290 -11.98 24.61 30.87
N ILE C 291 -12.24 23.93 29.75
CA ILE C 291 -11.25 23.70 28.72
C ILE C 291 -11.58 24.55 27.49
N PRO C 292 -10.59 25.15 26.83
CA PRO C 292 -10.88 25.92 25.62
C PRO C 292 -11.36 25.00 24.49
N THR C 293 -12.47 25.39 23.87
CA THR C 293 -13.17 24.53 22.91
C THR C 293 -13.35 25.27 21.59
N VAL C 294 -13.41 24.51 20.49
CA VAL C 294 -13.98 24.99 19.23
C VAL C 294 -15.07 24.02 18.77
N ILE C 295 -16.14 24.57 18.17
CA ILE C 295 -17.33 23.83 17.80
C ILE C 295 -17.58 23.98 16.30
N GLY C 296 -17.59 22.86 15.58
CA GLY C 296 -17.74 22.85 14.12
C GLY C 296 -19.06 22.26 13.67
N VAL C 297 -19.55 22.72 12.51
CA VAL C 297 -20.73 22.15 11.85
C VAL C 297 -20.32 21.35 10.63
N PHE C 298 -20.55 20.04 10.68
CA PHE C 298 -20.07 19.10 9.67
C PHE C 298 -21.22 18.41 8.97
N THR C 299 -21.16 18.33 7.64
CA THR C 299 -22.12 17.55 6.87
C THR C 299 -21.38 16.41 6.16
N THR C 300 -22.06 15.79 5.20
CA THR C 300 -21.52 14.69 4.43
C THR C 300 -21.19 15.20 3.04
N GLN C 301 -20.72 14.32 2.17
CA GLN C 301 -20.30 14.78 0.86
C GLN C 301 -21.47 15.37 0.09
N LEU C 302 -21.12 16.09 -0.97
CA LEU C 302 -22.10 16.69 -1.86
C LEU C 302 -22.95 15.56 -2.43
N ASN C 303 -22.33 14.69 -3.23
CA ASN C 303 -23.00 13.50 -3.76
C ASN C 303 -23.08 12.46 -2.65
N SER C 304 -24.09 12.64 -1.80
CA SER C 304 -24.35 11.76 -0.66
C SER C 304 -25.78 11.99 -0.20
N ILE C 305 -26.21 11.16 0.74
CA ILE C 305 -27.52 11.29 1.38
C ILE C 305 -27.37 12.36 2.45
N PRO C 306 -28.02 13.53 2.29
CA PRO C 306 -27.80 14.65 3.21
C PRO C 306 -27.91 14.33 4.70
N GLY C 307 -26.77 14.44 5.36
CA GLY C 307 -26.73 14.41 6.82
C GLY C 307 -25.84 15.52 7.33
N SER C 308 -26.17 16.01 8.51
CA SER C 308 -25.45 17.13 9.10
C SER C 308 -25.11 16.79 10.55
N ALA C 309 -23.97 17.29 11.02
CA ALA C 309 -23.52 17.02 12.37
C ALA C 309 -22.80 18.25 12.93
N VAL C 310 -22.73 18.33 14.25
CA VAL C 310 -21.99 19.36 14.95
C VAL C 310 -21.04 18.68 15.93
N CYS C 311 -19.76 18.59 15.58
CA CYS C 311 -18.77 18.05 16.49
C CYS C 311 -17.97 19.19 17.12
N ALA C 312 -17.41 18.93 18.29
CA ALA C 312 -16.61 19.91 19.01
C ALA C 312 -15.31 19.31 19.51
N PHE C 313 -14.21 20.00 19.26
CA PHE C 313 -12.87 19.56 19.64
C PHE C 313 -12.24 20.55 20.60
N GLY C 314 -11.16 20.11 21.23
CA GLY C 314 -10.45 20.90 22.22
C GLY C 314 -9.10 21.33 21.68
N MET C 315 -8.61 22.45 22.22
CA MET C 315 -7.30 22.93 21.81
C MET C 315 -6.22 21.94 22.25
N ASP C 316 -6.36 21.38 23.46
CA ASP C 316 -5.44 20.34 23.91
C ASP C 316 -5.40 19.16 22.95
N ASP C 317 -6.56 18.81 22.38
CA ASP C 317 -6.66 17.68 21.46
C ASP C 317 -6.08 18.00 20.11
N ILE C 318 -6.19 19.24 19.66
CA ILE C 318 -5.54 19.60 18.40
C ILE C 318 -4.03 19.64 18.62
N GLU C 319 -3.57 20.37 19.65
CA GLU C 319 -2.14 20.51 19.91
C GLU C 319 -1.49 19.15 20.00
N LYS C 320 -2.20 18.16 20.55
CA LYS C 320 -1.59 16.86 20.79
C LYS C 320 -1.24 16.21 19.45
N VAL C 321 -2.18 16.26 18.50
CA VAL C 321 -2.02 15.61 17.21
C VAL C 321 -0.80 16.14 16.46
N PHE C 322 -0.33 17.36 16.77
CA PHE C 322 0.84 17.85 16.04
C PHE C 322 2.16 17.50 16.70
N LYS C 323 2.18 17.19 18.00
CA LYS C 323 3.36 16.60 18.59
C LYS C 323 3.38 15.09 18.38
N GLY C 324 2.38 14.58 17.67
CA GLY C 324 2.15 13.17 17.49
C GLY C 324 2.92 12.74 16.26
N ARG C 325 2.50 11.63 15.66
CA ARG C 325 3.26 11.13 14.53
C ARG C 325 2.84 11.76 13.22
N PHE C 326 3.81 11.81 12.31
CA PHE C 326 3.65 12.24 10.92
C PHE C 326 3.13 11.08 10.09
N LYS C 327 2.67 11.40 8.87
CA LYS C 327 2.12 10.41 7.96
C LYS C 327 2.83 10.41 6.62
N GLU C 328 3.15 9.22 6.12
CA GLU C 328 3.77 9.08 4.81
C GLU C 328 3.04 8.00 4.02
N GLN C 329 3.30 7.98 2.72
CA GLN C 329 2.85 6.95 1.79
C GLN C 329 4.05 6.31 1.10
N LYS C 330 4.40 5.07 1.46
CA LYS C 330 5.63 4.45 0.99
C LYS C 330 5.66 4.30 -0.53
N THR C 331 4.88 3.42 -1.07
CA THR C 331 4.86 3.37 -2.53
C THR C 331 3.61 4.08 -3.05
N PRO C 332 3.63 4.62 -4.27
CA PRO C 332 2.42 5.28 -4.79
C PRO C 332 1.18 4.40 -4.82
N ASP C 333 1.34 3.08 -4.70
CA ASP C 333 0.23 2.13 -4.78
C ASP C 333 0.12 1.36 -3.46
N SER C 334 0.69 1.90 -2.39
CA SER C 334 0.62 1.43 -1.01
C SER C 334 -0.28 2.31 -0.16
N VAL C 335 -0.70 1.76 0.99
CA VAL C 335 -1.56 2.47 1.93
C VAL C 335 -0.75 3.41 2.80
N TRP C 336 -1.29 4.61 3.00
CA TRP C 336 -0.75 5.64 3.88
C TRP C 336 -0.35 5.09 5.25
N THR C 337 0.82 5.50 5.73
CA THR C 337 1.47 4.88 6.87
C THR C 337 2.04 5.92 7.84
N ALA C 338 2.32 5.46 9.04
CA ALA C 338 2.93 6.23 10.13
C ALA C 338 4.43 6.37 9.96
N VAL C 339 4.92 7.61 10.02
CA VAL C 339 6.38 7.86 9.97
C VAL C 339 7.02 7.34 11.27
N PRO C 340 8.04 6.50 11.16
CA PRO C 340 8.72 5.97 12.36
C PRO C 340 9.36 7.05 13.22
N GLU C 341 9.40 6.78 14.53
CA GLU C 341 9.87 7.80 15.47
C GLU C 341 11.33 8.16 15.22
N ASP C 342 12.17 7.16 14.95
CA ASP C 342 13.60 7.36 14.76
C ASP C 342 13.94 7.94 13.40
N LYS C 343 12.95 8.23 12.57
CA LYS C 343 13.20 8.85 11.28
C LYS C 343 12.81 10.31 11.26
N VAL C 344 12.29 10.83 12.35
CA VAL C 344 11.98 12.26 12.37
C VAL C 344 13.31 12.98 12.54
N PRO C 345 13.61 13.99 11.74
CA PRO C 345 14.86 14.70 11.96
C PRO C 345 14.84 15.56 13.20
N LYS C 346 15.92 16.31 13.41
CA LYS C 346 15.96 17.13 14.60
C LYS C 346 16.44 18.51 14.14
N PRO C 347 15.83 19.58 14.65
CA PRO C 347 14.79 19.49 15.67
C PRO C 347 13.41 19.11 15.10
N ARG C 348 12.51 18.83 16.02
CA ARG C 348 11.12 18.45 15.79
C ARG C 348 10.52 19.37 14.73
N PRO C 349 10.19 18.87 13.53
CA PRO C 349 9.68 19.77 12.48
C PRO C 349 8.31 20.29 12.86
N GLY C 350 8.12 21.61 12.69
CA GLY C 350 6.88 22.25 13.02
C GLY C 350 6.87 22.90 14.38
N CYS C 351 7.96 22.76 15.14
CA CYS C 351 8.17 23.47 16.40
C CYS C 351 8.90 24.78 16.13
N CYS C 352 8.40 25.86 16.71
CA CYS C 352 8.86 27.20 16.36
C CYS C 352 10.22 27.55 16.96
N ALA C 353 11.02 28.27 16.18
CA ALA C 353 12.32 28.73 16.64
C ALA C 353 12.19 29.51 17.94
N LYS C 354 13.16 29.32 18.83
CA LYS C 354 13.31 29.99 20.12
C LYS C 354 12.29 29.51 21.15
N HIS C 355 11.69 28.34 20.93
CA HIS C 355 10.66 27.78 21.81
C HIS C 355 10.81 26.27 21.90
N GLY C 356 10.79 25.74 23.12
CA GLY C 356 10.73 24.31 23.32
C GLY C 356 11.92 23.61 22.71
N LEU C 357 11.76 23.12 21.49
CA LEU C 357 12.72 22.23 20.88
C LEU C 357 13.63 22.95 19.91
N ALA C 358 13.24 24.12 19.43
CA ALA C 358 14.10 24.87 18.52
C ALA C 358 14.70 26.07 19.23
N GLU C 359 14.95 25.91 20.54
CA GLU C 359 15.35 27.04 21.35
C GLU C 359 16.83 27.33 21.19
N ALA C 360 17.55 26.45 20.51
CA ALA C 360 18.95 26.66 20.18
C ALA C 360 19.03 27.18 18.75
N TYR C 361 17.92 27.71 18.27
CA TYR C 361 17.74 28.19 16.91
C TYR C 361 17.18 29.58 17.05
N LYS C 362 17.84 30.55 16.42
CA LYS C 362 17.45 31.94 16.56
C LYS C 362 16.28 32.28 15.64
N THR C 363 16.38 31.88 14.37
CA THR C 363 15.37 32.10 13.35
C THR C 363 15.06 30.77 12.69
N SER C 364 14.01 30.77 11.87
CA SER C 364 13.59 29.58 11.16
C SER C 364 14.43 29.38 9.91
N ILE C 365 15.35 30.32 9.65
CA ILE C 365 16.26 30.25 8.52
C ILE C 365 17.51 29.47 8.90
N ASP C 366 17.60 29.05 10.17
CA ASP C 366 18.68 28.22 10.71
C ASP C 366 18.31 26.74 10.77
N PHE C 367 17.13 26.36 10.32
CA PHE C 367 16.75 24.95 10.36
C PHE C 367 17.61 24.12 9.42
N PRO C 368 17.97 22.90 9.81
CA PRO C 368 18.76 22.01 8.94
C PRO C 368 18.06 21.70 7.62
N ASP C 369 18.87 21.27 6.64
CA ASP C 369 18.26 20.75 5.42
C ASP C 369 17.63 19.38 5.65
N ASP C 370 17.95 18.74 6.77
CA ASP C 370 17.32 17.48 7.12
C ASP C 370 15.85 17.72 7.46
N THR C 371 15.60 18.78 8.22
CA THR C 371 14.30 19.08 8.81
C THR C 371 13.48 19.96 7.88
N LEU C 372 14.16 20.73 7.01
CA LEU C 372 13.42 21.62 6.12
C LEU C 372 12.77 20.81 5.01
N SER C 373 13.50 19.84 4.47
CA SER C 373 13.00 19.04 3.36
C SER C 373 12.06 17.94 3.84
N PHE C 374 12.06 17.65 5.14
CA PHE C 374 11.12 16.69 5.68
C PHE C 374 9.71 17.26 5.72
N ILE C 375 9.54 18.42 6.36
CA ILE C 375 8.24 19.03 6.52
C ILE C 375 7.76 19.63 5.20
N LYS C 376 8.60 19.52 4.17
CA LYS C 376 8.22 19.98 2.84
C LYS C 376 7.45 18.92 2.08
N SER C 377 7.59 17.66 2.51
CA SER C 377 7.04 16.51 1.81
C SER C 377 6.25 15.63 2.77
N HIS C 378 6.25 15.95 4.06
CA HIS C 378 5.45 15.27 5.07
C HIS C 378 4.67 16.31 5.87
N PRO C 379 3.87 17.16 5.20
CA PRO C 379 3.21 18.26 5.92
C PRO C 379 1.89 17.87 6.58
N LEU C 380 1.51 16.60 6.55
CA LEU C 380 0.26 16.17 7.15
C LEU C 380 0.52 15.22 8.30
N MET C 381 -0.27 15.38 9.36
CA MET C 381 -0.08 14.53 10.53
C MET C 381 -0.81 13.21 10.28
N ASP C 382 -0.36 12.15 10.97
CA ASP C 382 -0.95 10.81 10.90
C ASP C 382 -2.23 10.77 11.69
N SER C 383 -2.12 11.24 12.93
CA SER C 383 -3.22 11.20 13.87
C SER C 383 -4.39 12.05 13.38
N ALA C 384 -5.60 11.67 13.79
CA ALA C 384 -6.74 12.55 13.60
C ALA C 384 -7.14 13.16 14.92
N VAL C 385 -7.78 14.32 14.84
CA VAL C 385 -8.26 15.01 16.04
C VAL C 385 -9.60 14.43 16.44
N PRO C 386 -9.70 13.79 17.60
CA PRO C 386 -10.99 13.24 18.02
C PRO C 386 -11.87 14.34 18.58
N PRO C 387 -13.18 14.14 18.61
CA PRO C 387 -14.07 15.09 19.28
C PRO C 387 -14.09 14.84 20.79
N ILE C 388 -14.81 15.69 21.47
CA ILE C 388 -15.08 15.45 22.87
C ILE C 388 -16.33 14.58 22.92
N ALA C 389 -16.40 13.72 23.95
CA ALA C 389 -17.49 12.75 24.13
C ALA C 389 -17.52 11.73 23.00
N ASP C 390 -16.63 11.88 22.01
CA ASP C 390 -16.22 10.90 21.02
C ASP C 390 -17.33 10.60 20.02
N GLU C 391 -18.47 11.30 20.12
CA GLU C 391 -19.64 11.21 19.29
C GLU C 391 -20.18 12.64 19.19
N PRO C 392 -20.75 13.02 18.03
CA PRO C 392 -21.18 14.41 17.83
C PRO C 392 -22.11 14.94 18.90
N TRP C 393 -22.16 16.26 19.04
CA TRP C 393 -23.02 16.88 20.04
C TRP C 393 -24.46 17.03 19.56
N PHE C 394 -24.72 16.82 18.27
CA PHE C 394 -26.05 16.93 17.70
C PHE C 394 -25.95 16.47 16.25
N THR C 395 -27.03 15.85 15.76
CA THR C 395 -27.12 15.45 14.37
C THR C 395 -28.48 15.84 13.79
N LYS C 396 -28.55 15.72 12.46
CA LYS C 396 -29.78 15.96 11.71
C LYS C 396 -29.62 15.24 10.39
N THR C 397 -30.40 14.18 10.19
CA THR C 397 -30.20 13.28 9.06
C THR C 397 -31.46 13.14 8.23
N ARG C 398 -32.58 12.75 8.85
CA ARG C 398 -33.75 12.31 8.10
C ARG C 398 -34.40 13.44 7.30
N VAL C 399 -33.79 14.63 7.28
CA VAL C 399 -34.38 15.80 6.65
C VAL C 399 -33.57 16.20 5.42
N ARG C 400 -34.20 17.02 4.59
CA ARG C 400 -33.75 17.29 3.23
C ARG C 400 -32.75 18.44 3.10
N TYR C 401 -32.44 19.15 4.18
CA TYR C 401 -31.60 20.34 4.11
C TYR C 401 -30.25 20.07 4.77
N ARG C 402 -29.34 21.04 4.67
CA ARG C 402 -28.06 20.97 5.36
C ARG C 402 -27.88 22.13 6.33
N LEU C 403 -27.08 21.89 7.37
CA LEU C 403 -26.73 22.93 8.33
C LEU C 403 -25.58 23.77 7.81
N THR C 404 -25.63 25.08 8.07
CA THR C 404 -24.58 25.98 7.61
C THR C 404 -23.90 26.69 8.78
N ALA C 405 -24.50 27.80 9.19
CA ALA C 405 -23.88 28.74 10.12
C ALA C 405 -23.97 28.26 11.56
N ILE C 406 -23.00 28.67 12.37
CA ILE C 406 -22.91 28.21 13.75
C ILE C 406 -22.65 29.41 14.65
N GLU C 407 -23.21 29.35 15.86
CA GLU C 407 -23.02 30.37 16.88
C GLU C 407 -23.51 29.81 18.21
N VAL C 408 -22.82 30.20 19.29
CA VAL C 408 -22.97 29.57 20.59
C VAL C 408 -23.22 30.65 21.62
N ASP C 409 -23.79 30.25 22.76
CA ASP C 409 -23.90 31.09 23.94
C ASP C 409 -23.27 30.32 25.10
N ARG C 410 -22.07 30.75 25.50
CA ARG C 410 -21.24 29.98 26.41
C ARG C 410 -21.77 30.01 27.83
N SER C 411 -22.66 30.97 28.16
CA SER C 411 -23.19 31.11 29.52
C SER C 411 -24.67 31.51 29.45
N ALA C 412 -25.52 30.52 29.19
CA ALA C 412 -26.97 30.69 29.17
C ALA C 412 -27.59 30.20 30.47
N GLY C 413 -28.81 30.67 30.72
CA GLY C 413 -29.55 30.33 31.92
C GLY C 413 -29.36 31.30 33.06
N PRO C 414 -30.26 31.26 34.05
CA PRO C 414 -30.15 32.18 35.19
C PRO C 414 -28.78 32.16 35.86
N TYR C 415 -28.16 30.99 35.93
CA TYR C 415 -26.91 30.79 36.64
C TYR C 415 -25.73 30.72 35.67
N GLN C 416 -26.03 30.72 34.38
CA GLN C 416 -25.05 30.76 33.29
C GLN C 416 -24.09 29.57 33.26
N ASN C 417 -24.63 28.35 33.46
CA ASN C 417 -23.79 27.16 33.50
C ASN C 417 -24.28 26.18 32.44
N TYR C 418 -24.90 26.69 31.37
CA TYR C 418 -25.48 25.85 30.34
C TYR C 418 -25.07 26.45 29.00
N THR C 419 -24.80 25.58 28.03
CA THR C 419 -24.40 25.98 26.69
C THR C 419 -25.52 25.79 25.68
N VAL C 420 -25.86 26.86 24.96
CA VAL C 420 -26.80 26.81 23.85
C VAL C 420 -26.06 27.10 22.56
N ILE C 421 -26.46 26.42 21.48
CA ILE C 421 -25.78 26.47 20.19
C ILE C 421 -26.83 26.78 19.13
N PHE C 422 -26.52 27.73 18.24
CA PHE C 422 -27.48 28.24 17.26
C PHE C 422 -26.91 27.94 15.88
N VAL C 423 -27.60 27.09 15.11
CA VAL C 423 -27.12 26.70 13.78
C VAL C 423 -28.12 27.07 12.70
N GLY C 424 -27.59 27.53 11.56
CA GLY C 424 -28.39 27.81 10.38
C GLY C 424 -28.61 26.59 9.48
N SER C 425 -29.34 26.82 8.40
CA SER C 425 -29.66 25.77 7.43
C SER C 425 -29.84 26.37 6.04
N GLU C 426 -29.88 25.51 5.03
CA GLU C 426 -30.00 26.01 3.66
C GLU C 426 -31.40 26.53 3.41
N ALA C 427 -32.41 25.80 3.88
CA ALA C 427 -33.82 26.05 3.62
C ALA C 427 -34.38 27.16 4.50
N GLY C 428 -33.50 28.02 4.99
CA GLY C 428 -33.83 29.18 5.79
C GLY C 428 -34.40 28.87 7.16
N VAL C 429 -33.81 27.89 7.85
CA VAL C 429 -34.25 27.43 9.17
C VAL C 429 -33.05 27.58 10.10
N VAL C 430 -33.33 27.84 11.39
CA VAL C 430 -32.30 28.01 12.39
C VAL C 430 -32.67 27.22 13.65
N LEU C 431 -31.81 26.28 14.02
CA LEU C 431 -32.01 25.42 15.20
C LEU C 431 -31.30 25.97 16.42
N LYS C 432 -32.00 25.95 17.55
CA LYS C 432 -31.48 26.35 18.86
C LYS C 432 -31.33 25.09 19.70
N VAL C 433 -30.09 24.72 20.02
CA VAL C 433 -29.80 23.50 20.76
C VAL C 433 -29.16 23.84 22.10
N LEU C 434 -29.73 23.33 23.19
CA LEU C 434 -29.03 23.28 24.46
C LEU C 434 -28.10 22.08 24.42
N ALA C 435 -26.79 22.33 24.41
CA ALA C 435 -25.80 21.29 24.19
C ALA C 435 -25.33 20.66 25.50
N LYS C 436 -25.13 19.34 25.48
CA LYS C 436 -24.44 18.66 26.55
C LYS C 436 -22.94 18.71 26.30
N THR C 437 -22.20 19.23 27.28
CA THR C 437 -20.78 19.48 27.17
C THR C 437 -19.93 18.68 28.15
N SER C 438 -20.53 18.13 29.19
CA SER C 438 -19.84 17.41 30.25
C SER C 438 -20.62 16.14 30.57
N PRO C 439 -19.99 15.18 31.27
CA PRO C 439 -20.74 14.02 31.80
C PRO C 439 -21.96 14.39 32.64
N PHE C 440 -21.77 15.19 33.69
CA PHE C 440 -22.87 15.63 34.55
C PHE C 440 -23.58 16.85 33.98
N SER C 441 -24.57 16.59 33.11
CA SER C 441 -25.32 17.69 32.52
C SER C 441 -26.77 17.32 32.25
N LEU C 442 -27.05 16.88 31.04
CA LEU C 442 -28.35 16.38 30.60
C LEU C 442 -28.14 14.93 30.15
N ASN C 443 -29.15 14.32 29.53
CA ASN C 443 -28.83 12.98 29.07
C ASN C 443 -28.24 13.01 27.67
N ASP C 444 -28.77 13.88 26.82
CA ASP C 444 -28.28 14.07 25.44
C ASP C 444 -28.53 15.55 25.15
N SER C 445 -27.91 16.06 24.09
CA SER C 445 -28.21 17.43 23.69
C SER C 445 -29.58 17.53 23.03
N VAL C 446 -30.39 18.44 23.55
CA VAL C 446 -31.82 18.57 23.29
C VAL C 446 -32.07 19.75 22.36
N LEU C 447 -32.52 19.47 21.13
CA LEU C 447 -32.95 20.51 20.19
C LEU C 447 -34.15 21.34 20.62
N LEU C 448 -33.88 22.53 21.15
CA LEU C 448 -34.91 23.42 21.68
C LEU C 448 -35.80 23.92 20.55
N GLU C 449 -35.57 25.16 20.09
CA GLU C 449 -36.46 25.81 19.13
C GLU C 449 -35.97 25.60 17.71
N GLU C 450 -36.91 25.52 16.78
CA GLU C 450 -36.58 25.49 15.36
C GLU C 450 -37.36 26.61 14.69
N ILE C 451 -36.65 27.57 14.10
CA ILE C 451 -37.26 28.80 13.57
C ILE C 451 -37.03 28.95 12.08
N GLU C 452 -38.09 29.37 11.37
CA GLU C 452 -37.99 29.77 9.97
C GLU C 452 -37.82 31.28 9.86
N ALA C 453 -36.56 31.73 9.78
CA ALA C 453 -36.19 33.14 9.86
C ALA C 453 -36.44 33.85 8.54
N TYR C 454 -36.24 33.15 7.44
CA TYR C 454 -36.31 33.69 6.08
C TYR C 454 -37.68 34.30 5.80
N ASN C 455 -37.69 35.42 5.07
CA ASN C 455 -38.89 36.22 4.80
C ASN C 455 -39.12 36.31 3.30
N PRO C 456 -39.90 35.37 2.75
CA PRO C 456 -40.14 35.30 1.29
C PRO C 456 -40.67 36.57 0.66
N ALA C 457 -41.48 37.34 1.37
CA ALA C 457 -42.08 38.54 0.79
C ALA C 457 -41.08 39.69 0.73
N LYS C 458 -40.13 39.70 1.66
CA LYS C 458 -39.21 40.80 1.88
C LYS C 458 -37.82 40.54 1.32
N CYS C 459 -37.47 39.29 1.03
CA CYS C 459 -36.13 38.95 0.57
C CYS C 459 -36.07 38.71 -0.94
N SER C 460 -36.05 37.46 -1.39
CA SER C 460 -35.85 37.13 -2.81
C SER C 460 -36.90 37.75 -3.75
N ASP C 466 -32.84 28.75 -2.72
CA ASP C 466 -31.72 29.67 -2.91
C ASP C 466 -31.52 30.54 -1.65
N ARG C 467 -32.59 30.58 -0.85
CA ARG C 467 -32.79 31.19 0.46
C ARG C 467 -31.74 30.68 1.46
N LYS C 468 -30.48 30.57 1.05
CA LYS C 468 -29.45 29.98 1.90
C LYS C 468 -28.83 30.94 2.89
N VAL C 469 -29.06 30.58 4.17
CA VAL C 469 -28.47 31.25 5.33
C VAL C 469 -26.96 31.17 5.27
N VAL C 470 -26.32 32.33 5.38
CA VAL C 470 -24.88 32.38 5.18
C VAL C 470 -24.05 32.40 6.46
N SER C 471 -24.19 33.44 7.29
CA SER C 471 -23.46 33.52 8.56
C SER C 471 -24.33 34.11 9.67
N LEU C 472 -23.92 33.84 10.92
CA LEU C 472 -24.62 34.31 12.11
C LEU C 472 -23.66 35.05 13.04
N GLN C 473 -24.23 35.65 14.09
CA GLN C 473 -23.48 36.46 15.05
C GLN C 473 -24.34 36.78 16.28
N LEU C 474 -23.93 36.28 17.44
CA LEU C 474 -24.62 36.50 18.71
C LEU C 474 -24.52 37.95 19.21
N ASP C 475 -25.66 38.49 19.65
CA ASP C 475 -25.75 39.78 20.33
C ASP C 475 -26.34 39.64 21.73
N ARG C 476 -25.62 38.91 22.60
CA ARG C 476 -26.06 38.58 23.96
C ARG C 476 -26.77 39.75 24.64
N ASP C 477 -26.12 40.91 24.70
CA ASP C 477 -26.61 42.04 25.49
C ASP C 477 -28.07 42.38 25.18
N HIS C 478 -28.46 42.30 23.92
CA HIS C 478 -29.82 42.62 23.51
C HIS C 478 -30.69 41.37 23.30
N HIS C 479 -30.25 40.22 23.80
CA HIS C 479 -31.02 38.98 23.77
C HIS C 479 -31.57 38.76 22.37
N ALA C 480 -30.66 38.78 21.39
CA ALA C 480 -31.03 38.70 20.00
C ALA C 480 -29.92 38.03 19.19
N LEU C 481 -30.32 37.34 18.13
CA LEU C 481 -29.39 36.72 17.20
C LEU C 481 -29.75 37.27 15.82
N TYR C 482 -28.85 38.04 15.23
CA TYR C 482 -29.07 38.51 13.87
C TYR C 482 -28.74 37.36 12.93
N VAL C 483 -29.59 37.17 11.92
CA VAL C 483 -29.50 36.03 11.03
C VAL C 483 -29.42 36.48 9.58
N ALA C 484 -28.31 36.16 8.94
CA ALA C 484 -27.91 36.69 7.65
C ALA C 484 -28.24 35.71 6.52
N PHE C 485 -28.81 36.24 5.46
CA PHE C 485 -29.02 35.54 4.19
C PHE C 485 -28.33 36.34 3.09
N SER C 486 -28.43 35.86 1.86
CA SER C 486 -27.67 36.48 0.78
C SER C 486 -28.29 37.78 0.32
N SER C 487 -29.62 37.89 0.40
CA SER C 487 -30.34 39.06 -0.10
C SER C 487 -30.94 39.88 1.03
N CYS C 488 -30.86 39.40 2.27
CA CYS C 488 -31.48 40.08 3.40
C CYS C 488 -30.82 39.62 4.69
N VAL C 489 -30.80 40.52 5.67
CA VAL C 489 -30.43 40.20 7.04
C VAL C 489 -31.66 40.35 7.92
N VAL C 490 -31.87 39.39 8.82
CA VAL C 490 -33.03 39.34 9.71
C VAL C 490 -32.58 39.41 11.17
N ARG C 491 -33.27 40.26 11.96
CA ARG C 491 -33.04 40.40 13.39
C ARG C 491 -33.97 39.50 14.18
N ILE C 492 -33.44 38.45 14.79
CA ILE C 492 -34.33 37.48 15.42
C ILE C 492 -34.13 37.44 16.93
N PRO C 493 -35.14 37.81 17.70
CA PRO C 493 -35.05 37.66 19.16
C PRO C 493 -34.80 36.19 19.50
N LEU C 494 -34.00 35.96 20.54
CA LEU C 494 -33.75 34.59 20.96
C LEU C 494 -35.05 33.94 21.40
N SER C 495 -35.43 34.24 22.64
CA SER C 495 -36.56 33.60 23.30
C SER C 495 -37.87 34.08 22.68
N ARG C 496 -38.96 33.48 23.16
CA ARG C 496 -40.30 33.80 22.74
C ARG C 496 -41.25 33.44 23.87
N CYS C 497 -40.78 33.67 25.11
CA CYS C 497 -41.46 33.28 26.34
C CYS C 497 -42.93 33.71 26.28
N GLU C 498 -43.22 34.74 25.49
CA GLU C 498 -44.56 35.29 25.40
C GLU C 498 -45.50 34.30 24.71
N ARG C 499 -44.95 33.35 23.93
CA ARG C 499 -45.77 32.42 23.16
C ARG C 499 -46.53 31.50 24.10
N TYR C 500 -46.00 31.26 25.30
CA TYR C 500 -46.65 30.46 26.32
C TYR C 500 -47.47 31.29 27.29
N GLY C 501 -47.13 32.57 27.48
CA GLY C 501 -47.96 33.45 28.28
C GLY C 501 -48.11 32.97 29.71
N SER C 502 -49.28 32.41 30.01
CA SER C 502 -49.68 32.01 31.35
C SER C 502 -49.69 30.51 31.56
N CYS C 503 -49.50 29.72 30.50
CA CYS C 503 -49.48 28.25 30.53
C CYS C 503 -48.30 27.70 31.31
N LYS C 504 -48.42 27.55 32.64
CA LYS C 504 -47.26 27.18 33.45
C LYS C 504 -46.54 25.94 32.92
N LYS C 505 -47.30 24.97 32.40
CA LYS C 505 -46.69 23.76 31.84
C LYS C 505 -45.72 24.08 30.72
N SER C 506 -46.22 24.65 29.62
CA SER C 506 -45.40 25.01 28.47
C SER C 506 -44.09 25.72 28.81
N CYS C 507 -44.14 26.69 29.73
CA CYS C 507 -42.96 27.48 30.08
C CYS C 507 -41.79 26.64 30.59
N ILE C 508 -42.06 25.69 31.48
CA ILE C 508 -41.00 24.93 32.10
C ILE C 508 -40.68 23.62 31.37
N ALA C 509 -41.65 23.04 30.65
CA ALA C 509 -41.32 21.84 29.90
C ALA C 509 -40.70 22.15 28.54
N SER C 510 -40.55 23.43 28.21
CA SER C 510 -39.81 23.84 27.04
C SER C 510 -38.31 23.87 27.37
N ARG C 511 -37.99 23.92 28.67
CA ARG C 511 -36.64 23.75 29.21
C ARG C 511 -35.70 24.81 28.67
N ASP C 512 -36.27 25.92 28.24
CA ASP C 512 -35.51 27.04 27.71
C ASP C 512 -34.90 27.79 28.88
N PRO C 513 -33.57 27.86 29.00
CA PRO C 513 -32.97 28.51 30.17
C PRO C 513 -33.19 30.00 30.18
N TYR C 514 -33.53 30.58 29.02
CA TYR C 514 -33.80 32.01 28.95
C TYR C 514 -35.12 32.31 29.64
N CYS C 515 -36.09 31.41 29.49
CA CYS C 515 -37.45 31.61 29.99
C CYS C 515 -37.51 31.07 31.41
N GLY C 516 -38.36 31.70 32.21
CA GLY C 516 -38.47 31.36 33.61
C GLY C 516 -39.90 31.56 34.06
N TRP C 517 -40.25 30.91 35.17
CA TRP C 517 -41.60 31.03 35.69
C TRP C 517 -41.48 31.87 36.94
N LEU C 518 -42.36 32.87 37.03
CA LEU C 518 -42.39 33.85 38.08
C LEU C 518 -43.64 33.70 38.89
N SER C 519 -43.48 34.19 40.12
CA SER C 519 -44.62 34.18 41.02
C SER C 519 -45.82 34.89 40.38
N GLN C 520 -45.59 35.90 39.52
CA GLN C 520 -46.72 36.66 38.92
C GLN C 520 -47.55 35.81 37.96
N GLY C 521 -47.08 34.59 37.63
CA GLY C 521 -47.90 33.64 36.90
C GLY C 521 -47.80 33.93 35.41
N VAL C 522 -46.56 33.99 34.90
CA VAL C 522 -46.31 34.33 33.50
C VAL C 522 -44.87 33.93 33.18
N CYS C 523 -44.60 33.66 31.91
CA CYS C 523 -43.28 33.21 31.48
C CYS C 523 -42.46 34.37 30.90
N GLU C 524 -41.52 34.85 31.72
CA GLU C 524 -40.60 35.95 31.50
C GLU C 524 -39.16 35.46 31.47
N ARG C 525 -38.29 36.30 30.92
CA ARG C 525 -36.84 36.07 30.86
C ARG C 525 -36.19 35.91 32.24
N VAL C 526 -35.01 36.49 32.42
CA VAL C 526 -34.26 36.33 33.66
C VAL C 526 -33.74 37.66 34.20
N GLU C 536 -37.95 31.43 38.27
CA GLU C 536 -37.96 30.15 38.93
C GLU C 536 -38.05 29.20 37.72
N GLN C 537 -37.28 28.11 37.67
CA GLN C 537 -37.37 27.22 36.50
C GLN C 537 -36.69 25.89 36.78
N ASP C 538 -36.86 24.94 35.80
CA ASP C 538 -36.22 23.62 35.82
C ASP C 538 -35.81 23.14 34.42
N THR C 539 -34.72 23.68 33.91
CA THR C 539 -34.17 23.34 32.60
C THR C 539 -33.45 21.99 32.60
N GLU C 540 -33.14 21.44 33.77
CA GLU C 540 -32.41 20.19 33.95
C GLU C 540 -33.24 19.04 33.40
N TYR C 541 -34.37 18.72 34.03
CA TYR C 541 -35.21 17.60 33.60
C TYR C 541 -36.53 18.06 32.99
N GLY C 542 -37.30 18.90 33.66
CA GLY C 542 -38.51 19.31 32.98
C GLY C 542 -39.69 18.46 33.39
N ASN C 543 -39.79 18.22 34.70
CA ASN C 543 -40.83 17.37 35.23
C ASN C 543 -42.18 17.99 34.94
N THR C 544 -43.00 17.36 34.10
CA THR C 544 -44.34 17.93 34.00
C THR C 544 -45.21 17.27 35.03
N ALA C 545 -44.53 17.04 36.14
CA ALA C 545 -45.08 16.51 37.37
C ALA C 545 -45.81 17.64 38.08
N HIS C 546 -47.06 17.39 38.44
CA HIS C 546 -47.92 18.29 39.19
C HIS C 546 -48.48 19.40 38.31
N LEU C 547 -48.49 19.24 37.00
CA LEU C 547 -48.91 20.29 36.08
C LEU C 547 -50.04 19.79 35.18
N GLY C 548 -50.98 20.68 34.89
CA GLY C 548 -52.21 20.36 34.19
C GLY C 548 -52.23 20.91 32.78
N ASP C 549 -53.14 20.41 31.95
CA ASP C 549 -53.09 20.72 30.53
C ASP C 549 -53.68 22.12 30.36
N CYS C 550 -53.13 22.91 29.43
CA CYS C 550 -53.62 24.25 29.15
C CYS C 550 -54.57 24.17 27.96
N HIS C 551 -55.87 24.05 28.24
CA HIS C 551 -56.91 24.01 27.20
C HIS C 551 -56.66 22.92 26.15
N PHE D 5 -27.25 14.06 -7.24
CA PHE D 5 -27.80 13.05 -6.34
C PHE D 5 -29.31 13.22 -6.44
N PRO D 6 -30.03 12.14 -6.74
CA PRO D 6 -31.50 12.24 -6.87
C PRO D 6 -32.27 12.48 -5.58
N GLU D 7 -33.59 12.34 -5.67
CA GLU D 7 -34.47 12.69 -4.58
C GLU D 7 -35.65 11.73 -4.55
N ASP D 8 -36.21 11.54 -3.35
CA ASP D 8 -37.30 10.59 -3.17
C ASP D 8 -38.45 10.87 -4.14
N ASP D 9 -38.97 9.82 -4.76
CA ASP D 9 -40.15 10.00 -5.61
C ASP D 9 -41.40 10.19 -4.77
N GLU D 10 -42.40 10.85 -5.35
CA GLU D 10 -43.71 11.02 -4.74
C GLU D 10 -44.70 9.97 -5.24
N PRO D 11 -45.21 9.11 -4.36
CA PRO D 11 -46.24 8.14 -4.76
C PRO D 11 -47.41 8.79 -5.47
N LEU D 12 -47.75 8.27 -6.67
CA LEU D 12 -48.91 8.85 -7.42
C LEU D 12 -50.22 8.66 -6.65
N ASN D 13 -50.33 7.54 -5.94
CA ASN D 13 -51.52 7.23 -5.16
C ASN D 13 -51.03 6.59 -3.88
N THR D 14 -51.68 6.91 -2.77
CA THR D 14 -51.35 6.31 -1.50
C THR D 14 -52.53 5.45 -1.05
N VAL D 15 -52.24 4.24 -0.60
CA VAL D 15 -53.23 3.39 0.02
C VAL D 15 -52.86 3.30 1.48
N ASP D 16 -53.62 4.02 2.30
CA ASP D 16 -53.49 4.07 3.74
C ASP D 16 -54.20 2.88 4.37
N TYR D 17 -54.16 2.84 5.69
CA TYR D 17 -54.70 1.73 6.46
C TYR D 17 -56.18 1.46 6.17
N HIS D 18 -57.00 2.51 6.06
CA HIS D 18 -58.44 2.29 5.92
C HIS D 18 -58.80 1.61 4.61
N TYR D 19 -58.13 2.00 3.52
CA TYR D 19 -58.27 1.46 2.17
C TYR D 19 -57.58 0.11 1.99
N SER D 20 -56.90 -0.43 3.01
CA SER D 20 -56.14 -1.66 2.86
C SER D 20 -56.51 -2.82 3.79
N ARG D 21 -57.29 -2.59 4.84
CA ARG D 21 -57.69 -3.69 5.71
C ARG D 21 -58.71 -4.59 5.05
N GLN D 22 -59.23 -4.18 3.88
CA GLN D 22 -60.13 -4.96 3.05
C GLN D 22 -59.42 -6.02 2.23
N TYR D 23 -58.30 -6.53 2.76
CA TYR D 23 -57.48 -7.49 2.06
C TYR D 23 -57.30 -8.69 2.98
N PRO D 24 -57.27 -9.89 2.42
CA PRO D 24 -57.17 -11.11 3.24
C PRO D 24 -55.76 -11.42 3.74
N VAL D 25 -55.71 -12.09 4.89
CA VAL D 25 -54.46 -12.34 5.60
C VAL D 25 -54.47 -13.81 5.97
N PHE D 26 -53.28 -14.42 6.04
CA PHE D 26 -53.14 -15.80 6.44
C PHE D 26 -52.51 -16.01 7.81
N ARG D 27 -53.08 -16.94 8.58
CA ARG D 27 -52.61 -17.32 9.91
C ARG D 27 -52.59 -18.84 10.11
N GLY D 28 -53.69 -19.38 10.64
CA GLY D 28 -53.77 -20.79 10.97
C GLY D 28 -54.21 -21.04 12.41
N HIS D 37 -50.46 -19.83 20.29
CA HIS D 37 -49.85 -20.22 19.02
C HIS D 37 -49.99 -19.17 17.91
N ARG D 38 -48.90 -18.97 17.18
CA ARG D 38 -48.78 -17.95 16.14
C ARG D 38 -48.39 -18.65 14.83
N LEU D 39 -47.79 -17.94 13.87
CA LEU D 39 -47.34 -18.60 12.65
C LEU D 39 -45.82 -18.61 12.48
N ASP D 40 -45.15 -17.46 12.61
CA ASP D 40 -43.70 -17.34 12.45
C ASP D 40 -43.22 -17.72 11.04
N PHE D 41 -43.55 -16.85 10.08
CA PHE D 41 -43.32 -17.13 8.67
C PHE D 41 -41.84 -17.12 8.31
N GLN D 42 -41.46 -18.03 7.40
CA GLN D 42 -40.06 -18.27 7.04
C GLN D 42 -39.79 -18.12 5.54
N LEU D 43 -40.52 -18.81 4.68
CA LEU D 43 -40.32 -18.67 3.24
C LEU D 43 -41.58 -19.12 2.51
N MET D 44 -41.65 -18.82 1.21
CA MET D 44 -42.78 -19.25 0.38
C MET D 44 -42.35 -19.54 -1.05
N LEU D 45 -42.97 -20.56 -1.63
CA LEU D 45 -42.70 -21.06 -2.97
C LEU D 45 -44.02 -21.25 -3.74
N LYS D 46 -44.03 -20.83 -5.00
CA LYS D 46 -45.19 -21.04 -5.86
C LYS D 46 -44.86 -22.19 -6.82
N ILE D 47 -45.66 -23.25 -6.73
CA ILE D 47 -45.71 -24.33 -7.71
C ILE D 47 -47.09 -24.34 -8.35
N ARG D 48 -47.10 -24.35 -9.68
CA ARG D 48 -48.28 -24.30 -10.53
C ARG D 48 -49.22 -23.22 -10.01
N ASP D 49 -50.41 -23.62 -9.56
CA ASP D 49 -51.44 -22.70 -9.08
C ASP D 49 -51.63 -22.85 -7.58
N THR D 50 -50.57 -23.29 -6.90
CA THR D 50 -50.56 -23.48 -5.46
C THR D 50 -49.38 -22.75 -4.84
N LEU D 51 -49.59 -22.16 -3.67
CA LEU D 51 -48.55 -21.45 -2.96
C LEU D 51 -48.31 -22.15 -1.62
N TYR D 52 -47.04 -22.36 -1.30
CA TYR D 52 -46.64 -23.13 -0.14
C TYR D 52 -46.01 -22.16 0.86
N ILE D 53 -46.44 -22.23 2.11
CA ILE D 53 -45.95 -21.36 3.16
C ILE D 53 -45.36 -22.22 4.26
N ALA D 54 -44.07 -22.02 4.53
CA ALA D 54 -43.37 -22.82 5.54
C ALA D 54 -43.03 -21.91 6.71
N GLY D 55 -43.34 -22.38 7.92
CA GLY D 55 -43.03 -21.66 9.12
C GLY D 55 -42.66 -22.58 10.27
N ARG D 56 -43.05 -22.18 11.48
CA ARG D 56 -42.76 -22.96 12.68
C ARG D 56 -43.70 -24.16 12.75
N ASP D 57 -43.11 -25.35 12.86
CA ASP D 57 -43.77 -26.63 13.12
C ASP D 57 -44.61 -27.04 11.93
N GLN D 58 -45.05 -26.06 11.15
CA GLN D 58 -46.06 -26.21 10.11
C GLN D 58 -45.50 -25.84 8.74
N VAL D 59 -46.13 -26.40 7.73
CA VAL D 59 -45.99 -25.92 6.36
C VAL D 59 -47.42 -25.87 5.82
N TYR D 60 -47.82 -24.72 5.29
CA TYR D 60 -49.21 -24.54 4.89
C TYR D 60 -49.31 -24.43 3.37
N THR D 61 -50.43 -24.90 2.86
CA THR D 61 -50.83 -24.77 1.46
C THR D 61 -52.02 -23.83 1.34
N VAL D 62 -51.94 -22.90 0.39
CA VAL D 62 -53.11 -22.14 -0.02
C VAL D 62 -53.32 -22.38 -1.51
N ASN D 63 -54.55 -22.75 -1.88
CA ASN D 63 -54.95 -22.90 -3.26
C ASN D 63 -55.20 -21.54 -3.87
N LEU D 64 -54.38 -21.17 -4.87
CA LEU D 64 -54.52 -19.86 -5.51
C LEU D 64 -55.75 -19.69 -6.40
N ASN D 65 -56.65 -20.68 -6.52
CA ASN D 65 -57.84 -20.51 -7.36
C ASN D 65 -59.07 -20.12 -6.55
N ASP D 66 -59.03 -20.33 -5.25
CA ASP D 66 -60.09 -20.04 -4.27
C ASP D 66 -59.96 -18.58 -3.85
N ILE D 67 -60.85 -17.74 -4.36
CA ILE D 67 -60.95 -16.35 -3.91
C ILE D 67 -61.27 -16.29 -2.43
N PRO D 68 -60.32 -15.77 -1.65
CA PRO D 68 -60.41 -15.71 -0.18
C PRO D 68 -61.54 -14.85 0.35
N GLN D 69 -61.97 -15.21 1.56
CA GLN D 69 -63.08 -14.60 2.23
C GLN D 69 -62.48 -13.53 3.25
N THR D 70 -62.86 -13.56 4.51
CA THR D 70 -62.23 -12.63 5.46
C THR D 70 -60.77 -13.00 5.67
N GLU D 71 -60.49 -14.30 5.83
CA GLU D 71 -59.16 -14.83 6.02
C GLU D 71 -58.82 -15.80 4.91
N VAL D 72 -57.53 -16.02 4.72
CA VAL D 72 -57.01 -17.07 3.86
C VAL D 72 -56.99 -18.38 4.66
N ILE D 73 -57.75 -19.36 4.22
CA ILE D 73 -57.95 -20.60 4.97
C ILE D 73 -57.07 -21.66 4.31
N PRO D 74 -56.17 -22.31 5.05
CA PRO D 74 -55.36 -23.39 4.45
C PRO D 74 -56.13 -24.67 4.19
N SER D 75 -55.76 -25.31 3.07
CA SER D 75 -56.42 -26.50 2.54
C SER D 75 -55.73 -27.76 3.08
N LYS D 76 -54.53 -28.03 2.57
CA LYS D 76 -53.64 -29.08 3.02
C LYS D 76 -52.60 -28.50 3.99
N LYS D 77 -52.12 -29.35 4.90
CA LYS D 77 -51.14 -28.92 5.91
C LYS D 77 -50.09 -29.98 6.15
N LEU D 78 -48.83 -29.58 6.21
CA LEU D 78 -47.74 -30.49 6.55
C LEU D 78 -47.31 -30.12 7.96
N THR D 79 -47.02 -31.11 8.79
CA THR D 79 -46.59 -30.89 10.16
C THR D 79 -45.32 -31.66 10.48
N TRP D 80 -44.33 -30.99 11.10
CA TRP D 80 -43.09 -31.68 11.44
C TRP D 80 -42.43 -30.99 12.66
N ARG D 81 -42.91 -31.32 13.85
CA ARG D 81 -42.36 -30.76 15.11
C ARG D 81 -41.12 -31.50 15.58
N SER D 82 -40.21 -30.74 16.20
CA SER D 82 -38.97 -31.28 16.78
C SER D 82 -39.24 -32.39 17.80
N ARG D 83 -38.34 -33.36 17.87
CA ARG D 83 -38.53 -34.43 18.84
C ARG D 83 -38.38 -33.96 20.29
N GLN D 84 -38.85 -34.81 21.21
CA GLN D 84 -38.91 -34.50 22.64
C GLN D 84 -37.51 -34.32 23.24
N GLN D 85 -36.61 -35.26 22.92
CA GLN D 85 -35.28 -35.21 23.52
C GLN D 85 -34.49 -34.11 22.85
N ASP D 86 -34.92 -33.74 21.65
CA ASP D 86 -34.35 -32.63 20.88
C ASP D 86 -34.81 -31.33 21.51
N ARG D 87 -35.98 -31.37 22.17
CA ARG D 87 -36.61 -30.21 22.78
C ARG D 87 -36.00 -29.96 24.14
N GLU D 88 -35.28 -30.96 24.65
CA GLU D 88 -34.72 -30.88 26.00
C GLU D 88 -33.22 -30.74 25.90
N ASN D 89 -32.62 -31.28 24.83
CA ASN D 89 -31.23 -30.97 24.57
C ASN D 89 -31.09 -29.50 24.25
N CYS D 90 -32.10 -28.95 23.55
CA CYS D 90 -32.10 -27.52 23.25
C CYS D 90 -32.17 -26.67 24.50
N ALA D 91 -32.83 -27.16 25.55
CA ALA D 91 -32.97 -26.38 26.77
C ALA D 91 -31.68 -26.40 27.57
N MET D 92 -31.03 -27.57 27.59
CA MET D 92 -29.75 -27.73 28.27
C MET D 92 -28.69 -26.88 27.60
N LYS D 93 -28.83 -26.68 26.29
CA LYS D 93 -27.87 -25.92 25.51
C LYS D 93 -28.07 -24.43 25.75
N GLY D 94 -29.04 -24.09 26.61
CA GLY D 94 -29.28 -22.76 27.09
C GLY D 94 -30.30 -21.95 26.30
N LYS D 95 -30.75 -22.44 25.16
CA LYS D 95 -31.64 -21.68 24.31
C LYS D 95 -33.07 -21.75 24.88
N HIS D 96 -33.81 -20.65 24.75
CA HIS D 96 -35.16 -20.51 25.33
C HIS D 96 -36.21 -21.39 24.66
N LYS D 97 -37.32 -21.61 25.41
CA LYS D 97 -38.40 -22.49 24.96
C LYS D 97 -39.05 -22.02 23.66
N ASP D 98 -39.23 -20.71 23.47
CA ASP D 98 -39.85 -20.24 22.25
C ASP D 98 -39.00 -20.55 21.03
N GLU D 99 -37.69 -20.60 21.21
CA GLU D 99 -36.78 -20.93 20.13
C GLU D 99 -36.76 -22.43 19.86
N CYS D 100 -37.00 -23.25 20.87
CA CYS D 100 -36.86 -24.69 20.72
C CYS D 100 -38.14 -25.23 20.07
N HIS D 101 -38.25 -24.94 18.78
CA HIS D 101 -39.36 -25.32 17.93
C HIS D 101 -38.75 -25.65 16.58
N ASN D 102 -39.48 -26.42 15.78
CA ASN D 102 -39.00 -26.86 14.45
C ASN D 102 -39.32 -25.82 13.37
N PHE D 103 -38.41 -24.86 13.16
CA PHE D 103 -38.59 -23.85 12.11
C PHE D 103 -38.10 -24.37 10.75
N ILE D 104 -39.04 -24.60 9.84
CA ILE D 104 -38.75 -25.00 8.46
C ILE D 104 -38.04 -23.89 7.70
N LYS D 105 -36.82 -24.18 7.22
CA LYS D 105 -35.99 -23.19 6.55
C LYS D 105 -35.56 -23.57 5.14
N VAL D 106 -35.83 -24.79 4.68
CA VAL D 106 -35.47 -25.21 3.32
C VAL D 106 -36.66 -25.95 2.73
N PHE D 107 -37.02 -25.60 1.47
CA PHE D 107 -38.15 -26.25 0.80
C PHE D 107 -38.00 -26.21 -0.72
N VAL D 108 -37.26 -27.16 -1.28
CA VAL D 108 -36.98 -27.19 -2.71
C VAL D 108 -37.50 -28.52 -3.24
N PRO D 109 -38.41 -28.52 -4.22
CA PRO D 109 -38.77 -29.76 -4.90
C PRO D 109 -37.64 -30.31 -5.78
N ARG D 110 -37.39 -31.61 -5.64
CA ARG D 110 -36.42 -32.30 -6.49
C ARG D 110 -37.03 -32.69 -7.83
N ASN D 111 -38.25 -33.24 -7.83
CA ASN D 111 -38.95 -33.50 -9.08
C ASN D 111 -40.40 -33.01 -8.99
N ASP D 112 -41.33 -33.63 -9.73
CA ASP D 112 -42.70 -33.11 -9.79
C ASP D 112 -43.65 -33.92 -8.91
N GLU D 113 -43.13 -34.50 -7.83
CA GLU D 113 -43.89 -35.39 -6.96
C GLU D 113 -43.41 -35.22 -5.53
N MET D 114 -42.10 -35.09 -5.37
CA MET D 114 -41.43 -35.09 -4.09
C MET D 114 -40.74 -33.74 -3.87
N VAL D 115 -40.59 -33.37 -2.60
CA VAL D 115 -40.04 -32.07 -2.21
C VAL D 115 -39.06 -32.27 -1.07
N PHE D 116 -37.87 -31.66 -1.20
CA PHE D 116 -36.85 -31.75 -0.16
C PHE D 116 -37.14 -30.69 0.90
N VAL D 117 -37.29 -31.15 2.15
CA VAL D 117 -37.66 -30.31 3.28
C VAL D 117 -36.66 -30.47 4.42
N CYS D 118 -36.24 -29.35 5.01
CA CYS D 118 -35.36 -29.33 6.16
C CYS D 118 -35.89 -28.35 7.20
N GLY D 119 -35.73 -28.70 8.47
CA GLY D 119 -36.12 -27.85 9.55
C GLY D 119 -35.01 -27.71 10.58
N THR D 120 -35.09 -26.62 11.35
CA THR D 120 -34.10 -26.36 12.38
C THR D 120 -34.12 -27.42 13.47
N ASN D 121 -35.30 -27.92 13.82
CA ASN D 121 -35.45 -29.03 14.75
C ASN D 121 -34.80 -28.67 16.09
N ALA D 122 -35.11 -27.46 16.56
CA ALA D 122 -34.59 -26.92 17.82
C ALA D 122 -33.07 -27.00 17.89
N PHE D 123 -32.42 -26.37 16.91
CA PHE D 123 -30.96 -26.30 16.82
C PHE D 123 -30.34 -27.69 16.71
N ASN D 124 -31.01 -28.58 15.98
CA ASN D 124 -30.47 -29.91 15.66
C ASN D 124 -30.90 -30.28 14.24
N PRO D 125 -30.39 -29.55 13.24
CA PRO D 125 -30.96 -29.62 11.89
C PRO D 125 -30.92 -31.01 11.24
N MET D 126 -32.07 -31.40 10.70
CA MET D 126 -32.28 -32.65 9.96
C MET D 126 -33.00 -32.32 8.66
N CYS D 127 -32.95 -33.25 7.70
CA CYS D 127 -33.64 -33.10 6.42
C CYS D 127 -34.45 -34.34 6.07
N ARG D 128 -35.45 -34.13 5.21
CA ARG D 128 -36.41 -35.17 4.86
C ARG D 128 -36.87 -35.02 3.42
N TYR D 129 -37.61 -36.04 2.97
CA TYR D 129 -38.31 -36.06 1.69
C TYR D 129 -39.80 -36.19 1.93
N TYR D 130 -40.57 -35.26 1.36
CA TYR D 130 -42.02 -35.32 1.45
C TYR D 130 -42.54 -35.46 0.03
N ARG D 131 -43.77 -35.97 -0.08
CA ARG D 131 -44.49 -36.03 -1.34
C ARG D 131 -45.45 -34.85 -1.45
N LEU D 132 -45.52 -34.26 -2.65
CA LEU D 132 -46.43 -33.13 -2.87
C LEU D 132 -47.89 -33.53 -2.72
N SER D 133 -48.27 -34.67 -3.33
CA SER D 133 -49.67 -35.08 -3.35
C SER D 133 -50.26 -35.16 -1.94
N THR D 134 -49.48 -35.67 -0.99
CA THR D 134 -49.99 -36.02 0.33
C THR D 134 -49.33 -35.26 1.47
N LEU D 135 -48.15 -34.67 1.26
CA LEU D 135 -47.34 -34.09 2.32
C LEU D 135 -46.98 -35.10 3.41
N GLU D 136 -46.86 -36.37 3.04
CA GLU D 136 -46.52 -37.39 4.02
C GLU D 136 -45.01 -37.64 4.16
N TYR D 137 -44.56 -37.76 5.41
CA TYR D 137 -43.20 -38.16 5.77
C TYR D 137 -42.93 -39.60 5.39
N ASP D 138 -42.36 -39.84 4.22
CA ASP D 138 -42.19 -41.19 3.74
C ASP D 138 -40.70 -41.46 3.66
N GLY D 139 -40.26 -42.61 4.16
CA GLY D 139 -38.83 -42.86 4.13
C GLY D 139 -38.15 -42.69 5.47
N GLU D 140 -36.87 -42.32 5.44
CA GLU D 140 -36.07 -42.17 6.64
C GLU D 140 -35.32 -40.84 6.64
N GLU D 141 -35.01 -40.40 7.85
CA GLU D 141 -34.38 -39.10 8.11
C GLU D 141 -32.93 -39.06 7.64
N ILE D 142 -32.51 -37.88 7.17
CA ILE D 142 -31.15 -37.60 6.74
C ILE D 142 -30.67 -36.42 7.58
N SER D 143 -29.35 -36.36 7.80
CA SER D 143 -28.76 -35.25 8.53
C SER D 143 -28.73 -33.95 7.74
N GLY D 144 -29.06 -32.87 8.44
CA GLY D 144 -29.22 -31.52 7.93
C GLY D 144 -27.98 -30.67 8.12
N LEU D 145 -26.94 -31.23 8.72
CA LEU D 145 -25.66 -30.55 8.91
C LEU D 145 -25.12 -30.02 7.59
N ALA D 146 -24.65 -28.77 7.61
CA ALA D 146 -24.08 -28.05 6.48
C ALA D 146 -25.14 -27.74 5.43
N ARG D 147 -26.38 -28.14 5.66
CA ARG D 147 -27.50 -28.02 4.74
C ARG D 147 -28.56 -27.07 5.27
N CYS D 148 -28.95 -27.21 6.54
CA CYS D 148 -29.96 -26.34 7.13
C CYS D 148 -29.39 -25.64 8.36
N PRO D 149 -29.72 -24.37 8.56
CA PRO D 149 -29.19 -23.62 9.70
C PRO D 149 -29.66 -24.16 11.04
N PHE D 150 -28.93 -23.73 12.08
CA PHE D 150 -29.27 -24.02 13.46
C PHE D 150 -30.27 -23.02 14.03
N ASP D 151 -30.12 -21.76 13.66
CA ASP D 151 -30.95 -20.68 14.14
C ASP D 151 -31.99 -20.41 13.07
N ALA D 152 -33.14 -19.90 13.47
CA ALA D 152 -34.18 -19.68 12.48
C ALA D 152 -33.98 -18.33 11.85
N ARG D 153 -33.30 -17.45 12.59
CA ARG D 153 -33.10 -16.04 12.30
C ARG D 153 -31.95 -15.84 11.32
N GLN D 154 -31.19 -16.89 11.02
CA GLN D 154 -30.06 -16.81 10.09
C GLN D 154 -30.60 -16.88 8.67
N THR D 155 -29.77 -16.46 7.73
CA THR D 155 -30.13 -16.67 6.33
C THR D 155 -29.51 -17.96 5.80
N ASN D 156 -30.04 -18.42 4.68
CA ASN D 156 -29.55 -19.64 4.04
C ASN D 156 -30.05 -19.73 2.61
N VAL D 157 -29.38 -20.59 1.84
CA VAL D 157 -29.71 -20.87 0.44
C VAL D 157 -29.80 -22.38 0.25
N ALA D 158 -30.54 -22.81 -0.77
CA ALA D 158 -30.63 -24.23 -1.09
C ALA D 158 -31.20 -24.45 -2.48
N LEU D 159 -30.53 -25.27 -3.30
CA LEU D 159 -30.91 -25.44 -4.69
C LEU D 159 -30.47 -26.84 -5.14
N PHE D 160 -31.17 -27.36 -6.16
CA PHE D 160 -30.80 -28.58 -6.88
C PHE D 160 -30.44 -28.30 -8.34
N ALA D 161 -29.25 -28.77 -8.76
CA ALA D 161 -28.85 -28.71 -10.16
C ALA D 161 -28.11 -29.98 -10.55
N ASP D 162 -28.61 -30.66 -11.58
CA ASP D 162 -27.97 -31.85 -12.18
C ASP D 162 -27.62 -32.89 -11.12
N GLY D 163 -28.66 -33.43 -10.52
CA GLY D 163 -28.45 -34.55 -9.62
C GLY D 163 -28.04 -34.15 -8.23
N LYS D 164 -27.18 -33.14 -8.11
CA LYS D 164 -26.49 -32.86 -6.86
C LYS D 164 -27.13 -31.65 -6.18
N LEU D 165 -27.03 -31.61 -4.86
CA LEU D 165 -27.61 -30.54 -4.05
C LEU D 165 -26.55 -29.51 -3.68
N TYR D 166 -26.86 -28.23 -3.90
CA TYR D 166 -25.95 -27.14 -3.58
C TYR D 166 -26.52 -26.33 -2.42
N SER D 167 -26.03 -26.62 -1.21
CA SER D 167 -26.43 -25.91 0.00
C SER D 167 -25.53 -24.71 0.24
N ALA D 168 -25.86 -23.92 1.28
CA ALA D 168 -25.03 -22.80 1.73
C ALA D 168 -25.52 -22.24 3.06
N THR D 169 -24.87 -22.56 4.16
CA THR D 169 -25.37 -22.17 5.48
C THR D 169 -24.25 -22.23 6.51
N VAL D 170 -24.63 -22.34 7.80
CA VAL D 170 -23.75 -22.55 8.94
C VAL D 170 -23.87 -24.01 9.36
N ALA D 171 -22.79 -24.58 9.90
CA ALA D 171 -22.74 -26.01 10.16
C ALA D 171 -22.69 -26.39 11.63
N ASP D 172 -22.39 -25.47 12.53
CA ASP D 172 -22.16 -25.78 13.93
C ASP D 172 -23.14 -25.03 14.81
N PHE D 173 -23.39 -25.58 16.00
CA PHE D 173 -24.34 -24.98 16.93
C PHE D 173 -23.84 -23.63 17.43
N LEU D 174 -22.53 -23.41 17.38
CA LEU D 174 -21.92 -22.21 17.93
C LEU D 174 -21.88 -21.09 16.90
N ALA D 175 -22.21 -21.40 15.65
CA ALA D 175 -22.35 -20.46 14.54
C ALA D 175 -21.05 -19.74 14.15
N SER D 176 -20.05 -20.53 13.78
CA SER D 176 -18.77 -19.99 13.34
C SER D 176 -18.46 -20.32 11.88
N ASP D 177 -18.62 -21.60 11.51
CA ASP D 177 -18.28 -22.13 10.19
C ASP D 177 -19.41 -21.93 9.19
N ALA D 178 -19.28 -20.93 8.32
CA ALA D 178 -20.18 -20.80 7.18
C ALA D 178 -19.53 -21.50 5.99
N VAL D 179 -20.30 -22.32 5.28
CA VAL D 179 -19.76 -23.23 4.27
C VAL D 179 -20.74 -23.33 3.11
N ILE D 180 -20.21 -23.41 1.89
CA ILE D 180 -20.94 -23.95 0.76
C ILE D 180 -20.55 -25.40 0.52
N TYR D 181 -21.56 -26.27 0.47
CA TYR D 181 -21.42 -27.72 0.61
C TYR D 181 -22.25 -28.40 -0.47
N ARG D 182 -21.63 -29.16 -1.36
CA ARG D 182 -22.43 -29.98 -2.25
C ARG D 182 -22.36 -31.42 -1.78
N SER D 183 -23.51 -32.06 -1.67
CA SER D 183 -23.67 -33.49 -1.42
C SER D 183 -25.00 -33.92 -2.02
N MET D 184 -25.49 -35.08 -1.58
CA MET D 184 -26.80 -35.63 -2.01
C MET D 184 -26.80 -35.95 -3.49
N GLY D 185 -25.75 -36.62 -3.93
CA GLY D 185 -25.51 -36.91 -5.31
C GLY D 185 -24.63 -38.14 -5.37
N ASP D 186 -24.15 -38.44 -6.58
CA ASP D 186 -23.35 -39.64 -6.76
C ASP D 186 -21.89 -39.34 -6.48
N GLY D 187 -21.51 -38.06 -6.48
CA GLY D 187 -20.16 -37.64 -6.18
C GLY D 187 -19.95 -37.53 -4.68
N SER D 188 -18.78 -37.02 -4.30
CA SER D 188 -18.43 -36.89 -2.89
C SER D 188 -19.01 -35.62 -2.26
N ALA D 189 -18.52 -35.31 -1.06
CA ALA D 189 -18.88 -34.10 -0.31
C ALA D 189 -17.79 -33.04 -0.43
N LEU D 190 -18.02 -32.05 -1.30
CA LEU D 190 -17.11 -30.93 -1.47
C LEU D 190 -17.49 -29.81 -0.51
N ARG D 191 -16.52 -28.98 -0.12
CA ARG D 191 -16.84 -27.89 0.80
C ARG D 191 -15.79 -26.78 0.71
N THR D 192 -16.15 -25.62 1.27
CA THR D 192 -15.27 -24.47 1.42
C THR D 192 -14.32 -24.64 2.61
N ILE D 193 -13.18 -23.95 2.53
CA ILE D 193 -12.16 -24.00 3.58
C ILE D 193 -12.65 -23.34 4.86
N LYS D 194 -12.75 -24.11 5.94
CA LYS D 194 -13.28 -23.60 7.20
C LYS D 194 -12.38 -22.48 7.74
N TYR D 195 -12.99 -21.36 8.15
CA TYR D 195 -12.33 -20.26 8.86
C TYR D 195 -11.45 -19.41 7.96
N ASP D 196 -11.28 -19.77 6.69
CA ASP D 196 -10.38 -19.08 5.79
C ASP D 196 -10.97 -17.72 5.42
N SER D 197 -10.62 -16.69 6.19
CA SER D 197 -11.25 -15.38 6.06
C SER D 197 -11.07 -14.80 4.65
N LYS D 198 -10.11 -15.28 3.88
CA LYS D 198 -9.93 -14.78 2.52
C LYS D 198 -10.97 -15.35 1.59
N TRP D 199 -11.59 -16.47 1.95
CA TRP D 199 -12.58 -17.10 1.08
C TRP D 199 -13.95 -16.55 1.44
N ILE D 200 -14.29 -16.59 2.73
CA ILE D 200 -15.58 -16.14 3.26
C ILE D 200 -15.38 -15.75 4.72
N LYS D 201 -15.80 -14.54 5.10
CA LYS D 201 -15.61 -14.05 6.46
C LYS D 201 -16.90 -13.40 6.92
N GLU D 202 -17.64 -14.10 7.79
CA GLU D 202 -18.88 -13.65 8.43
C GLU D 202 -19.91 -13.24 7.39
N PRO D 203 -20.31 -14.14 6.50
CA PRO D 203 -21.28 -13.81 5.46
C PRO D 203 -22.71 -14.09 5.88
N HIS D 204 -23.63 -13.41 5.20
CA HIS D 204 -25.04 -13.78 5.21
C HIS D 204 -25.46 -14.09 3.78
N PHE D 205 -25.70 -15.36 3.47
CA PHE D 205 -26.10 -15.77 2.12
C PHE D 205 -27.57 -15.46 1.83
N LEU D 206 -27.86 -15.16 0.56
CA LEU D 206 -29.20 -14.68 0.27
C LEU D 206 -29.82 -15.43 -0.92
N HIS D 207 -29.04 -15.85 -1.91
CA HIS D 207 -29.66 -16.53 -3.05
C HIS D 207 -28.62 -17.39 -3.76
N ALA D 208 -29.04 -18.05 -4.84
CA ALA D 208 -28.18 -18.77 -5.77
C ALA D 208 -28.96 -19.13 -7.03
N ILE D 209 -28.25 -19.28 -8.14
CA ILE D 209 -28.84 -19.45 -9.48
C ILE D 209 -27.86 -20.28 -10.32
N GLU D 210 -28.38 -21.33 -10.95
CA GLU D 210 -27.69 -22.06 -12.01
C GLU D 210 -27.79 -21.38 -13.37
N TYR D 211 -26.64 -21.25 -14.04
CA TYR D 211 -26.54 -20.69 -15.39
C TYR D 211 -25.24 -21.13 -16.05
N GLY D 212 -25.36 -21.66 -17.27
CA GLY D 212 -24.21 -22.25 -17.97
C GLY D 212 -23.57 -23.35 -17.16
N ASN D 213 -22.24 -23.30 -17.04
CA ASN D 213 -21.53 -24.38 -16.38
C ASN D 213 -21.40 -24.14 -14.89
N TYR D 214 -21.97 -23.04 -14.40
CA TYR D 214 -21.68 -22.52 -13.07
C TYR D 214 -22.97 -22.41 -12.27
N VAL D 215 -22.84 -22.52 -10.95
CA VAL D 215 -23.87 -22.11 -10.00
C VAL D 215 -23.44 -20.79 -9.37
N TYR D 216 -24.04 -19.69 -9.81
CA TYR D 216 -23.71 -18.36 -9.29
C TYR D 216 -24.44 -18.08 -7.98
N PHE D 217 -23.68 -17.64 -6.97
CA PHE D 217 -24.18 -17.33 -5.64
C PHE D 217 -24.23 -15.82 -5.37
N PHE D 218 -25.15 -15.43 -4.48
CA PHE D 218 -25.32 -14.05 -4.05
C PHE D 218 -25.46 -13.99 -2.54
N PHE D 219 -24.61 -13.17 -1.91
CA PHE D 219 -24.60 -12.98 -0.46
C PHE D 219 -24.01 -11.62 -0.10
N ARG D 220 -23.97 -11.32 1.20
CA ARG D 220 -23.15 -10.23 1.72
C ARG D 220 -22.13 -10.80 2.69
N GLU D 221 -21.03 -10.05 2.89
CA GLU D 221 -20.02 -10.39 3.88
C GLU D 221 -19.28 -9.12 4.28
N ILE D 222 -18.47 -9.23 5.33
CA ILE D 222 -17.55 -8.13 5.65
C ILE D 222 -16.49 -8.06 4.56
N ALA D 223 -16.22 -6.84 4.08
CA ALA D 223 -15.24 -6.64 3.01
C ALA D 223 -13.82 -6.57 3.50
N VAL D 224 -12.90 -7.18 2.74
CA VAL D 224 -11.48 -7.08 3.10
C VAL D 224 -10.76 -5.99 2.29
N GLU D 225 -11.41 -5.39 1.29
CA GLU D 225 -10.78 -4.27 0.60
C GLU D 225 -10.99 -2.92 1.28
N HIS D 226 -11.97 -2.81 2.17
CA HIS D 226 -12.22 -1.60 2.94
C HIS D 226 -12.01 -1.88 4.42
N ASN D 227 -10.92 -2.60 4.71
CA ASN D 227 -10.46 -2.85 6.08
C ASN D 227 -9.72 -1.66 6.66
N ASN D 228 -9.08 -0.83 5.82
CA ASN D 228 -8.35 0.34 6.27
C ASN D 228 -9.27 1.48 6.71
N LEU D 229 -10.41 1.11 7.30
CA LEU D 229 -11.49 1.92 7.84
C LEU D 229 -12.37 0.98 8.66
N GLY D 230 -13.65 1.26 8.78
CA GLY D 230 -14.50 0.44 9.60
C GLY D 230 -14.89 -0.90 8.98
N LYS D 231 -15.47 -1.74 9.83
CA LYS D 231 -15.98 -3.06 9.46
C LYS D 231 -17.15 -2.92 8.51
N ALA D 232 -16.85 -2.58 7.26
CA ALA D 232 -17.81 -2.45 6.18
C ALA D 232 -18.35 -3.80 5.72
N VAL D 233 -19.49 -3.74 5.03
CA VAL D 233 -20.12 -4.89 4.40
C VAL D 233 -20.22 -4.63 2.90
N TYR D 234 -19.67 -5.54 2.10
CA TYR D 234 -19.65 -5.47 0.65
C TYR D 234 -20.56 -6.55 0.08
N SER D 235 -21.25 -6.25 -1.02
CA SER D 235 -22.10 -7.23 -1.68
C SER D 235 -21.32 -8.01 -2.73
N ARG D 236 -21.29 -9.33 -2.60
CA ARG D 236 -20.47 -10.24 -3.39
C ARG D 236 -21.33 -11.08 -4.33
N VAL D 237 -20.77 -11.41 -5.50
CA VAL D 237 -21.24 -12.49 -6.37
C VAL D 237 -20.15 -13.54 -6.55
N ALA D 238 -20.43 -14.77 -6.13
CA ALA D 238 -19.49 -15.89 -6.27
C ALA D 238 -19.99 -16.89 -7.31
N ARG D 239 -19.09 -17.80 -7.73
CA ARG D 239 -19.45 -18.86 -8.68
C ARG D 239 -18.67 -20.15 -8.40
N ILE D 240 -19.25 -21.29 -8.81
CA ILE D 240 -18.59 -22.59 -8.82
C ILE D 240 -18.93 -23.37 -10.08
N CYS D 241 -17.97 -24.18 -10.55
CA CYS D 241 -18.23 -25.14 -11.62
C CYS D 241 -19.23 -26.20 -11.16
N LYS D 242 -20.04 -26.70 -12.10
CA LYS D 242 -20.90 -27.81 -11.70
C LYS D 242 -20.10 -29.10 -11.62
N ASN D 243 -19.20 -29.35 -12.57
CA ASN D 243 -18.50 -30.62 -12.64
C ASN D 243 -17.23 -30.61 -11.82
N ASP D 244 -17.14 -29.76 -10.79
CA ASP D 244 -15.98 -29.81 -9.91
C ASP D 244 -16.01 -31.08 -9.08
N MET D 245 -14.87 -31.74 -8.97
CA MET D 245 -14.73 -32.93 -8.13
C MET D 245 -13.69 -32.74 -7.03
N GLY D 246 -13.23 -31.52 -6.84
CA GLY D 246 -12.22 -31.19 -5.84
C GLY D 246 -10.84 -31.14 -6.44
N GLY D 247 -9.86 -30.92 -5.55
CA GLY D 247 -8.46 -30.90 -5.94
C GLY D 247 -7.70 -32.19 -5.70
N SER D 248 -6.45 -32.18 -6.17
CA SER D 248 -5.50 -33.25 -5.93
C SER D 248 -5.14 -33.30 -4.44
N GLN D 249 -4.28 -34.27 -4.09
CA GLN D 249 -3.96 -34.48 -2.68
C GLN D 249 -3.23 -33.28 -2.08
N ARG D 250 -2.44 -32.56 -2.88
CA ARG D 250 -1.63 -31.49 -2.30
C ARG D 250 -2.48 -30.26 -2.02
N VAL D 251 -3.17 -29.75 -3.04
CA VAL D 251 -3.89 -28.50 -2.92
C VAL D 251 -5.37 -28.80 -3.11
N LEU D 252 -6.17 -28.32 -2.16
CA LEU D 252 -7.63 -28.30 -2.22
C LEU D 252 -8.20 -29.71 -2.29
N GLU D 253 -7.83 -30.52 -1.30
CA GLU D 253 -8.31 -31.90 -1.18
C GLU D 253 -9.74 -31.84 -0.65
N LYS D 254 -10.70 -32.34 -1.43
CA LYS D 254 -12.12 -32.36 -1.12
C LYS D 254 -12.71 -30.96 -1.11
N HIS D 255 -11.93 -29.94 -1.46
CA HIS D 255 -12.34 -28.55 -1.46
C HIS D 255 -12.58 -28.06 -2.88
N TRP D 256 -13.41 -27.02 -3.01
CA TRP D 256 -13.73 -26.46 -4.31
C TRP D 256 -12.47 -25.95 -5.00
N THR D 257 -12.43 -26.09 -6.32
CA THR D 257 -11.32 -25.68 -7.18
C THR D 257 -11.76 -24.72 -8.27
N SER D 258 -12.88 -24.05 -8.05
CA SER D 258 -13.60 -23.30 -9.04
C SER D 258 -14.23 -22.06 -8.40
N PHE D 259 -13.87 -21.84 -7.12
CA PHE D 259 -14.38 -20.74 -6.30
C PHE D 259 -13.85 -19.37 -6.70
N LEU D 260 -14.52 -18.66 -7.61
CA LEU D 260 -14.24 -17.25 -7.85
C LEU D 260 -15.38 -16.40 -7.30
N LYS D 261 -15.08 -15.22 -6.71
CA LYS D 261 -16.14 -14.29 -6.28
C LYS D 261 -15.79 -12.88 -6.73
N ALA D 262 -16.80 -12.09 -7.05
CA ALA D 262 -16.64 -10.69 -7.40
C ALA D 262 -17.47 -9.78 -6.51
N ARG D 263 -17.26 -8.46 -6.68
CA ARG D 263 -17.95 -7.43 -5.92
C ARG D 263 -19.00 -6.77 -6.83
N LEU D 264 -20.08 -6.32 -6.20
CA LEU D 264 -21.18 -5.65 -6.88
C LEU D 264 -21.14 -4.12 -6.72
N ASN D 265 -21.30 -3.41 -7.85
CA ASN D 265 -21.10 -1.95 -7.93
C ASN D 265 -22.50 -1.39 -8.12
N CYS D 266 -23.05 -0.84 -7.03
CA CYS D 266 -24.34 -0.14 -7.01
C CYS D 266 -24.03 1.33 -6.72
N SER D 267 -23.91 2.14 -7.77
CA SER D 267 -23.26 3.45 -7.67
C SER D 267 -24.20 4.57 -8.09
N VAL D 268 -24.28 5.59 -7.26
CA VAL D 268 -24.76 6.91 -7.68
C VAL D 268 -23.54 7.70 -8.18
N PRO D 269 -23.52 8.10 -9.47
CA PRO D 269 -22.37 8.86 -10.00
C PRO D 269 -22.22 10.24 -9.38
N GLY D 270 -21.25 11.03 -9.84
CA GLY D 270 -20.94 12.31 -9.25
C GLY D 270 -19.47 12.43 -8.94
N ASP D 271 -19.11 13.51 -8.24
CA ASP D 271 -17.71 13.74 -7.91
C ASP D 271 -17.23 12.83 -6.79
N SER D 272 -18.15 12.24 -6.04
CA SER D 272 -17.88 11.30 -4.96
C SER D 272 -18.90 10.17 -5.12
N PHE D 273 -18.60 9.21 -6.00
CA PHE D 273 -19.50 8.10 -6.25
C PHE D 273 -20.02 7.54 -4.93
N PHE D 274 -21.34 7.47 -4.82
CA PHE D 274 -22.03 6.92 -3.67
C PHE D 274 -22.56 5.50 -3.88
N TYR D 275 -22.10 4.60 -3.03
CA TYR D 275 -22.30 3.15 -3.13
C TYR D 275 -23.30 2.66 -2.09
N PHE D 276 -24.14 1.72 -2.50
CA PHE D 276 -24.96 0.88 -1.63
C PHE D 276 -24.40 -0.52 -1.70
N ASP D 277 -24.03 -1.08 -0.55
CA ASP D 277 -23.24 -2.30 -0.51
C ASP D 277 -23.83 -3.38 0.37
N VAL D 278 -24.93 -3.13 1.07
CA VAL D 278 -25.66 -4.19 1.77
C VAL D 278 -26.75 -4.76 0.87
N LEU D 279 -26.62 -6.03 0.50
CA LEU D 279 -27.62 -6.70 -0.31
C LEU D 279 -28.72 -7.27 0.58
N GLN D 280 -29.97 -7.00 0.23
CA GLN D 280 -31.13 -7.42 1.00
C GLN D 280 -31.80 -8.64 0.37
N SER D 281 -32.10 -8.58 -0.92
CA SER D 281 -32.71 -9.69 -1.62
C SER D 281 -32.53 -9.50 -3.12
N ILE D 282 -32.68 -10.60 -3.86
CA ILE D 282 -32.54 -10.60 -5.31
C ILE D 282 -33.49 -11.66 -5.87
N THR D 283 -33.71 -11.61 -7.19
CA THR D 283 -34.62 -12.47 -7.92
C THR D 283 -33.85 -13.52 -8.71
N ASP D 284 -34.62 -14.32 -9.45
CA ASP D 284 -34.06 -15.29 -10.39
C ASP D 284 -33.75 -14.58 -11.71
N ILE D 285 -33.29 -15.37 -12.68
CA ILE D 285 -32.98 -14.82 -13.99
C ILE D 285 -34.29 -14.36 -14.62
N ILE D 286 -34.34 -13.07 -15.00
CA ILE D 286 -35.50 -12.49 -15.64
C ILE D 286 -35.05 -11.91 -16.97
N GLN D 287 -35.79 -12.24 -18.03
CA GLN D 287 -35.55 -11.64 -19.34
C GLN D 287 -36.09 -10.22 -19.35
N ILE D 288 -35.18 -9.25 -19.27
CA ILE D 288 -35.54 -7.84 -19.41
C ILE D 288 -34.85 -7.30 -20.66
N ASN D 289 -35.66 -6.79 -21.58
CA ASN D 289 -35.18 -6.20 -22.83
C ASN D 289 -34.24 -7.14 -23.58
N GLY D 290 -34.54 -8.44 -23.55
CA GLY D 290 -33.87 -9.39 -24.41
C GLY D 290 -32.71 -10.13 -23.77
N ILE D 291 -32.09 -9.54 -22.75
CA ILE D 291 -30.90 -10.09 -22.11
C ILE D 291 -31.21 -10.57 -20.70
N PRO D 292 -30.64 -11.68 -20.25
CA PRO D 292 -30.96 -12.20 -18.91
C PRO D 292 -30.38 -11.29 -17.83
N THR D 293 -31.23 -10.80 -16.94
CA THR D 293 -30.83 -9.92 -15.85
C THR D 293 -31.23 -10.49 -14.49
N VAL D 294 -30.54 -10.04 -13.45
CA VAL D 294 -30.93 -10.23 -12.05
C VAL D 294 -31.14 -8.88 -11.39
N ILE D 295 -32.26 -8.72 -10.69
CA ILE D 295 -32.65 -7.45 -10.06
C ILE D 295 -32.58 -7.59 -8.55
N GLY D 296 -31.83 -6.70 -7.89
CA GLY D 296 -31.59 -6.81 -6.47
C GLY D 296 -31.84 -5.51 -5.71
N VAL D 297 -32.02 -5.64 -4.39
CA VAL D 297 -32.38 -4.52 -3.50
C VAL D 297 -31.25 -4.27 -2.50
N PHE D 298 -30.64 -3.09 -2.57
CA PHE D 298 -29.49 -2.72 -1.73
C PHE D 298 -29.78 -1.60 -0.74
N THR D 299 -29.26 -1.72 0.49
CA THR D 299 -29.31 -0.65 1.49
C THR D 299 -27.89 -0.24 1.88
N THR D 300 -27.79 0.67 2.85
CA THR D 300 -26.54 1.14 3.42
C THR D 300 -26.22 0.39 4.72
N GLN D 301 -25.03 0.67 5.27
CA GLN D 301 -24.55 0.00 6.48
C GLN D 301 -25.42 0.36 7.69
N LEU D 302 -25.39 -0.52 8.68
CA LEU D 302 -26.24 -0.35 9.87
C LEU D 302 -25.97 0.97 10.58
N ASN D 303 -24.71 1.27 10.86
CA ASN D 303 -24.33 2.51 11.55
C ASN D 303 -24.10 3.61 10.51
N SER D 304 -25.06 3.77 9.62
CA SER D 304 -25.02 4.83 8.61
C SER D 304 -26.40 5.48 8.50
N ILE D 305 -26.50 6.46 7.60
CA ILE D 305 -27.72 7.19 7.32
C ILE D 305 -28.65 6.34 6.45
N PRO D 306 -29.83 5.97 6.96
CA PRO D 306 -30.73 5.09 6.20
C PRO D 306 -30.94 5.47 4.74
N GLY D 307 -30.62 4.56 3.82
CA GLY D 307 -30.78 4.80 2.41
C GLY D 307 -30.87 3.50 1.66
N SER D 308 -31.60 3.52 0.53
CA SER D 308 -31.87 2.26 -0.16
C SER D 308 -31.91 2.49 -1.66
N ALA D 309 -31.55 1.45 -2.42
CA ALA D 309 -31.51 1.48 -3.86
C ALA D 309 -31.83 0.10 -4.43
N VAL D 310 -32.22 0.07 -5.71
CA VAL D 310 -32.45 -1.16 -6.45
C VAL D 310 -31.50 -1.20 -7.66
N CYS D 311 -30.45 -2.02 -7.61
CA CYS D 311 -29.57 -2.14 -8.77
C CYS D 311 -29.84 -3.47 -9.47
N ALA D 312 -29.61 -3.47 -10.79
CA ALA D 312 -29.81 -4.63 -11.68
C ALA D 312 -28.59 -4.93 -12.53
N PHE D 313 -28.22 -6.21 -12.62
CA PHE D 313 -27.06 -6.66 -13.40
C PHE D 313 -27.52 -7.66 -14.46
N GLY D 314 -26.55 -8.16 -15.24
CA GLY D 314 -26.84 -9.17 -16.23
C GLY D 314 -25.85 -10.32 -16.13
N MET D 315 -26.28 -11.48 -16.64
CA MET D 315 -25.41 -12.66 -16.57
C MET D 315 -24.14 -12.42 -17.39
N ASP D 316 -24.28 -11.74 -18.53
CA ASP D 316 -23.16 -11.35 -19.36
C ASP D 316 -22.13 -10.57 -18.55
N ASP D 317 -22.60 -9.53 -17.85
CA ASP D 317 -21.72 -8.66 -17.08
C ASP D 317 -21.15 -9.38 -15.86
N ILE D 318 -21.82 -10.42 -15.37
CA ILE D 318 -21.23 -11.23 -14.30
C ILE D 318 -20.09 -12.07 -14.85
N GLU D 319 -20.32 -12.70 -16.01
CA GLU D 319 -19.32 -13.57 -16.62
C GLU D 319 -18.09 -12.79 -17.05
N LYS D 320 -18.30 -11.59 -17.61
CA LYS D 320 -17.20 -10.77 -18.08
C LYS D 320 -16.19 -10.49 -16.98
N VAL D 321 -16.69 -10.19 -15.78
CA VAL D 321 -15.82 -9.94 -14.63
C VAL D 321 -14.89 -11.12 -14.38
N PHE D 322 -15.39 -12.35 -14.49
CA PHE D 322 -14.59 -13.48 -14.03
C PHE D 322 -13.45 -13.85 -14.97
N LYS D 323 -13.50 -13.44 -16.24
CA LYS D 323 -12.38 -13.63 -17.15
C LYS D 323 -11.40 -12.47 -17.07
N GLY D 324 -11.74 -11.45 -16.27
CA GLY D 324 -10.96 -10.26 -16.09
C GLY D 324 -9.83 -10.59 -15.12
N ARG D 325 -9.23 -9.55 -14.56
CA ARG D 325 -7.97 -9.78 -13.85
C ARG D 325 -8.25 -10.05 -12.38
N PHE D 326 -7.37 -10.82 -11.77
CA PHE D 326 -7.56 -11.24 -10.39
C PHE D 326 -7.04 -10.14 -9.46
N LYS D 327 -7.41 -10.26 -8.20
CA LYS D 327 -7.08 -9.25 -7.20
C LYS D 327 -6.08 -9.85 -6.22
N GLU D 328 -5.02 -9.11 -5.92
CA GLU D 328 -4.01 -9.60 -5.01
C GLU D 328 -3.64 -8.49 -4.05
N GLN D 329 -3.21 -8.90 -2.87
CA GLN D 329 -2.62 -8.01 -1.88
C GLN D 329 -1.12 -8.31 -1.89
N LYS D 330 -0.37 -7.46 -2.58
CA LYS D 330 1.07 -7.66 -2.74
C LYS D 330 1.72 -7.88 -1.38
N THR D 331 1.60 -6.90 -0.50
CA THR D 331 2.16 -6.98 0.83
C THR D 331 1.04 -6.72 1.83
N PRO D 332 1.14 -7.29 3.03
CA PRO D 332 0.13 -7.06 4.09
C PRO D 332 -0.42 -5.64 4.14
N ASP D 333 0.47 -4.66 4.20
CA ASP D 333 0.07 -3.25 4.26
C ASP D 333 0.25 -2.61 2.88
N SER D 334 -0.57 -3.10 1.96
CA SER D 334 -0.69 -2.50 0.63
C SER D 334 -2.14 -2.65 0.17
N VAL D 335 -2.45 -2.00 -0.95
CA VAL D 335 -3.81 -1.92 -1.48
C VAL D 335 -4.03 -3.13 -2.38
N TRP D 336 -5.26 -3.65 -2.36
CA TRP D 336 -5.62 -4.71 -3.27
C TRP D 336 -5.46 -4.24 -4.70
N THR D 337 -4.60 -4.94 -5.43
CA THR D 337 -4.21 -4.59 -6.78
C THR D 337 -4.37 -5.78 -7.71
N ALA D 338 -4.26 -5.50 -9.00
CA ALA D 338 -4.50 -6.49 -10.03
C ALA D 338 -3.35 -7.50 -10.07
N VAL D 339 -3.67 -8.69 -10.56
CA VAL D 339 -2.64 -9.70 -10.79
C VAL D 339 -2.18 -9.53 -12.24
N PRO D 340 -0.87 -9.49 -12.46
CA PRO D 340 -0.34 -9.35 -13.82
C PRO D 340 -0.89 -10.43 -14.73
N GLU D 341 -1.09 -10.05 -16.00
CA GLU D 341 -1.69 -10.99 -16.94
C GLU D 341 -0.77 -12.18 -17.15
N ASP D 342 0.54 -11.97 -17.00
CA ASP D 342 1.54 -13.03 -17.14
C ASP D 342 1.53 -13.99 -15.96
N LYS D 343 1.04 -13.54 -14.80
CA LYS D 343 1.03 -14.35 -13.58
C LYS D 343 -0.23 -15.18 -13.43
N VAL D 344 -1.18 -15.08 -14.35
CA VAL D 344 -2.37 -15.89 -14.26
C VAL D 344 -1.92 -17.27 -14.74
N PRO D 345 -1.93 -18.29 -13.89
CA PRO D 345 -1.36 -19.57 -14.27
C PRO D 345 -2.29 -20.34 -15.20
N LYS D 346 -1.67 -21.13 -16.07
CA LYS D 346 -2.48 -21.96 -16.96
C LYS D 346 -2.73 -23.32 -16.32
N PRO D 347 -3.95 -23.87 -16.44
CA PRO D 347 -5.11 -23.31 -17.13
C PRO D 347 -5.87 -22.27 -16.32
N ARG D 348 -6.63 -21.43 -17.02
CA ARG D 348 -7.48 -20.38 -16.47
C ARG D 348 -8.14 -20.86 -15.18
N PRO D 349 -7.79 -20.30 -14.02
CA PRO D 349 -8.47 -20.72 -12.80
C PRO D 349 -9.94 -20.30 -12.86
N GLY D 350 -10.81 -21.18 -12.38
CA GLY D 350 -12.22 -20.90 -12.41
C GLY D 350 -12.89 -21.63 -13.56
N CYS D 351 -12.19 -21.70 -14.69
CA CYS D 351 -12.69 -22.45 -15.84
C CYS D 351 -12.95 -23.91 -15.45
N CYS D 352 -13.98 -24.49 -16.06
CA CYS D 352 -14.42 -25.84 -15.73
C CYS D 352 -13.72 -26.86 -16.60
N ALA D 353 -13.19 -27.92 -15.99
CA ALA D 353 -12.56 -29.01 -16.74
C ALA D 353 -13.47 -29.55 -17.83
N LYS D 354 -12.89 -29.69 -19.04
CA LYS D 354 -13.51 -30.21 -20.25
C LYS D 354 -14.18 -29.07 -21.01
N HIS D 355 -13.94 -27.84 -20.60
CA HIS D 355 -14.60 -26.69 -21.23
C HIS D 355 -13.66 -25.50 -21.39
N GLY D 356 -13.70 -24.91 -22.58
CA GLY D 356 -13.11 -23.63 -22.92
C GLY D 356 -11.60 -23.60 -22.85
N LEU D 357 -11.04 -23.12 -21.74
CA LEU D 357 -9.60 -22.91 -21.63
C LEU D 357 -8.95 -24.00 -20.81
N ALA D 358 -9.70 -25.07 -20.52
CA ALA D 358 -9.22 -26.25 -19.81
C ALA D 358 -9.73 -27.56 -20.42
N GLU D 359 -10.17 -27.58 -21.70
CA GLU D 359 -10.73 -28.82 -22.24
C GLU D 359 -9.74 -29.96 -22.31
N ALA D 360 -8.46 -29.74 -22.02
CA ALA D 360 -7.48 -30.82 -22.01
C ALA D 360 -7.34 -31.41 -20.62
N TYR D 361 -8.44 -31.43 -19.87
CA TYR D 361 -8.50 -31.91 -18.49
C TYR D 361 -9.78 -32.67 -18.26
N LYS D 362 -9.63 -33.95 -17.91
CA LYS D 362 -10.76 -34.86 -17.80
C LYS D 362 -11.60 -34.55 -16.56
N THR D 363 -10.94 -34.15 -15.48
CA THR D 363 -11.59 -33.83 -14.21
C THR D 363 -10.86 -32.66 -13.57
N SER D 364 -11.44 -32.17 -12.47
CA SER D 364 -10.92 -31.02 -11.75
C SER D 364 -9.78 -31.40 -10.83
N ILE D 365 -9.47 -32.70 -10.73
CA ILE D 365 -8.36 -33.19 -9.92
C ILE D 365 -7.09 -33.24 -10.74
N ASP D 366 -7.21 -33.13 -12.07
CA ASP D 366 -6.12 -33.06 -13.02
C ASP D 366 -5.45 -31.69 -13.07
N PHE D 367 -5.98 -30.70 -12.36
CA PHE D 367 -5.44 -29.35 -12.47
C PHE D 367 -4.07 -29.24 -11.82
N PRO D 368 -3.16 -28.45 -12.39
CA PRO D 368 -1.83 -28.28 -11.82
C PRO D 368 -1.89 -27.69 -10.41
N ASP D 369 -0.85 -27.96 -9.64
CA ASP D 369 -0.73 -27.38 -8.31
C ASP D 369 -0.70 -25.86 -8.35
N ASP D 370 -0.16 -25.25 -9.42
CA ASP D 370 -0.03 -23.80 -9.40
C ASP D 370 -1.36 -23.13 -9.71
N THR D 371 -2.19 -23.81 -10.51
CA THR D 371 -3.53 -23.32 -10.79
C THR D 371 -4.40 -23.48 -9.56
N LEU D 372 -4.19 -24.56 -8.82
CA LEU D 372 -5.02 -24.80 -7.64
C LEU D 372 -4.61 -23.85 -6.53
N SER D 373 -3.32 -23.75 -6.25
CA SER D 373 -2.81 -22.94 -5.14
C SER D 373 -2.84 -21.46 -5.48
N PHE D 374 -3.24 -21.11 -6.71
CA PHE D 374 -3.48 -19.72 -7.04
C PHE D 374 -4.90 -19.32 -6.62
N ILE D 375 -5.88 -20.18 -6.89
CA ILE D 375 -7.26 -19.85 -6.56
C ILE D 375 -7.47 -19.91 -5.05
N LYS D 376 -6.59 -20.59 -4.30
CA LYS D 376 -6.78 -20.66 -2.86
C LYS D 376 -6.31 -19.39 -2.16
N SER D 377 -5.53 -18.54 -2.85
CA SER D 377 -5.02 -17.33 -2.23
C SER D 377 -5.25 -16.12 -3.12
N HIS D 378 -6.10 -16.24 -4.13
CA HIS D 378 -6.62 -15.13 -4.92
C HIS D 378 -8.03 -15.55 -5.34
N PRO D 379 -8.95 -15.83 -4.41
CA PRO D 379 -10.33 -16.16 -4.79
C PRO D 379 -11.18 -14.98 -5.22
N LEU D 380 -10.67 -13.76 -5.13
CA LEU D 380 -11.47 -12.56 -5.35
C LEU D 380 -11.00 -11.89 -6.63
N MET D 381 -11.91 -11.74 -7.58
CA MET D 381 -11.56 -11.06 -8.80
C MET D 381 -11.23 -9.60 -8.47
N ASP D 382 -10.62 -8.91 -9.44
CA ASP D 382 -10.38 -7.48 -9.27
C ASP D 382 -11.64 -6.69 -9.61
N SER D 383 -12.11 -6.81 -10.85
CA SER D 383 -13.17 -5.94 -11.32
C SER D 383 -14.41 -6.10 -10.45
N ALA D 384 -15.21 -5.04 -10.42
CA ALA D 384 -16.56 -5.05 -9.87
C ALA D 384 -17.57 -5.13 -11.00
N VAL D 385 -18.68 -5.81 -10.73
CA VAL D 385 -19.71 -5.97 -11.74
C VAL D 385 -20.49 -4.67 -11.93
N PRO D 386 -20.54 -4.16 -13.16
CA PRO D 386 -21.34 -2.96 -13.42
C PRO D 386 -22.79 -3.25 -13.29
N PRO D 387 -23.60 -2.30 -12.80
CA PRO D 387 -25.06 -2.38 -12.88
C PRO D 387 -25.52 -1.85 -14.22
N ILE D 388 -26.58 -2.45 -14.78
CA ILE D 388 -27.01 -1.96 -16.08
C ILE D 388 -27.41 -0.50 -15.91
N ALA D 389 -26.95 0.31 -16.85
CA ALA D 389 -27.30 1.71 -17.03
C ALA D 389 -26.80 2.52 -15.84
N ASP D 390 -25.54 2.25 -15.42
CA ASP D 390 -24.89 3.05 -14.38
C ASP D 390 -25.69 3.21 -13.08
N GLU D 391 -26.43 4.31 -12.94
CA GLU D 391 -27.12 4.57 -11.67
C GLU D 391 -28.23 3.55 -11.42
N PRO D 392 -28.67 3.43 -10.16
CA PRO D 392 -29.76 2.51 -9.82
C PRO D 392 -31.07 2.85 -10.52
N TRP D 393 -31.99 1.88 -10.47
CA TRP D 393 -33.29 2.06 -11.09
C TRP D 393 -34.29 2.80 -10.19
N PHE D 394 -34.06 2.84 -8.88
CA PHE D 394 -34.99 3.46 -7.95
C PHE D 394 -34.27 3.71 -6.63
N THR D 395 -34.57 4.83 -5.99
CA THR D 395 -33.94 5.19 -4.73
C THR D 395 -34.99 5.78 -3.79
N LYS D 396 -34.79 5.58 -2.49
CA LYS D 396 -35.78 6.08 -1.53
C LYS D 396 -34.96 6.28 -0.26
N THR D 397 -34.67 7.51 0.12
CA THR D 397 -33.52 7.81 0.99
C THR D 397 -33.93 8.68 2.18
N ARG D 398 -34.96 9.50 1.99
CA ARG D 398 -35.32 10.55 2.94
C ARG D 398 -36.14 10.01 4.11
N VAL D 399 -36.60 8.77 3.99
CA VAL D 399 -37.58 8.20 4.90
C VAL D 399 -36.85 7.38 5.95
N ARG D 400 -37.57 7.07 7.04
CA ARG D 400 -36.99 6.47 8.23
C ARG D 400 -36.72 4.98 8.09
N TYR D 401 -37.29 4.32 7.11
CA TYR D 401 -37.32 2.87 6.98
C TYR D 401 -36.47 2.38 5.82
N ARG D 402 -36.01 1.14 5.92
CA ARG D 402 -35.17 0.49 4.93
C ARG D 402 -35.99 -0.43 4.01
N LEU D 403 -35.44 -0.67 2.83
CA LEU D 403 -36.05 -1.58 1.86
C LEU D 403 -35.70 -3.04 2.13
N THR D 404 -36.58 -3.94 1.70
CA THR D 404 -36.36 -5.37 1.89
C THR D 404 -36.67 -6.20 0.65
N ALA D 405 -37.86 -6.82 0.68
CA ALA D 405 -38.28 -7.84 -0.29
C ALA D 405 -38.39 -7.30 -1.70
N ILE D 406 -38.02 -8.12 -2.69
CA ILE D 406 -38.18 -7.73 -4.09
C ILE D 406 -39.00 -8.78 -4.83
N GLU D 407 -39.78 -8.32 -5.82
CA GLU D 407 -40.49 -9.17 -6.74
C GLU D 407 -40.69 -8.40 -8.04
N VAL D 408 -40.75 -9.12 -9.16
CA VAL D 408 -40.71 -8.53 -10.49
C VAL D 408 -41.72 -9.23 -11.38
N ASP D 409 -42.36 -8.46 -12.26
CA ASP D 409 -43.23 -8.97 -13.31
C ASP D 409 -42.69 -8.50 -14.66
N ARG D 410 -42.13 -9.44 -15.43
CA ARG D 410 -41.37 -9.08 -16.62
C ARG D 410 -42.29 -8.68 -17.76
N SER D 411 -43.58 -8.96 -17.64
CA SER D 411 -44.51 -8.84 -18.74
C SER D 411 -45.75 -8.12 -18.26
N ALA D 412 -45.52 -7.04 -17.52
CA ALA D 412 -46.56 -6.17 -17.02
C ALA D 412 -47.05 -5.27 -18.15
N GLY D 413 -48.29 -4.82 -18.04
CA GLY D 413 -48.84 -3.93 -19.03
C GLY D 413 -49.65 -4.67 -20.07
N PRO D 414 -50.63 -3.98 -20.66
CA PRO D 414 -51.48 -4.65 -21.65
C PRO D 414 -50.73 -5.30 -22.80
N TYR D 415 -49.49 -4.87 -23.07
CA TYR D 415 -48.71 -5.40 -24.17
C TYR D 415 -47.54 -6.25 -23.68
N GLN D 416 -47.35 -6.29 -22.37
CA GLN D 416 -46.39 -7.12 -21.65
C GLN D 416 -44.95 -6.73 -21.99
N ASN D 417 -44.70 -5.43 -22.10
CA ASN D 417 -43.41 -4.89 -22.52
C ASN D 417 -43.05 -3.82 -21.51
N TYR D 418 -43.38 -4.04 -20.24
CA TYR D 418 -43.10 -3.06 -19.21
C TYR D 418 -42.71 -3.81 -17.96
N THR D 419 -41.66 -3.34 -17.28
CA THR D 419 -41.11 -4.04 -16.12
C THR D 419 -41.60 -3.38 -14.84
N VAL D 420 -42.52 -4.04 -14.13
CA VAL D 420 -43.06 -3.51 -12.89
C VAL D 420 -42.48 -4.30 -11.73
N ILE D 421 -41.81 -3.59 -10.82
CA ILE D 421 -41.08 -4.18 -9.70
C ILE D 421 -41.85 -3.90 -8.43
N PHE D 422 -41.99 -4.92 -7.58
CA PHE D 422 -42.70 -4.79 -6.32
C PHE D 422 -41.69 -4.99 -5.20
N VAL D 423 -41.59 -4.04 -4.27
CA VAL D 423 -40.57 -4.08 -3.23
C VAL D 423 -41.17 -3.92 -1.84
N GLY D 424 -40.64 -4.69 -0.88
CA GLY D 424 -41.08 -4.63 0.51
C GLY D 424 -40.35 -3.56 1.31
N SER D 425 -40.68 -3.51 2.61
CA SER D 425 -40.16 -2.50 3.52
C SER D 425 -40.08 -3.06 4.93
N GLU D 426 -39.48 -2.27 5.82
CA GLU D 426 -39.34 -2.64 7.22
C GLU D 426 -40.57 -2.19 8.00
N ALA D 427 -41.11 -1.02 7.67
CA ALA D 427 -42.27 -0.45 8.36
C ALA D 427 -43.56 -0.80 7.66
N GLY D 428 -43.62 -2.02 7.13
CA GLY D 428 -44.81 -2.61 6.55
C GLY D 428 -45.39 -1.92 5.34
N VAL D 429 -44.59 -1.15 4.60
CA VAL D 429 -45.04 -0.45 3.41
C VAL D 429 -44.52 -1.20 2.18
N VAL D 430 -45.30 -1.23 1.10
CA VAL D 430 -44.84 -1.89 -0.11
C VAL D 430 -44.99 -0.92 -1.28
N LEU D 431 -43.94 -0.79 -2.08
CA LEU D 431 -43.92 0.12 -3.22
C LEU D 431 -43.99 -0.66 -4.54
N LYS D 432 -44.87 -0.21 -5.42
CA LYS D 432 -45.04 -0.77 -6.75
C LYS D 432 -44.49 0.25 -7.76
N VAL D 433 -43.43 -0.13 -8.47
CA VAL D 433 -42.64 0.78 -9.27
C VAL D 433 -42.55 0.28 -10.71
N LEU D 434 -42.95 1.12 -11.66
CA LEU D 434 -42.68 0.88 -13.08
C LEU D 434 -41.26 1.34 -13.40
N ALA D 435 -40.40 0.37 -13.72
CA ALA D 435 -38.97 0.61 -13.87
C ALA D 435 -38.63 1.04 -15.29
N LYS D 436 -37.81 2.08 -15.39
CA LYS D 436 -37.22 2.46 -16.68
C LYS D 436 -35.97 1.62 -16.92
N THR D 437 -36.06 0.70 -17.87
CA THR D 437 -35.03 -0.31 -18.10
C THR D 437 -34.14 0.09 -19.27
N SER D 438 -34.73 0.25 -20.43
CA SER D 438 -34.06 0.63 -21.66
C SER D 438 -34.06 2.14 -21.81
N PRO D 439 -33.23 2.70 -22.71
CA PRO D 439 -33.36 4.14 -23.00
C PRO D 439 -34.72 4.55 -23.56
N PHE D 440 -35.21 3.87 -24.61
CA PHE D 440 -36.43 4.29 -25.29
C PHE D 440 -37.69 3.77 -24.59
N SER D 441 -37.85 4.14 -23.32
CA SER D 441 -38.97 3.62 -22.54
C SER D 441 -39.69 4.67 -21.69
N LEU D 442 -38.99 5.65 -21.12
CA LEU D 442 -39.59 6.68 -20.26
C LEU D 442 -38.52 7.72 -20.01
N ASN D 443 -38.85 8.71 -19.18
CA ASN D 443 -37.80 9.64 -18.77
C ASN D 443 -37.04 9.08 -17.58
N ASP D 444 -37.74 8.54 -16.57
CA ASP D 444 -37.10 7.81 -15.49
C ASP D 444 -38.13 6.91 -14.82
N SER D 445 -37.69 6.13 -13.84
CA SER D 445 -38.61 5.29 -13.09
C SER D 445 -39.52 6.16 -12.21
N VAL D 446 -40.81 5.79 -12.19
CA VAL D 446 -41.92 6.46 -11.48
C VAL D 446 -42.54 5.56 -10.41
N LEU D 447 -42.60 6.06 -9.18
CA LEU D 447 -43.22 5.37 -8.04
C LEU D 447 -44.74 5.45 -8.11
N LEU D 448 -45.32 4.42 -8.72
CA LEU D 448 -46.74 4.26 -9.01
C LEU D 448 -47.60 4.37 -7.75
N GLU D 449 -47.48 3.41 -6.83
CA GLU D 449 -48.38 3.34 -5.69
C GLU D 449 -47.54 3.19 -4.42
N GLU D 450 -47.99 3.77 -3.32
CA GLU D 450 -47.47 3.41 -2.01
C GLU D 450 -48.56 2.75 -1.18
N ILE D 451 -48.40 1.47 -0.90
CA ILE D 451 -49.43 0.69 -0.21
C ILE D 451 -48.88 0.40 1.17
N GLU D 452 -49.54 0.90 2.21
CA GLU D 452 -49.23 0.36 3.52
C GLU D 452 -49.87 -1.04 3.52
N ALA D 453 -49.07 -2.07 3.78
CA ALA D 453 -49.54 -3.44 3.62
C ALA D 453 -49.56 -4.23 4.93
N TYR D 454 -49.39 -3.57 6.05
CA TYR D 454 -49.29 -4.24 7.34
C TYR D 454 -50.63 -4.08 8.03
N ASN D 455 -51.21 -5.19 8.49
CA ASN D 455 -52.54 -5.14 9.07
C ASN D 455 -52.39 -5.22 10.59
N PRO D 456 -52.36 -4.07 11.29
CA PRO D 456 -52.14 -4.07 12.75
C PRO D 456 -53.00 -5.05 13.52
N ALA D 457 -54.25 -5.24 13.08
CA ALA D 457 -55.18 -6.08 13.80
C ALA D 457 -54.80 -7.55 13.70
N LYS D 458 -54.50 -8.02 12.50
CA LYS D 458 -54.34 -9.44 12.23
C LYS D 458 -52.92 -9.97 12.36
N CYS D 459 -51.97 -9.20 12.90
CA CYS D 459 -50.59 -9.61 12.69
C CYS D 459 -49.82 -9.66 14.02
N SER D 460 -49.17 -8.56 14.42
CA SER D 460 -48.52 -8.52 15.74
C SER D 460 -49.56 -8.55 16.86
N ASP D 466 -43.14 -5.66 15.58
CA ASP D 466 -42.19 -5.79 14.48
C ASP D 466 -42.82 -6.33 13.19
N ARG D 467 -42.83 -5.48 12.16
CA ARG D 467 -43.65 -5.65 10.97
C ARG D 467 -42.74 -5.81 9.76
N LYS D 468 -41.78 -6.73 9.80
CA LYS D 468 -40.84 -6.85 8.69
C LYS D 468 -41.34 -7.76 7.59
N VAL D 469 -41.48 -7.18 6.38
CA VAL D 469 -41.71 -7.94 5.16
C VAL D 469 -40.49 -8.81 4.90
N VAL D 470 -40.70 -10.12 4.76
CA VAL D 470 -39.58 -11.02 4.60
C VAL D 470 -39.31 -11.35 3.12
N SER D 471 -40.32 -11.84 2.39
CA SER D 471 -40.17 -12.09 0.97
C SER D 471 -41.53 -11.88 0.28
N LEU D 472 -41.52 -11.99 -1.04
CA LEU D 472 -42.72 -11.93 -1.86
C LEU D 472 -42.68 -13.01 -2.92
N GLN D 473 -43.85 -13.25 -3.52
CA GLN D 473 -44.00 -14.26 -4.55
C GLN D 473 -45.14 -13.82 -5.47
N LEU D 474 -44.81 -13.63 -6.74
CA LEU D 474 -45.75 -13.16 -7.76
C LEU D 474 -46.70 -14.25 -8.21
N ASP D 475 -47.99 -14.01 -8.01
CA ASP D 475 -49.09 -14.82 -8.53
C ASP D 475 -49.71 -14.15 -9.76
N ARG D 476 -48.95 -14.17 -10.86
CA ARG D 476 -49.33 -13.49 -12.09
C ARG D 476 -50.61 -14.05 -12.70
N ASP D 477 -51.00 -15.27 -12.34
CA ASP D 477 -52.16 -15.95 -12.94
C ASP D 477 -53.47 -15.55 -12.26
N HIS D 478 -53.40 -14.78 -11.19
CA HIS D 478 -54.58 -14.32 -10.46
C HIS D 478 -54.45 -12.84 -10.15
N HIS D 479 -53.47 -12.18 -10.75
CA HIS D 479 -53.30 -10.72 -10.68
C HIS D 479 -53.09 -10.27 -9.24
N ALA D 480 -52.28 -11.03 -8.49
CA ALA D 480 -52.04 -10.75 -7.09
C ALA D 480 -50.54 -10.83 -6.73
N LEU D 481 -50.28 -10.53 -5.46
CA LEU D 481 -48.95 -10.56 -4.83
C LEU D 481 -49.13 -10.85 -3.35
N TYR D 482 -48.51 -11.93 -2.88
CA TYR D 482 -48.63 -12.33 -1.49
C TYR D 482 -47.47 -11.76 -0.68
N VAL D 483 -47.73 -10.62 -0.04
CA VAL D 483 -46.75 -10.01 0.86
C VAL D 483 -46.64 -10.84 2.13
N ALA D 484 -45.41 -11.07 2.56
CA ALA D 484 -45.09 -11.95 3.69
C ALA D 484 -44.57 -11.10 4.84
N PHE D 485 -45.09 -11.35 6.04
CA PHE D 485 -44.56 -10.73 7.25
C PHE D 485 -44.08 -11.81 8.21
N SER D 486 -43.74 -11.41 9.44
CA SER D 486 -43.14 -12.34 10.38
C SER D 486 -44.12 -13.24 11.11
N SER D 487 -45.42 -13.06 10.94
CA SER D 487 -46.40 -13.80 11.73
C SER D 487 -47.72 -13.80 10.98
N CYS D 488 -47.72 -13.21 9.79
CA CYS D 488 -48.91 -13.13 8.96
C CYS D 488 -48.47 -13.00 7.49
N VAL D 489 -49.38 -13.36 6.59
CA VAL D 489 -49.14 -13.22 5.15
C VAL D 489 -50.37 -12.61 4.49
N VAL D 490 -50.18 -11.54 3.74
CA VAL D 490 -51.28 -10.71 3.25
C VAL D 490 -51.36 -10.79 1.73
N ARG D 491 -52.55 -11.12 1.22
CA ARG D 491 -52.83 -11.26 -0.21
C ARG D 491 -53.23 -9.90 -0.76
N ILE D 492 -52.39 -9.31 -1.60
CA ILE D 492 -52.61 -7.96 -2.08
C ILE D 492 -52.83 -7.99 -3.59
N PRO D 493 -53.99 -7.56 -4.07
CA PRO D 493 -54.20 -7.37 -5.52
C PRO D 493 -53.17 -6.43 -6.13
N LEU D 494 -52.97 -6.59 -7.43
CA LEU D 494 -52.00 -5.78 -8.15
C LEU D 494 -52.55 -4.46 -8.61
N SER D 495 -53.83 -4.19 -8.37
CA SER D 495 -54.40 -2.93 -8.85
C SER D 495 -55.70 -2.64 -8.11
N ARG D 496 -55.72 -1.47 -7.49
CA ARG D 496 -56.92 -0.87 -6.90
C ARG D 496 -57.54 0.11 -7.89
N CYS D 497 -57.97 -0.42 -9.04
CA CYS D 497 -58.50 0.44 -10.09
C CYS D 497 -59.83 1.07 -9.67
N GLU D 498 -60.51 0.51 -8.65
CA GLU D 498 -61.77 1.04 -8.14
C GLU D 498 -61.61 2.36 -7.37
N ARG D 499 -60.43 2.61 -6.78
CA ARG D 499 -60.24 3.81 -5.96
C ARG D 499 -60.51 5.08 -6.76
N TYR D 500 -60.46 4.98 -8.08
CA TYR D 500 -60.60 6.08 -9.02
C TYR D 500 -61.95 5.99 -9.71
N GLY D 501 -62.24 4.83 -10.29
CA GLY D 501 -63.52 4.48 -10.88
C GLY D 501 -64.00 5.50 -11.88
N SER D 502 -64.89 6.40 -11.46
CA SER D 502 -65.50 7.34 -12.39
C SER D 502 -64.50 8.41 -12.82
N CYS D 503 -63.59 8.81 -11.93
CA CYS D 503 -62.69 9.92 -12.19
C CYS D 503 -61.59 9.58 -13.18
N LYS D 504 -61.88 9.82 -14.47
CA LYS D 504 -60.89 9.58 -15.54
C LYS D 504 -59.60 10.36 -15.30
N LYS D 505 -59.68 11.51 -14.64
CA LYS D 505 -58.46 12.28 -14.35
C LYS D 505 -57.56 11.41 -13.48
N SER D 506 -58.04 11.08 -12.29
CA SER D 506 -57.27 10.27 -11.34
C SER D 506 -56.76 9.00 -12.02
N CYS D 507 -57.61 8.34 -12.82
CA CYS D 507 -57.28 7.05 -13.44
C CYS D 507 -55.98 7.07 -14.22
N ILE D 508 -56.04 7.38 -15.52
CA ILE D 508 -54.87 7.33 -16.41
C ILE D 508 -53.74 8.26 -15.97
N ALA D 509 -53.97 9.13 -14.98
CA ALA D 509 -52.93 10.01 -14.46
C ALA D 509 -52.02 9.25 -13.51
N SER D 510 -52.45 8.06 -13.11
CA SER D 510 -51.70 7.17 -12.24
C SER D 510 -50.67 6.44 -13.09
N ARG D 511 -50.95 6.27 -14.38
CA ARG D 511 -50.07 5.60 -15.33
C ARG D 511 -49.81 4.15 -14.97
N ASP D 512 -50.74 3.55 -14.25
CA ASP D 512 -50.58 2.17 -13.84
C ASP D 512 -50.96 1.31 -15.05
N PRO D 513 -50.07 0.45 -15.54
CA PRO D 513 -50.42 -0.36 -16.72
C PRO D 513 -51.42 -1.45 -16.43
N TYR D 514 -51.65 -1.81 -15.17
CA TYR D 514 -52.65 -2.82 -14.82
C TYR D 514 -54.07 -2.26 -14.89
N CYS D 515 -54.23 -0.95 -14.82
CA CYS D 515 -55.51 -0.25 -14.91
C CYS D 515 -55.64 0.35 -16.30
N GLY D 516 -56.60 1.23 -16.46
CA GLY D 516 -56.84 1.86 -17.74
C GLY D 516 -58.24 2.43 -17.75
N TRP D 517 -58.60 2.98 -18.89
CA TRP D 517 -59.90 3.61 -19.04
C TRP D 517 -60.56 2.94 -20.23
N LEU D 518 -61.83 2.63 -20.08
CA LEU D 518 -62.62 1.95 -21.09
C LEU D 518 -63.61 2.93 -21.70
N SER D 519 -64.19 2.54 -22.82
CA SER D 519 -65.19 3.39 -23.43
C SER D 519 -66.48 3.34 -22.64
N GLN D 520 -66.65 2.34 -21.78
CA GLN D 520 -67.81 2.28 -20.89
C GLN D 520 -67.83 3.42 -19.87
N GLY D 521 -66.71 4.12 -19.70
CA GLY D 521 -66.66 5.28 -18.83
C GLY D 521 -66.39 4.92 -17.37
N VAL D 522 -65.55 3.91 -17.17
CA VAL D 522 -65.11 3.44 -15.85
C VAL D 522 -63.63 3.07 -15.92
N CYS D 523 -62.89 3.36 -14.84
CA CYS D 523 -61.52 2.87 -14.69
C CYS D 523 -61.47 1.41 -14.21
N GLU D 524 -61.03 0.52 -15.10
CA GLU D 524 -60.95 -0.92 -14.84
C GLU D 524 -59.54 -1.49 -15.05
N ARG D 525 -59.46 -2.68 -15.67
CA ARG D 525 -58.19 -3.29 -16.03
C ARG D 525 -58.08 -3.69 -17.49
N VAL D 526 -57.27 -4.70 -17.77
CA VAL D 526 -56.97 -5.15 -19.13
C VAL D 526 -57.26 -6.65 -19.27
N GLU D 536 -58.26 1.51 -23.39
CA GLU D 536 -57.56 2.72 -23.85
C GLU D 536 -56.80 3.31 -22.65
N GLN D 537 -55.49 3.54 -22.79
CA GLN D 537 -54.69 4.07 -21.70
C GLN D 537 -53.43 4.73 -22.26
N ASP D 538 -52.85 5.61 -21.45
CA ASP D 538 -51.58 6.25 -21.75
C ASP D 538 -50.65 6.21 -20.54
N THR D 539 -49.85 5.12 -20.46
CA THR D 539 -48.92 4.83 -19.36
C THR D 539 -47.54 5.45 -19.59
N GLU D 540 -47.23 5.90 -20.81
CA GLU D 540 -45.90 6.39 -21.13
C GLU D 540 -45.78 7.78 -20.52
N TYR D 541 -46.31 8.80 -21.17
CA TYR D 541 -46.18 10.15 -20.63
C TYR D 541 -47.20 10.43 -19.53
N GLY D 542 -48.47 10.13 -19.75
CA GLY D 542 -49.42 10.48 -18.71
C GLY D 542 -50.05 11.86 -18.77
N ASN D 543 -50.53 12.24 -19.95
CA ASN D 543 -50.95 13.61 -20.19
C ASN D 543 -52.26 13.92 -19.49
N THR D 544 -52.36 15.14 -18.96
CA THR D 544 -53.57 15.55 -18.27
C THR D 544 -54.42 16.37 -19.23
N ALA D 545 -54.11 16.26 -20.52
CA ALA D 545 -54.80 16.98 -21.57
C ALA D 545 -56.18 16.39 -21.79
N HIS D 546 -57.18 17.26 -21.91
CA HIS D 546 -58.56 16.89 -22.20
C HIS D 546 -59.19 16.12 -21.05
N LEU D 547 -58.65 16.27 -19.85
CA LEU D 547 -59.14 15.64 -18.64
C LEU D 547 -59.60 16.69 -17.63
N GLY D 548 -60.84 16.56 -17.15
CA GLY D 548 -61.42 17.57 -16.29
C GLY D 548 -60.87 17.59 -14.88
N ASP D 549 -61.73 17.72 -13.86
CA ASP D 549 -61.25 17.83 -12.48
C ASP D 549 -62.35 17.40 -11.51
N CYS D 550 -62.23 16.18 -11.00
CA CYS D 550 -63.17 15.64 -10.02
C CYS D 550 -63.05 16.40 -8.70
N HIS D 551 -64.00 17.29 -8.45
CA HIS D 551 -64.12 18.03 -7.20
C HIS D 551 -62.84 18.77 -6.83
C1 NAG E . 59.96 -42.00 79.04
C2 NAG E . 60.32 -43.38 78.45
C3 NAG E . 61.82 -43.69 78.67
C4 NAG E . 62.69 -42.55 78.16
C5 NAG E . 62.27 -41.26 78.85
C6 NAG E . 63.07 -40.05 78.40
C7 NAG E . 58.87 -45.35 78.30
C8 NAG E . 58.08 -46.37 79.07
N2 NAG E . 59.50 -44.43 79.03
O3 NAG E . 62.17 -44.90 78.01
O4 NAG E . 64.07 -42.82 78.42
O5 NAG E . 60.89 -40.99 78.56
O6 NAG E . 62.64 -39.59 77.12
O7 NAG E . 58.92 -45.36 77.08
C1 NAG E . 64.86 -42.86 77.20
C2 NAG E . 66.33 -42.53 77.55
C3 NAG E . 67.20 -42.60 76.29
C4 NAG E . 67.05 -43.97 75.62
C5 NAG E . 65.57 -44.25 75.35
C6 NAG E . 65.34 -45.63 74.79
C7 NAG E . 66.95 -41.02 79.38
C8 NAG E . 66.98 -39.59 79.85
N2 NAG E . 66.43 -41.21 78.16
O3 NAG E . 68.56 -42.39 76.64
O4 NAG E . 67.77 -43.99 74.40
O5 NAG E . 64.82 -44.17 76.57
O6 NAG E . 63.98 -46.04 74.93
O7 NAG E . 67.37 -41.94 80.06
C1 NAG F . -12.54 8.70 15.85
C2 NAG F . -11.44 7.63 15.77
C3 NAG F . -11.93 6.31 16.35
C4 NAG F . -12.44 6.53 17.78
C5 NAG F . -13.54 7.57 17.75
C6 NAG F . -14.11 7.87 19.12
C7 NAG F . -9.98 8.14 13.86
C8 NAG F . -9.65 7.83 12.44
N2 NAG F . -10.99 7.45 14.40
O3 NAG F . -10.88 5.35 16.34
O4 NAG F . -12.91 5.30 18.34
O5 NAG F . -13.04 8.81 17.22
O6 NAG F . -13.13 7.69 20.13
O7 NAG F . -9.37 9.01 14.50
C1 NAG F . -11.98 4.77 19.31
C2 NAG F . -12.59 3.52 19.99
C3 NAG F . -11.57 2.84 20.91
C4 NAG F . -10.24 2.62 20.20
C5 NAG F . -9.75 3.94 19.62
C6 NAG F . -8.45 3.81 18.87
C7 NAG F . -14.98 3.33 20.50
C8 NAG F . -16.10 3.82 21.38
N2 NAG F . -13.78 3.87 20.73
O3 NAG F . -12.08 1.58 21.34
O4 NAG F . -9.27 2.11 21.12
O5 NAG F . -10.73 4.43 18.69
O6 NAG F . -8.55 4.38 17.57
O7 NAG F . -15.17 2.48 19.64
C1 NAG G . -26.07 24.70 37.15
C2 NAG G . -25.76 23.37 37.83
C3 NAG G . -27.03 22.80 38.47
C4 NAG G . -27.72 23.84 39.34
C5 NAG G . -27.85 25.18 38.61
C6 NAG G . -28.32 26.30 39.50
C7 NAG G . -23.90 21.99 36.98
C8 NAG G . -23.48 21.00 35.94
N2 NAG G . -25.18 22.42 36.91
O3 NAG G . -26.69 21.66 39.25
O4 NAG G . -29.03 23.38 39.62
O5 NAG G . -26.59 25.60 38.08
O6 NAG G . -27.32 26.70 40.42
O7 NAG G . -23.13 22.41 37.83
C1 NAG G . -29.41 23.51 41.01
C2 NAG G . -30.78 22.83 41.18
C3 NAG G . -31.19 22.77 42.66
C4 NAG G . -30.06 22.24 43.53
C5 NAG G . -28.80 23.06 43.27
C6 NAG G . -27.60 22.61 44.08
C7 NAG G . -31.85 23.51 39.06
C8 NAG G . -32.97 24.30 38.45
N2 NAG G . -31.79 23.53 40.40
O3 NAG G . -32.33 21.94 42.79
O4 NAG G . -30.41 22.35 44.90
O5 NAG G . -28.45 22.92 41.89
O6 NAG G . -27.29 21.24 43.84
O7 NAG G . -31.04 22.89 38.38
C1 NAG H . -18.88 1.65 -10.87
C2 NAG H . -17.38 1.76 -11.26
C3 NAG H . -17.06 3.17 -11.78
C4 NAG H . -18.01 3.58 -12.90
C5 NAG H . -19.45 3.45 -12.41
C6 NAG H . -20.48 3.78 -13.46
C7 NAG H . -16.08 0.18 -9.92
C8 NAG H . -15.19 0.01 -8.72
N2 NAG H . -16.52 1.42 -10.14
O3 NAG H . -15.72 3.21 -12.24
O4 NAG H . -17.76 4.94 -13.26
O5 NAG H . -19.70 2.11 -11.97
O6 NAG H . -20.00 3.53 -14.78
O7 NAG H . -16.38 -0.76 -10.64
C1 NAG H . -17.21 5.16 -14.59
C2 NAG H . -16.98 6.67 -14.81
C3 NAG H . -16.35 6.93 -16.19
C4 NAG H . -15.09 6.09 -16.36
C5 NAG H . -15.42 4.62 -16.14
C6 NAG H . -14.20 3.72 -16.26
C7 NAG H . -18.27 8.74 -14.43
C8 NAG H . -19.65 9.33 -14.33
N2 NAG H . -18.22 7.42 -14.68
O3 NAG H . -16.03 8.31 -16.32
O4 NAG H . -14.56 6.29 -17.67
O5 NAG H . -15.95 4.44 -14.82
O6 NAG H . -13.29 4.22 -17.24
O7 NAG H . -17.26 9.41 -14.28
C1 NAG I . -44.73 -1.18 -25.54
C2 NAG I . -43.83 -0.16 -26.23
C3 NAG I . -44.65 1.09 -26.60
C4 NAG I . -45.87 0.70 -27.42
C5 NAG I . -46.66 -0.39 -26.69
C6 NAG I . -47.79 -0.96 -27.51
C7 NAG I . -41.44 -0.21 -25.65
C8 NAG I . -40.40 0.26 -24.69
N2 NAG I . -42.70 0.21 -25.41
O3 NAG I . -43.83 1.99 -27.33
O4 NAG I . -46.69 1.85 -27.63
O5 NAG I . -45.81 -1.50 -26.38
O6 NAG I . -47.32 -1.60 -28.69
O7 NAG I . -41.18 -0.94 -26.60
C1 NAG I . -47.21 1.84 -29.00
C2 NAG I . -48.13 3.08 -29.19
C3 NAG I . -48.64 3.15 -30.63
C4 NAG I . -47.49 3.01 -31.63
C5 NAG I . -46.65 1.79 -31.31
C6 NAG I . -45.46 1.63 -32.24
C7 NAG I . -49.28 3.62 -27.08
C8 NAG I . -50.54 3.45 -26.28
N2 NAG I . -49.26 3.01 -28.27
O3 NAG I . -49.32 4.37 -30.84
O4 NAG I . -47.99 2.92 -32.96
O5 NAG I . -46.14 1.89 -29.99
O6 NAG I . -44.24 1.88 -31.55
O7 NAG I . -48.34 4.30 -26.67
C1 NAG J . 45.15 31.49 -41.94
C2 NAG J . 46.53 30.89 -42.30
C3 NAG J . 47.64 31.67 -41.60
C4 NAG J . 47.53 33.15 -41.91
C5 NAG J . 46.14 33.65 -41.52
C6 NAG J . 45.93 35.11 -41.86
C7 NAG J . 46.22 28.50 -42.76
C8 NAG J . 46.45 27.11 -42.24
N2 NAG J . 46.62 29.48 -41.96
O3 NAG J . 48.90 31.18 -42.01
O4 NAG J . 48.51 33.87 -41.16
O5 NAG J . 45.14 32.90 -42.23
O6 NAG J . 47.10 35.88 -41.59
O7 NAG J . 45.70 28.70 -43.85
C1 NAG K . 32.74 13.69 -95.25
C2 NAG K . 31.47 12.87 -94.93
C3 NAG K . 30.32 13.27 -95.86
C4 NAG K . 30.09 14.77 -95.83
C5 NAG K . 31.39 15.48 -96.18
C6 NAG K . 31.27 16.99 -96.13
C7 NAG K . 32.37 10.74 -94.08
C8 NAG K . 32.51 9.28 -94.35
N2 NAG K . 31.72 11.45 -95.02
O3 NAG K . 29.13 12.58 -95.47
O4 NAG K . 29.08 15.13 -96.77
O5 NAG K . 32.41 15.11 -95.25
O6 NAG K . 31.49 17.47 -94.80
O7 NAG K . 32.81 11.26 -93.07
C1 NAG L . 26.08 -55.88 30.84
C2 NAG L . 27.46 -56.30 30.30
C3 NAG L . 27.35 -57.63 29.57
C4 NAG L . 26.68 -58.68 30.44
C5 NAG L . 25.33 -58.17 30.93
C6 NAG L . 24.65 -59.12 31.89
C7 NAG L . 29.28 -54.85 29.55
C8 NAG L . 29.71 -53.79 28.57
N2 NAG L . 28.02 -55.28 29.44
O3 NAG L . 28.64 -58.08 29.19
O4 NAG L . 26.49 -59.89 29.70
O5 NAG L . 25.52 -56.94 31.64
O6 NAG L . 25.37 -59.24 33.11
O7 NAG L . 30.04 -55.27 30.40
C1 NAG M . 42.14 -37.75 83.42
C2 NAG M . 41.44 -36.43 83.13
C3 NAG M . 40.70 -35.94 84.37
C4 NAG M . 39.71 -37.00 84.83
C5 NAG M . 40.41 -38.35 85.04
C6 NAG M . 39.43 -39.47 85.32
C7 NAG M . 42.70 -35.32 81.36
C8 NAG M . 43.63 -34.20 81.00
N2 NAG M . 42.35 -35.41 82.63
O3 NAG M . 40.01 -34.74 84.08
O4 NAG M . 39.08 -36.59 86.04
O5 NAG M . 41.17 -38.74 83.87
O6 NAG M . 38.59 -39.70 84.21
O7 NAG M . 42.30 -36.11 80.52
#